data_7REV
#
_entry.id   7REV
#
_cell.length_a   135.365
_cell.length_b   178.090
_cell.length_c   179.817
_cell.angle_alpha   90.000
_cell.angle_beta   90.000
_cell.angle_gamma   90.000
#
_symmetry.space_group_name_H-M   'I 2 2 2'
#
loop_
_entity.id
_entity.type
_entity.pdbx_description
1 polymer 'Chaetomium alpha glucosidase'
2 non-polymer (2R,3R,4R,5S)-1-[(4-{[4-(furan-2-yl)-2-methylanilino]methyl}phenyl)methyl]-2-(hydroxymethyl)piperidine-3,4,5-triol
3 non-polymer 'SULFATE ION'
4 non-polymer 2-[BIS-(2-HYDROXY-ETHYL)-AMINO]-2-HYDROXYMETHYL-PROPANE-1,3-DIOL
5 non-polymer GLYCEROL
6 non-polymer 2-acetamido-2-deoxy-beta-D-glucopyranose
7 water water
#
_entity_poly.entity_id   1
_entity_poly.type   'polypeptide(L)'
_entity_poly.pdbx_seq_one_letter_code
;MGILPSPGMPALLSLVSLLSVLLMGCVAETGVEGESILHSEIGRLNNQSLLWGPYRPNIYFGTRPRIGKSLMTGLMWGKI
ESYTDFQHTVRYTCEQNEGMKGYGWDEYDPRRGGIQSIHDIQNGLDITTSFVKIPGGAHGGSWAARIKGTLNDDAPKDQK
TIVVFYVSQEGENSELEAVPSENEFGYEGDVILKGRSEALGNYKLVVTKGKGVIPQSDHDLSRLRGPGQTVVQSLTYPDE
VLWQAKPILFQQLKAGIDWLVENKYDVADPPPPWQVYLLANKPGSGNVHIVQKVFEGDFEFDILFSSESAGKEVTSKDLE
REVKQATEVFGERFARVFDLKAPFQGDNYKKFGKSMFSNLIGGIGYFYGHSLVDRSYAPEYDEENEGFWEDAAEARARHQ
EALEGPYELFTSIPSRPFFPRGFLWDEGFHLLPIADWDIDLALEIIKSWYNLMDEDGWIAREQILGAEARSKVPKEFQTQ
YPHYANPPTLFLVLDNFVERLRKNNASQPVVKDNLSLDETLSTASVDNPEVGLEYLRRLYPLLRRQFDWFRKTQAGDIKS
YDREAYSTKEAYRWRGRTVSHCLTSGLDDYPRPQPPHPGELHVDLMSWVGVMVKSLISIGSLLGATEDVEFYTKVLDAIE
HNLDDLHWSEKEGCYCDATIDEFEEHKLVCHKGYISLFPFLTGLLKPDSPKLGKLLALIGDESELWSPYGLRSLSKKDEF
YGTAENYWRSPVWININYLAIVQLYNIATQDGPYKETARDLYTRLRKNIVETVYRNWEETGFAWEQYNPETGKGQRTQHF
TGWTSLVVKIMSGHHHHHH
;
_entity_poly.pdbx_strand_id   A,B
#
# COMPACT_ATOMS: atom_id res chain seq x y z
N LEU A 38 3.89 12.00 -33.10
CA LEU A 38 4.68 13.29 -32.94
C LEU A 38 4.62 13.77 -31.48
N HIS A 39 3.58 13.39 -30.74
CA HIS A 39 3.48 13.60 -29.30
C HIS A 39 4.69 12.96 -28.61
N SER A 40 5.08 11.76 -29.07
CA SER A 40 6.20 10.98 -28.54
C SER A 40 7.51 11.73 -28.74
N GLU A 41 7.64 12.38 -29.91
CA GLU A 41 8.79 13.19 -30.26
C GLU A 41 8.95 14.37 -29.30
N ILE A 42 7.84 15.09 -29.04
CA ILE A 42 7.77 16.20 -28.09
C ILE A 42 8.10 15.71 -26.67
N GLY A 43 7.56 14.54 -26.31
CA GLY A 43 7.85 13.93 -25.03
C GLY A 43 9.35 13.71 -24.81
N ARG A 44 10.02 13.13 -25.82
CA ARG A 44 11.42 12.78 -25.71
C ARG A 44 12.25 14.04 -25.50
N LEU A 45 11.89 15.11 -26.24
CA LEU A 45 12.59 16.37 -26.18
C LEU A 45 12.40 17.05 -24.82
N ASN A 46 11.20 16.90 -24.23
CA ASN A 46 10.92 17.49 -22.93
C ASN A 46 11.76 16.78 -21.87
N ASN A 47 11.82 15.44 -22.00
CA ASN A 47 12.61 14.62 -21.11
C ASN A 47 14.04 15.16 -21.04
N GLN A 48 14.66 15.31 -22.23
CA GLN A 48 16.07 15.61 -22.35
C GLN A 48 16.33 17.03 -21.87
N SER A 49 15.33 17.89 -22.07
CA SER A 49 15.46 19.30 -21.73
C SER A 49 15.44 19.48 -20.20
N LEU A 50 14.61 18.69 -19.50
CA LEU A 50 14.34 18.93 -18.08
C LEU A 50 15.20 18.04 -17.19
N LEU A 51 16.03 17.19 -17.78
CA LEU A 51 16.64 16.14 -17.01
C LEU A 51 17.48 16.69 -15.85
N TRP A 52 18.34 17.70 -16.12
CA TRP A 52 19.25 18.21 -15.12
C TRP A 52 18.69 19.50 -14.51
N GLY A 53 18.99 19.72 -13.22
CA GLY A 53 18.59 20.93 -12.53
C GLY A 53 19.19 20.99 -11.13
N PRO A 54 19.13 22.14 -10.45
CA PRO A 54 19.51 22.20 -9.04
C PRO A 54 18.26 21.81 -8.27
N TYR A 55 17.78 20.60 -8.55
CA TYR A 55 16.45 20.16 -8.16
C TYR A 55 16.51 19.63 -6.73
N ARG A 56 17.34 20.25 -5.88
CA ARG A 56 17.39 19.92 -4.46
C ARG A 56 17.07 21.18 -3.66
N PRO A 57 15.83 21.68 -3.73
CA PRO A 57 15.50 22.95 -3.09
C PRO A 57 15.58 22.89 -1.56
N ASN A 58 15.73 21.69 -0.97
CA ASN A 58 15.86 21.59 0.49
C ASN A 58 17.24 22.04 0.99
N ILE A 59 18.22 22.19 0.07
CA ILE A 59 19.54 22.71 0.46
C ILE A 59 19.85 23.97 -0.34
N TYR A 60 20.81 24.75 0.18
CA TYR A 60 21.18 26.03 -0.43
C TYR A 60 21.57 25.80 -1.88
N PHE A 61 22.46 24.86 -2.15
CA PHE A 61 22.84 24.62 -3.52
C PHE A 61 23.28 23.17 -3.73
N GLY A 62 22.68 22.56 -4.73
CA GLY A 62 22.92 21.17 -5.08
C GLY A 62 22.23 20.81 -6.37
N THR A 63 22.77 19.82 -7.08
CA THR A 63 22.17 19.34 -8.32
C THR A 63 21.81 17.85 -8.18
N ARG A 64 20.81 17.45 -8.97
CA ARG A 64 20.54 16.06 -9.25
C ARG A 64 19.78 16.00 -10.56
N PRO A 65 19.83 14.89 -11.33
CA PRO A 65 18.93 14.70 -12.48
C PRO A 65 17.61 14.08 -12.04
N ARG A 66 16.62 14.02 -12.96
CA ARG A 66 15.31 13.43 -12.66
C ARG A 66 15.39 11.92 -12.81
N ILE A 67 16.19 11.27 -11.96
CA ILE A 67 16.44 9.84 -11.95
C ILE A 67 16.61 9.44 -10.48
N GLY A 68 15.93 8.36 -10.08
CA GLY A 68 15.84 8.03 -8.67
C GLY A 68 17.22 7.80 -8.05
N LYS A 69 18.01 6.94 -8.70
CA LYS A 69 19.29 6.51 -8.15
C LYS A 69 20.40 6.94 -9.11
N SER A 70 21.03 8.08 -8.83
CA SER A 70 22.00 8.65 -9.74
C SER A 70 23.03 9.53 -9.01
N LEU A 71 23.61 10.49 -9.75
CA LEU A 71 24.65 11.39 -9.26
C LEU A 71 23.99 12.62 -8.63
N MET A 72 24.42 13.00 -7.41
CA MET A 72 23.91 14.20 -6.74
C MET A 72 25.10 15.04 -6.22
N THR A 73 24.92 16.36 -6.19
CA THR A 73 25.90 17.27 -5.63
C THR A 73 25.27 18.16 -4.55
N GLY A 74 26.09 18.63 -3.61
CA GLY A 74 25.65 19.60 -2.63
C GLY A 74 26.82 20.47 -2.16
N LEU A 75 26.50 21.70 -1.74
CA LEU A 75 27.51 22.67 -1.31
C LEU A 75 27.41 22.91 0.20
N MET A 76 28.57 23.06 0.85
CA MET A 76 28.63 23.42 2.25
C MET A 76 29.70 24.50 2.44
N TRP A 77 29.48 25.39 3.42
CA TRP A 77 30.47 26.40 3.77
C TRP A 77 30.25 26.83 5.20
N GLY A 78 31.33 27.31 5.83
CA GLY A 78 31.26 27.88 7.16
C GLY A 78 32.60 28.49 7.57
N LYS A 79 32.54 29.65 8.24
CA LYS A 79 33.73 30.24 8.82
C LYS A 79 34.24 29.30 9.91
N ILE A 80 35.55 29.36 10.14
CA ILE A 80 36.18 28.68 11.27
C ILE A 80 37.12 29.67 11.96
N GLU A 81 36.83 29.97 13.23
CA GLU A 81 37.57 30.96 14.00
C GLU A 81 38.18 30.31 15.24
N SER A 82 37.69 29.12 15.60
CA SER A 82 38.15 28.42 16.79
C SER A 82 38.24 26.92 16.52
N TYR A 83 38.48 26.16 17.59
CA TYR A 83 38.65 24.73 17.47
C TYR A 83 37.30 24.01 17.54
N THR A 84 36.20 24.74 17.81
CA THR A 84 34.93 24.04 17.99
C THR A 84 33.75 24.67 17.25
N ASP A 85 33.99 25.74 16.49
CA ASP A 85 32.89 26.57 16.00
C ASP A 85 32.32 26.06 14.66
N PHE A 86 33.11 25.27 13.89
CA PHE A 86 32.73 24.96 12.53
C PHE A 86 31.46 24.11 12.50
N GLN A 87 31.32 23.21 13.47
CA GLN A 87 30.11 22.42 13.62
C GLN A 87 28.87 23.32 13.78
N HIS A 88 29.04 24.56 14.25
CA HIS A 88 27.92 25.46 14.47
C HIS A 88 27.69 26.40 13.28
N THR A 89 28.74 26.66 12.51
CA THR A 89 28.65 27.71 11.50
C THR A 89 28.32 27.09 10.15
N VAL A 90 28.61 25.80 9.96
CA VAL A 90 28.49 25.19 8.65
C VAL A 90 27.05 25.26 8.12
N ARG A 91 26.91 25.52 6.83
CA ARG A 91 25.62 25.62 6.19
C ARG A 91 25.47 24.45 5.24
N TYR A 92 24.25 23.87 5.17
CA TYR A 92 23.94 22.85 4.17
C TYR A 92 22.45 22.86 3.83
N THR A 93 21.58 22.41 4.76
CA THR A 93 20.14 22.45 4.55
C THR A 93 19.61 23.88 4.80
N CYS A 94 18.58 24.26 4.03
CA CYS A 94 17.97 25.59 4.12
C CYS A 94 17.30 25.77 5.47
N GLU A 95 17.55 26.93 6.10
CA GLU A 95 16.85 27.34 7.32
C GLU A 95 16.44 28.80 7.17
N GLN A 96 15.70 29.32 8.15
CA GLN A 96 15.56 30.76 8.34
C GLN A 96 15.65 31.06 9.82
N ASN A 97 16.56 31.98 10.20
CA ASN A 97 16.82 32.37 11.58
C ASN A 97 17.54 33.71 11.59
N GLU A 98 18.00 34.13 12.79
CA GLU A 98 18.64 35.43 12.98
C GLU A 98 19.93 35.51 12.16
N GLY A 99 20.55 34.34 11.91
CA GLY A 99 21.90 34.22 11.37
C GLY A 99 21.96 34.35 9.84
N MET A 100 20.78 34.23 9.21
CA MET A 100 20.68 34.25 7.77
C MET A 100 19.79 35.41 7.37
N LYS A 101 20.34 36.38 6.63
CA LYS A 101 19.59 37.57 6.28
C LYS A 101 18.51 37.24 5.26
N GLY A 102 18.84 36.39 4.28
CA GLY A 102 17.96 36.15 3.15
C GLY A 102 18.65 35.30 2.09
N TYR A 103 17.84 34.69 1.20
CA TYR A 103 18.38 34.00 0.03
C TYR A 103 17.27 33.67 -0.94
N GLY A 104 17.65 33.50 -2.20
CA GLY A 104 16.72 33.07 -3.22
C GLY A 104 17.31 33.24 -4.62
N TRP A 105 16.53 32.80 -5.61
CA TRP A 105 16.88 32.90 -7.02
C TRP A 105 16.53 34.28 -7.53
N ASP A 106 17.49 34.98 -8.13
CA ASP A 106 17.25 36.29 -8.72
C ASP A 106 16.59 36.08 -10.09
N GLU A 107 17.00 35.00 -10.78
CA GLU A 107 16.43 34.60 -12.06
C GLU A 107 16.51 33.09 -12.15
N TYR A 108 15.51 32.45 -12.75
CA TYR A 108 15.55 31.01 -12.95
C TYR A 108 14.58 30.56 -14.04
N ASP A 109 15.07 29.66 -14.90
CA ASP A 109 14.25 28.83 -15.79
C ASP A 109 14.84 27.42 -15.76
N PRO A 110 14.03 26.38 -15.46
CA PRO A 110 14.54 25.03 -15.32
C PRO A 110 15.11 24.43 -16.61
N ARG A 111 14.89 25.08 -17.75
CA ARG A 111 15.46 24.64 -19.01
C ARG A 111 16.88 25.20 -19.23
N ARG A 112 17.19 26.33 -18.57
CA ARG A 112 18.40 27.09 -18.88
C ARG A 112 19.34 27.19 -17.68
N GLY A 113 18.76 27.45 -16.50
CA GLY A 113 19.49 27.64 -15.26
C GLY A 113 19.11 28.96 -14.61
N GLY A 114 19.96 29.45 -13.70
CA GLY A 114 19.65 30.66 -12.97
C GLY A 114 20.80 31.14 -12.09
N ILE A 115 20.57 32.26 -11.40
CA ILE A 115 21.49 32.83 -10.44
C ILE A 115 20.79 32.96 -9.08
N GLN A 116 21.45 32.45 -8.04
CA GLN A 116 20.94 32.51 -6.69
C GLN A 116 21.88 33.36 -5.85
N SER A 117 21.30 34.14 -4.89
CA SER A 117 22.01 34.97 -3.92
C SER A 117 21.73 34.48 -2.50
N ILE A 118 22.77 34.50 -1.67
CA ILE A 118 22.68 34.03 -0.32
C ILE A 118 23.38 35.04 0.61
N HIS A 119 22.62 35.57 1.56
CA HIS A 119 23.13 36.59 2.47
C HIS A 119 23.25 36.00 3.85
N ASP A 120 24.47 35.60 4.21
CA ASP A 120 24.74 34.91 5.47
C ASP A 120 25.42 35.88 6.43
N ILE A 121 24.72 36.24 7.51
CA ILE A 121 25.26 37.15 8.49
C ILE A 121 26.26 36.43 9.38
N GLN A 122 25.89 35.23 9.85
CA GLN A 122 26.69 34.51 10.83
C GLN A 122 28.09 34.29 10.27
N ASN A 123 28.15 33.95 8.97
CA ASN A 123 29.40 33.59 8.31
C ASN A 123 29.99 34.78 7.56
N GLY A 124 29.34 35.95 7.67
CA GLY A 124 29.77 37.22 7.09
C GLY A 124 30.00 37.13 5.59
N LEU A 125 29.15 36.37 4.88
CA LEU A 125 29.38 36.08 3.47
C LEU A 125 28.15 36.41 2.64
N ASP A 126 28.42 37.02 1.47
CA ASP A 126 27.45 37.13 0.40
C ASP A 126 27.84 36.16 -0.71
N ILE A 127 26.97 35.18 -0.96
CA ILE A 127 27.27 34.10 -1.90
C ILE A 127 26.36 34.15 -3.13
N THR A 128 26.98 33.90 -4.29
CA THR A 128 26.29 33.76 -5.56
C THR A 128 26.54 32.36 -6.09
N THR A 129 25.47 31.69 -6.50
CA THR A 129 25.61 30.41 -7.18
C THR A 129 24.91 30.51 -8.53
N SER A 130 25.71 30.44 -9.60
CA SER A 130 25.16 30.50 -10.95
C SER A 130 25.11 29.08 -11.49
N PHE A 131 24.00 28.72 -12.13
CA PHE A 131 23.92 27.38 -12.69
C PHE A 131 23.44 27.50 -14.13
N VAL A 132 24.11 26.76 -15.02
CA VAL A 132 23.71 26.81 -16.42
C VAL A 132 23.77 25.42 -17.05
N LYS A 133 22.88 25.19 -18.00
CA LYS A 133 22.74 23.90 -18.66
C LYS A 133 23.12 24.08 -20.12
N ILE A 134 23.77 23.05 -20.70
CA ILE A 134 24.25 23.11 -22.06
C ILE A 134 23.78 21.85 -22.78
N PRO A 135 22.76 21.96 -23.67
CA PRO A 135 22.25 20.79 -24.41
C PRO A 135 23.34 20.08 -25.22
N GLY A 136 23.18 18.76 -25.36
CA GLY A 136 23.99 17.99 -26.30
C GLY A 136 24.12 16.53 -25.86
N GLY A 137 24.32 15.65 -26.85
CA GLY A 137 24.52 14.23 -26.57
C GLY A 137 23.18 13.52 -26.36
N ALA A 138 23.22 12.40 -25.64
CA ALA A 138 22.04 11.55 -25.54
C ALA A 138 21.62 11.34 -24.10
N HIS A 139 22.17 12.11 -23.15
CA HIS A 139 21.96 11.81 -21.74
C HIS A 139 21.49 13.04 -20.95
N GLY A 140 20.91 14.01 -21.66
CA GLY A 140 20.37 15.18 -21.00
C GLY A 140 21.36 16.35 -20.99
N GLY A 141 22.53 16.17 -21.60
CA GLY A 141 23.44 17.28 -21.78
C GLY A 141 24.29 17.55 -20.55
N SER A 142 24.84 18.76 -20.50
CA SER A 142 25.90 19.14 -19.58
C SER A 142 25.44 20.31 -18.72
N TRP A 143 26.22 20.62 -17.67
CA TRP A 143 25.92 21.76 -16.84
C TRP A 143 27.20 22.30 -16.19
N ALA A 144 27.09 23.49 -15.58
CA ALA A 144 28.19 24.17 -14.91
C ALA A 144 27.64 25.13 -13.83
N ALA A 145 28.46 25.36 -12.80
CA ALA A 145 28.07 26.23 -11.71
C ALA A 145 29.26 27.11 -11.35
N ARG A 146 29.00 28.39 -11.08
CA ARG A 146 29.99 29.21 -10.41
C ARG A 146 29.56 29.48 -8.96
N ILE A 147 30.48 29.25 -8.01
CA ILE A 147 30.28 29.58 -6.62
C ILE A 147 31.15 30.80 -6.29
N LYS A 148 30.51 31.92 -5.94
CA LYS A 148 31.27 33.11 -5.62
C LYS A 148 30.92 33.58 -4.22
N GLY A 149 31.94 33.69 -3.37
CA GLY A 149 31.76 34.20 -2.02
C GLY A 149 32.51 35.52 -1.80
N THR A 150 31.81 36.51 -1.23
CA THR A 150 32.38 37.83 -0.94
C THR A 150 32.08 38.17 0.52
N LEU A 151 33.14 38.46 1.29
CA LEU A 151 32.96 38.90 2.69
C LEU A 151 32.14 40.19 2.72
N ASN A 152 31.19 40.29 3.67
CA ASN A 152 30.53 41.55 3.95
C ASN A 152 31.45 42.47 4.76
N ASP A 153 30.93 43.67 5.06
CA ASP A 153 31.73 44.75 5.62
C ASP A 153 32.07 44.46 7.09
N ASP A 154 31.27 43.62 7.75
CA ASP A 154 31.44 43.39 9.17
C ASP A 154 32.47 42.29 9.44
N ALA A 155 32.78 41.49 8.41
CA ALA A 155 33.61 40.31 8.60
C ALA A 155 35.08 40.73 8.74
N PRO A 156 35.89 40.06 9.59
CA PRO A 156 37.34 40.26 9.58
C PRO A 156 37.89 39.95 8.20
N LYS A 157 38.77 40.82 7.70
CA LYS A 157 39.23 40.78 6.32
C LYS A 157 39.94 39.47 6.02
N ASP A 158 40.44 38.83 7.08
CA ASP A 158 41.26 37.64 6.96
C ASP A 158 40.49 36.39 7.44
N GLN A 159 39.15 36.49 7.48
CA GLN A 159 38.33 35.35 7.87
C GLN A 159 38.73 34.12 7.05
N LYS A 160 38.82 32.97 7.74
CA LYS A 160 39.00 31.70 7.07
C LYS A 160 37.65 31.00 6.89
N THR A 161 37.37 30.60 5.65
CA THR A 161 36.10 29.99 5.27
C THR A 161 36.39 28.61 4.68
N ILE A 162 35.74 27.55 5.25
CA ILE A 162 35.82 26.20 4.72
C ILE A 162 34.74 26.02 3.66
N VAL A 163 35.10 25.56 2.46
CA VAL A 163 34.08 25.25 1.45
C VAL A 163 34.19 23.79 1.06
N VAL A 164 33.02 23.12 1.00
CA VAL A 164 32.99 21.71 0.63
C VAL A 164 32.06 21.53 -0.56
N PHE A 165 32.53 20.78 -1.57
CA PHE A 165 31.64 20.28 -2.60
C PHE A 165 31.54 18.75 -2.47
N TYR A 166 30.31 18.26 -2.26
CA TYR A 166 30.08 16.88 -1.84
C TYR A 166 29.36 16.17 -2.96
N VAL A 167 29.93 15.06 -3.43
CA VAL A 167 29.36 14.35 -4.56
C VAL A 167 29.13 12.90 -4.15
N SER A 168 27.91 12.42 -4.43
CA SER A 168 27.54 11.04 -4.16
C SER A 168 26.95 10.45 -5.44
N GLN A 169 27.05 9.11 -5.60
CA GLN A 169 26.35 8.43 -6.69
C GLN A 169 25.78 7.09 -6.22
N GLU A 170 24.47 6.94 -6.41
CA GLU A 170 23.77 5.70 -6.14
C GLU A 170 23.61 4.94 -7.46
N GLY A 171 23.48 3.61 -7.36
CA GLY A 171 23.45 2.71 -8.51
C GLY A 171 24.31 1.47 -8.28
N GLU A 172 23.86 0.31 -8.77
CA GLU A 172 24.63 -0.92 -8.58
C GLU A 172 25.79 -1.00 -9.56
N ASN A 173 25.54 -0.60 -10.82
CA ASN A 173 26.52 -0.75 -11.90
C ASN A 173 27.08 0.60 -12.30
N SER A 174 27.40 1.42 -11.30
CA SER A 174 27.90 2.75 -11.57
C SER A 174 29.28 2.90 -10.96
N GLU A 175 30.08 3.78 -11.56
CA GLU A 175 31.41 4.01 -11.02
C GLU A 175 31.70 5.51 -11.06
N LEU A 176 32.55 5.93 -10.12
CA LEU A 176 33.03 7.29 -10.02
C LEU A 176 34.38 7.28 -9.33
N GLU A 177 35.33 8.03 -9.88
CA GLU A 177 36.70 7.92 -9.43
C GLU A 177 37.36 9.29 -9.51
N ALA A 178 37.98 9.70 -8.40
CA ALA A 178 38.83 10.89 -8.36
C ALA A 178 40.20 10.61 -9.01
N VAL A 179 40.56 11.40 -10.02
CA VAL A 179 41.90 11.34 -10.60
C VAL A 179 42.88 11.91 -9.58
N PRO A 180 43.89 11.12 -9.15
CA PRO A 180 44.85 11.55 -8.13
C PRO A 180 45.69 12.77 -8.52
N SER A 181 46.24 13.45 -7.51
CA SER A 181 47.06 14.63 -7.71
C SER A 181 48.53 14.24 -7.91
N GLU A 182 49.26 15.09 -8.66
CA GLU A 182 50.71 15.05 -8.75
C GLU A 182 51.33 15.28 -7.37
N ASN A 183 50.90 16.36 -6.70
CA ASN A 183 51.52 16.87 -5.49
C ASN A 183 51.28 15.91 -4.32
N GLU A 184 52.05 16.12 -3.24
CA GLU A 184 52.17 15.09 -2.20
C GLU A 184 50.89 14.99 -1.37
N PHE A 185 50.21 16.12 -1.15
CA PHE A 185 49.31 16.26 -0.03
C PHE A 185 47.94 16.76 -0.47
N GLY A 186 47.70 16.83 -1.78
CA GLY A 186 46.51 17.46 -2.29
C GLY A 186 46.77 18.19 -3.60
N TYR A 187 45.86 19.09 -3.96
CA TYR A 187 45.75 19.56 -5.33
C TYR A 187 46.21 21.03 -5.40
N GLU A 188 47.04 21.33 -6.41
CA GLU A 188 47.39 22.70 -6.76
C GLU A 188 46.35 23.24 -7.73
N GLY A 189 45.78 22.36 -8.57
CA GLY A 189 44.87 22.79 -9.62
C GLY A 189 43.48 22.15 -9.50
N ASP A 190 42.95 21.66 -10.62
CA ASP A 190 41.59 21.18 -10.67
C ASP A 190 41.52 19.75 -10.15
N VAL A 191 40.38 19.43 -9.50
CA VAL A 191 40.00 18.08 -9.13
C VAL A 191 39.10 17.53 -10.23
N ILE A 192 39.46 16.36 -10.78
CA ILE A 192 38.72 15.76 -11.89
C ILE A 192 38.12 14.45 -11.37
N LEU A 193 36.78 14.32 -11.47
CA LEU A 193 36.15 13.04 -11.18
C LEU A 193 35.64 12.46 -12.49
N LYS A 194 35.97 11.17 -12.73
CA LYS A 194 35.52 10.43 -13.90
C LYS A 194 34.53 9.36 -13.46
N GLY A 195 33.33 9.39 -14.07
CA GLY A 195 32.28 8.46 -13.69
C GLY A 195 31.58 7.84 -14.89
N ARG A 196 30.73 6.84 -14.60
CA ARG A 196 29.93 6.15 -15.60
C ARG A 196 28.71 5.55 -14.91
N SER A 197 27.54 5.62 -15.59
CA SER A 197 26.36 4.85 -15.21
C SER A 197 25.52 4.56 -16.47
N GLU A 198 24.58 3.60 -16.37
CA GLU A 198 23.67 3.33 -17.49
C GLU A 198 22.83 4.58 -17.78
N ALA A 199 22.37 5.24 -16.71
CA ALA A 199 21.60 6.47 -16.81
C ALA A 199 22.39 7.60 -17.50
N LEU A 200 23.66 7.81 -17.09
CA LEU A 200 24.38 9.01 -17.50
C LEU A 200 25.39 8.74 -18.62
N GLY A 201 25.66 7.47 -18.94
CA GLY A 201 26.79 7.16 -19.79
C GLY A 201 28.07 7.61 -19.10
N ASN A 202 29.08 7.96 -19.91
CA ASN A 202 30.34 8.45 -19.35
C ASN A 202 30.21 9.95 -19.09
N TYR A 203 30.88 10.42 -18.04
CA TYR A 203 30.87 11.86 -17.76
C TYR A 203 32.10 12.23 -16.94
N LYS A 204 32.46 13.51 -16.99
CA LYS A 204 33.48 14.01 -16.10
C LYS A 204 32.97 15.26 -15.37
N LEU A 205 33.22 15.30 -14.06
CA LEU A 205 32.83 16.41 -13.21
C LEU A 205 34.10 17.04 -12.66
N VAL A 206 34.30 18.32 -12.94
CA VAL A 206 35.53 19.00 -12.55
C VAL A 206 35.22 20.09 -11.51
N VAL A 207 36.01 20.14 -10.42
CA VAL A 207 35.96 21.27 -9.50
C VAL A 207 37.24 22.09 -9.66
N THR A 208 37.10 23.28 -10.27
CA THR A 208 38.28 24.04 -10.66
C THR A 208 39.03 24.55 -9.44
N LYS A 209 40.28 24.92 -9.69
CA LYS A 209 41.21 25.46 -8.72
C LYS A 209 40.56 26.67 -8.02
N GLY A 210 39.97 27.56 -8.83
CA GLY A 210 39.33 28.76 -8.33
C GLY A 210 40.34 29.86 -7.97
N LYS A 211 39.81 31.04 -7.62
CA LYS A 211 40.57 32.23 -7.30
C LYS A 211 40.38 32.55 -5.80
N GLY A 212 41.46 32.93 -5.12
CA GLY A 212 41.41 33.42 -3.74
C GLY A 212 42.59 32.91 -2.91
N VAL A 213 42.90 33.60 -1.81
CA VAL A 213 44.03 33.27 -0.95
C VAL A 213 43.77 31.94 -0.22
N ILE A 214 44.71 31.00 -0.36
CA ILE A 214 44.76 29.76 0.42
C ILE A 214 45.69 29.95 1.63
N PRO A 215 45.20 29.96 2.88
CA PRO A 215 46.09 30.14 4.04
C PRO A 215 47.19 29.07 4.11
N GLN A 216 48.36 29.41 4.65
CA GLN A 216 49.46 28.48 4.72
C GLN A 216 49.90 28.34 6.18
N SER A 217 50.09 27.11 6.64
CA SER A 217 50.45 26.88 8.03
C SER A 217 51.95 26.66 8.16
N ASP A 218 52.54 27.24 9.21
CA ASP A 218 53.95 27.01 9.44
C ASP A 218 54.18 25.87 10.45
N HIS A 219 53.10 25.22 10.89
CA HIS A 219 53.22 24.19 11.91
C HIS A 219 53.95 22.96 11.36
N ASP A 220 54.52 22.20 12.30
CA ASP A 220 55.10 20.89 12.07
C ASP A 220 54.17 19.97 11.29
N LEU A 221 52.87 19.96 11.65
CA LEU A 221 51.89 19.11 11.00
C LEU A 221 51.98 19.21 9.47
N SER A 222 52.47 20.34 8.94
CA SER A 222 52.49 20.57 7.50
C SER A 222 53.44 19.62 6.79
N ARG A 223 54.42 19.10 7.55
CA ARG A 223 55.33 18.08 7.01
C ARG A 223 54.52 16.83 6.64
N LEU A 224 53.42 16.57 7.36
CA LEU A 224 52.67 15.34 7.11
C LEU A 224 51.35 15.63 6.41
N ARG A 225 50.81 16.85 6.52
CA ARG A 225 49.50 17.16 5.97
C ARG A 225 49.61 18.20 4.87
N GLY A 226 50.83 18.68 4.63
CA GLY A 226 51.00 19.80 3.71
C GLY A 226 50.72 21.14 4.41
N PRO A 227 51.12 22.28 3.79
CA PRO A 227 50.89 23.60 4.37
C PRO A 227 49.46 24.16 4.22
N GLY A 228 48.62 23.47 3.43
CA GLY A 228 47.29 23.96 3.09
C GLY A 228 47.05 23.94 1.58
N GLN A 229 46.06 23.14 1.16
CA GLN A 229 45.71 22.95 -0.25
C GLN A 229 44.33 22.30 -0.33
N THR A 230 43.74 22.32 -1.54
CA THR A 230 42.58 21.52 -1.88
C THR A 230 42.86 20.05 -1.58
N VAL A 231 41.87 19.36 -0.96
CA VAL A 231 41.96 17.93 -0.69
C VAL A 231 40.68 17.23 -1.15
N VAL A 232 40.77 15.91 -1.36
CA VAL A 232 39.68 15.05 -1.76
C VAL A 232 39.77 13.75 -0.95
N GLN A 233 38.63 13.32 -0.41
CA GLN A 233 38.45 11.99 0.15
C GLN A 233 37.37 11.28 -0.64
N SER A 234 37.69 10.07 -1.08
CA SER A 234 36.79 9.23 -1.85
C SER A 234 36.40 8.07 -0.94
N LEU A 235 35.09 7.94 -0.64
CA LEU A 235 34.61 7.02 0.38
C LEU A 235 33.54 6.14 -0.24
N THR A 236 33.16 5.06 0.45
CA THR A 236 31.99 4.28 0.06
CA THR A 236 31.95 4.34 0.07
C THR A 236 31.14 3.96 1.30
N TYR A 237 29.82 4.11 1.16
CA TYR A 237 28.87 3.73 2.19
C TYR A 237 27.71 3.04 1.49
N PRO A 238 26.84 2.30 2.22
CA PRO A 238 25.60 1.79 1.61
C PRO A 238 24.79 2.92 1.02
N ASP A 239 24.24 2.69 -0.18
CA ASP A 239 23.59 3.70 -1.01
C ASP A 239 22.56 4.51 -0.23
N GLU A 240 21.87 3.87 0.71
CA GLU A 240 20.71 4.51 1.28
C GLU A 240 21.13 5.60 2.27
N VAL A 241 22.43 5.76 2.53
CA VAL A 241 22.82 6.80 3.49
C VAL A 241 23.58 7.95 2.81
N LEU A 242 23.81 7.86 1.50
CA LEU A 242 24.63 8.83 0.79
C LEU A 242 24.10 10.26 0.97
N TRP A 243 22.78 10.42 1.14
CA TRP A 243 22.19 11.74 1.29
C TRP A 243 22.64 12.41 2.61
N GLN A 244 23.20 11.64 3.55
CA GLN A 244 23.47 12.20 4.87
C GLN A 244 24.86 12.86 4.88
N ALA A 245 24.98 13.96 4.15
CA ALA A 245 26.28 14.54 3.81
C ALA A 245 26.95 15.17 5.04
N LYS A 246 26.19 15.91 5.84
CA LYS A 246 26.74 16.59 6.99
C LYS A 246 27.33 15.56 7.97
N PRO A 247 26.58 14.52 8.37
CA PRO A 247 27.12 13.48 9.26
C PRO A 247 28.34 12.78 8.64
N ILE A 248 28.28 12.53 7.33
CA ILE A 248 29.36 11.82 6.66
C ILE A 248 30.62 12.68 6.73
N LEU A 249 30.47 13.99 6.45
CA LEU A 249 31.59 14.91 6.50
C LEU A 249 32.16 14.95 7.93
N PHE A 250 31.30 15.15 8.93
CA PHE A 250 31.81 15.33 10.28
C PHE A 250 32.49 14.06 10.79
N GLN A 251 32.06 12.92 10.24
CA GLN A 251 32.67 11.67 10.65
C GLN A 251 34.14 11.68 10.24
N GLN A 252 34.42 12.13 9.00
CA GLN A 252 35.77 12.24 8.46
C GLN A 252 36.59 13.27 9.25
N LEU A 253 35.99 14.43 9.58
CA LEU A 253 36.70 15.46 10.35
C LEU A 253 37.11 14.89 11.71
N LYS A 254 36.19 14.14 12.32
CA LYS A 254 36.43 13.59 13.65
C LYS A 254 37.56 12.56 13.58
N ALA A 255 37.61 11.77 12.51
CA ALA A 255 38.68 10.79 12.33
C ALA A 255 40.03 11.50 12.23
N GLY A 256 40.07 12.60 11.42
CA GLY A 256 41.21 13.51 11.32
C GLY A 256 41.70 14.02 12.68
N ILE A 257 40.79 14.55 13.50
CA ILE A 257 41.15 15.07 14.82
C ILE A 257 41.68 13.93 15.71
N ASP A 258 41.07 12.75 15.64
CA ASP A 258 41.51 11.61 16.45
C ASP A 258 42.95 11.25 16.11
N TRP A 259 43.27 11.30 14.81
CA TRP A 259 44.62 11.06 14.32
C TRP A 259 45.58 12.06 14.95
N LEU A 260 45.24 13.36 14.97
CA LEU A 260 46.10 14.34 15.59
C LEU A 260 46.47 13.93 17.02
N VAL A 261 45.45 13.60 17.83
CA VAL A 261 45.61 13.33 19.26
C VAL A 261 46.52 12.11 19.42
N GLU A 262 46.30 11.10 18.57
CA GLU A 262 47.03 9.84 18.60
C GLU A 262 48.51 10.10 18.26
N ASN A 263 48.78 11.08 17.40
CA ASN A 263 50.12 11.33 16.91
C ASN A 263 50.75 12.54 17.60
N LYS A 264 50.33 12.81 18.85
CA LYS A 264 51.01 13.73 19.76
C LYS A 264 50.88 15.21 19.34
N TYR A 265 49.89 15.56 18.51
CA TYR A 265 49.57 16.98 18.34
C TYR A 265 48.58 17.38 19.42
N ASP A 266 49.01 18.31 20.30
CA ASP A 266 48.32 18.61 21.54
C ASP A 266 48.31 20.12 21.81
N VAL A 267 47.78 20.51 22.99
CA VAL A 267 47.51 21.90 23.32
C VAL A 267 48.78 22.60 23.77
N ALA A 268 49.90 21.87 23.85
CA ALA A 268 51.17 22.51 24.17
C ALA A 268 51.67 23.34 22.98
N ASP A 269 51.18 23.01 21.76
CA ASP A 269 51.55 23.70 20.51
C ASP A 269 50.60 23.24 19.39
N PRO A 270 49.34 23.72 19.35
CA PRO A 270 48.35 23.18 18.41
C PRO A 270 48.49 23.73 16.99
N PRO A 271 48.17 22.95 15.94
CA PRO A 271 48.06 23.50 14.59
C PRO A 271 46.94 24.54 14.59
N PRO A 272 46.89 25.49 13.62
CA PRO A 272 45.73 26.36 13.46
C PRO A 272 44.39 25.64 13.21
N PRO A 273 43.26 26.21 13.71
CA PRO A 273 41.96 25.54 13.64
C PRO A 273 41.67 25.02 12.24
N TRP A 274 41.95 25.88 11.26
CA TRP A 274 41.63 25.60 9.89
C TRP A 274 42.47 24.44 9.35
N GLN A 275 43.66 24.20 9.93
CA GLN A 275 44.44 23.05 9.49
C GLN A 275 43.94 21.80 10.23
N VAL A 276 43.44 22.02 11.44
CA VAL A 276 42.90 20.91 12.20
C VAL A 276 41.70 20.33 11.47
N TYR A 277 40.95 21.19 10.76
CA TYR A 277 39.73 20.76 10.08
C TYR A 277 39.95 20.57 8.57
N LEU A 278 41.21 20.53 8.13
CA LEU A 278 41.48 20.21 6.73
C LEU A 278 41.70 18.70 6.62
N LEU A 279 40.84 18.03 5.83
CA LEU A 279 40.89 16.57 5.71
C LEU A 279 42.26 16.16 5.16
N ALA A 280 42.79 15.01 5.60
CA ALA A 280 43.95 14.42 4.92
C ALA A 280 43.51 13.96 3.52
N ASN A 281 44.34 14.27 2.51
CA ASN A 281 44.02 13.95 1.12
C ASN A 281 44.07 12.43 0.92
N LYS A 282 42.99 11.82 0.36
CA LYS A 282 42.96 10.41 0.01
C LYS A 282 41.97 10.14 -1.13
N PRO A 283 42.25 10.59 -2.37
CA PRO A 283 41.30 10.40 -3.47
C PRO A 283 41.34 8.96 -3.97
N GLY A 284 40.27 8.55 -4.66
CA GLY A 284 40.20 7.20 -5.17
C GLY A 284 38.87 6.97 -5.86
N SER A 285 38.45 5.69 -5.92
CA SER A 285 37.09 5.41 -6.32
C SER A 285 36.23 5.22 -5.09
N GLY A 286 34.92 5.44 -5.28
CA GLY A 286 33.92 5.26 -4.25
C GLY A 286 32.61 5.91 -4.66
N ASN A 287 31.59 5.82 -3.78
CA ASN A 287 30.29 6.39 -4.13
C ASN A 287 30.07 7.73 -3.41
N VAL A 288 31.07 8.17 -2.62
CA VAL A 288 31.08 9.50 -2.04
C VAL A 288 32.45 10.17 -2.30
N HIS A 289 32.43 11.41 -2.82
CA HIS A 289 33.66 12.21 -2.92
C HIS A 289 33.48 13.57 -2.24
N ILE A 290 34.36 13.85 -1.26
CA ILE A 290 34.37 15.13 -0.56
C ILE A 290 35.53 15.97 -1.12
N VAL A 291 35.19 17.08 -1.76
CA VAL A 291 36.20 18.04 -2.17
C VAL A 291 36.17 19.23 -1.20
N GLN A 292 37.32 19.50 -0.55
CA GLN A 292 37.38 20.54 0.47
C GLN A 292 38.45 21.58 0.11
N LYS A 293 38.09 22.88 0.18
CA LYS A 293 39.01 24.02 0.07
C LYS A 293 38.84 24.94 1.27
N VAL A 294 39.93 25.60 1.65
CA VAL A 294 39.91 26.65 2.64
C VAL A 294 40.36 27.96 1.97
N PHE A 295 39.57 29.01 2.12
CA PHE A 295 39.92 30.32 1.59
C PHE A 295 40.08 31.32 2.73
N GLU A 296 40.95 32.32 2.52
CA GLU A 296 41.08 33.46 3.40
C GLU A 296 40.69 34.71 2.61
N GLY A 297 39.60 35.38 3.03
CA GLY A 297 38.99 36.43 2.23
C GLY A 297 38.04 35.88 1.16
N ASP A 298 37.77 36.71 0.15
CA ASP A 298 36.85 36.43 -0.95
C ASP A 298 37.33 35.23 -1.77
N PHE A 299 36.38 34.50 -2.39
CA PHE A 299 36.78 33.38 -3.21
C PHE A 299 35.77 33.13 -4.31
N GLU A 300 36.15 32.25 -5.26
CA GLU A 300 35.18 31.70 -6.20
C GLU A 300 35.77 30.44 -6.81
N PHE A 301 34.91 29.57 -7.35
CA PHE A 301 35.35 28.38 -8.06
C PHE A 301 34.20 27.80 -8.92
N ASP A 302 34.54 26.90 -9.85
CA ASP A 302 33.55 26.42 -10.81
C ASP A 302 33.40 24.91 -10.69
N ILE A 303 32.21 24.42 -11.03
CA ILE A 303 31.96 23.00 -11.20
C ILE A 303 31.51 22.78 -12.63
N LEU A 304 32.23 21.89 -13.32
CA LEU A 304 32.01 21.58 -14.72
C LEU A 304 31.60 20.12 -14.88
N PHE A 305 30.34 19.90 -15.29
CA PHE A 305 29.88 18.57 -15.60
C PHE A 305 29.82 18.43 -17.12
N SER A 306 30.69 17.58 -17.67
CA SER A 306 30.75 17.32 -19.11
C SER A 306 30.23 15.92 -19.41
N SER A 307 29.10 15.86 -20.12
CA SER A 307 28.57 14.61 -20.64
C SER A 307 29.43 14.15 -21.80
N GLU A 308 29.95 12.91 -21.72
CA GLU A 308 30.90 12.48 -22.74
C GLU A 308 30.21 12.36 -24.10
N SER A 309 28.95 11.92 -24.10
CA SER A 309 28.21 11.69 -25.33
C SER A 309 27.89 13.00 -26.06
N ALA A 310 28.34 14.14 -25.52
CA ALA A 310 28.08 15.45 -26.10
C ALA A 310 29.31 15.92 -26.88
N GLY A 311 29.40 17.22 -27.17
CA GLY A 311 30.57 17.79 -27.84
C GLY A 311 31.89 17.57 -27.08
N LYS A 312 32.77 18.59 -27.10
CA LYS A 312 33.96 18.64 -26.26
C LYS A 312 33.53 19.01 -24.83
N GLU A 313 34.50 19.03 -23.90
CA GLU A 313 34.16 19.21 -22.50
C GLU A 313 33.83 20.68 -22.23
N VAL A 314 33.00 20.94 -21.21
CA VAL A 314 32.57 22.28 -20.81
C VAL A 314 33.72 23.02 -20.13
N THR A 315 33.86 24.32 -20.43
CA THR A 315 34.96 25.10 -19.86
C THR A 315 34.38 26.21 -18.99
N SER A 316 35.25 26.87 -18.22
CA SER A 316 34.85 28.07 -17.50
C SER A 316 34.36 29.17 -18.45
N LYS A 317 35.00 29.29 -19.63
CA LYS A 317 34.62 30.28 -20.63
C LYS A 317 33.20 29.98 -21.14
N ASP A 318 32.88 28.67 -21.28
CA ASP A 318 31.55 28.27 -21.69
C ASP A 318 30.54 28.76 -20.65
N LEU A 319 30.89 28.55 -19.37
CA LEU A 319 30.05 28.87 -18.23
C LEU A 319 29.65 30.34 -18.32
N GLU A 320 30.66 31.21 -18.51
CA GLU A 320 30.48 32.66 -18.41
C GLU A 320 29.54 33.11 -19.53
N ARG A 321 29.73 32.53 -20.72
CA ARG A 321 29.02 32.96 -21.90
C ARG A 321 27.57 32.49 -21.81
N GLU A 322 27.39 31.26 -21.32
CA GLU A 322 26.06 30.70 -21.23
C GLU A 322 25.26 31.36 -20.10
N VAL A 323 25.93 31.78 -19.02
CA VAL A 323 25.25 32.53 -17.96
C VAL A 323 24.72 33.86 -18.51
N LYS A 324 25.56 34.59 -19.25
CA LYS A 324 25.16 35.84 -19.87
C LYS A 324 23.93 35.62 -20.76
N GLN A 325 23.96 34.55 -21.57
CA GLN A 325 22.91 34.21 -22.51
C GLN A 325 21.59 33.91 -21.79
N ALA A 326 21.65 33.15 -20.68
CA ALA A 326 20.44 32.76 -19.96
C ALA A 326 19.70 33.98 -19.38
N THR A 327 20.47 34.98 -18.89
CA THR A 327 19.96 36.23 -18.34
C THR A 327 19.20 37.03 -19.41
N GLU A 328 19.76 37.12 -20.63
CA GLU A 328 19.15 37.85 -21.74
C GLU A 328 17.79 37.22 -22.06
N VAL A 329 17.75 35.89 -22.14
CA VAL A 329 16.55 35.14 -22.50
C VAL A 329 15.51 35.24 -21.40
N PHE A 330 15.94 35.19 -20.13
CA PHE A 330 15.02 35.33 -18.99
C PHE A 330 14.31 36.68 -19.08
N GLY A 331 15.11 37.75 -19.28
CA GLY A 331 14.65 39.13 -19.38
C GLY A 331 13.53 39.31 -20.42
N GLU A 332 13.78 38.79 -21.65
CA GLU A 332 12.85 38.93 -22.77
C GLU A 332 11.56 38.15 -22.51
N ARG A 333 11.66 36.94 -21.94
CA ARG A 333 10.45 36.17 -21.68
C ARG A 333 9.62 36.84 -20.57
N PHE A 334 10.29 37.34 -19.52
CA PHE A 334 9.58 37.96 -18.42
C PHE A 334 8.70 39.09 -18.94
N ALA A 335 9.24 39.92 -19.84
CA ALA A 335 8.57 41.10 -20.35
C ALA A 335 7.37 40.73 -21.23
N ARG A 336 7.44 39.60 -21.96
CA ARG A 336 6.31 39.10 -22.75
C ARG A 336 5.24 38.49 -21.84
N VAL A 337 5.66 37.55 -20.99
CA VAL A 337 4.73 36.74 -20.23
C VAL A 337 4.16 37.50 -19.03
N PHE A 338 4.99 38.29 -18.35
CA PHE A 338 4.53 38.99 -17.16
C PHE A 338 4.65 40.50 -17.37
N ASP A 339 3.79 41.01 -18.25
CA ASP A 339 3.71 42.43 -18.57
C ASP A 339 2.89 43.13 -17.50
N LEU A 340 3.59 43.81 -16.58
CA LEU A 340 2.95 44.33 -15.38
C LEU A 340 2.16 45.57 -15.74
N LYS A 341 0.86 45.57 -15.40
CA LYS A 341 -0.02 46.67 -15.75
C LYS A 341 -0.09 47.69 -14.61
N ALA A 342 -0.59 48.89 -14.93
CA ALA A 342 -0.64 49.98 -13.97
C ALA A 342 -1.40 49.56 -12.71
N PRO A 343 -1.07 50.11 -11.52
CA PRO A 343 0.04 51.06 -11.35
C PRO A 343 1.36 50.42 -10.95
N PHE A 344 1.65 49.24 -11.50
CA PHE A 344 2.80 48.49 -11.06
C PHE A 344 3.79 48.27 -12.19
N GLN A 345 3.94 49.26 -13.07
CA GLN A 345 4.73 49.05 -14.27
C GLN A 345 6.15 49.55 -14.03
N GLY A 346 6.37 50.22 -12.87
CA GLY A 346 7.67 50.76 -12.49
C GLY A 346 8.73 49.68 -12.28
N ASP A 347 10.01 50.09 -12.36
CA ASP A 347 11.17 49.21 -12.22
C ASP A 347 11.21 48.51 -10.86
N ASN A 348 10.67 49.15 -9.81
CA ASN A 348 10.69 48.54 -8.48
C ASN A 348 9.75 47.32 -8.46
N TYR A 349 8.56 47.45 -9.06
CA TYR A 349 7.57 46.37 -9.15
C TYR A 349 8.08 45.24 -10.05
N LYS A 350 8.92 45.59 -11.04
CA LYS A 350 9.48 44.59 -11.92
C LYS A 350 10.47 43.74 -11.14
N LYS A 351 11.34 44.39 -10.37
CA LYS A 351 12.35 43.67 -9.62
C LYS A 351 11.60 42.76 -8.64
N PHE A 352 10.56 43.30 -8.01
CA PHE A 352 9.74 42.56 -7.06
C PHE A 352 9.16 41.31 -7.74
N GLY A 353 8.62 41.50 -8.95
CA GLY A 353 7.94 40.44 -9.70
C GLY A 353 8.89 39.32 -10.15
N LYS A 354 10.08 39.73 -10.61
CA LYS A 354 11.13 38.79 -11.01
C LYS A 354 11.58 37.95 -9.81
N SER A 355 11.64 38.58 -8.62
CA SER A 355 12.09 37.86 -7.44
C SER A 355 11.03 36.86 -6.99
N MET A 356 9.77 37.29 -6.93
CA MET A 356 8.71 36.37 -6.55
C MET A 356 8.64 35.21 -7.55
N PHE A 357 8.83 35.49 -8.84
CA PHE A 357 8.55 34.43 -9.81
C PHE A 357 9.65 33.40 -9.74
N SER A 358 10.90 33.89 -9.70
CA SER A 358 12.10 33.05 -9.73
C SER A 358 12.15 32.14 -8.51
N ASN A 359 11.71 32.66 -7.34
CA ASN A 359 11.68 31.84 -6.13
C ASN A 359 10.67 30.70 -6.26
N LEU A 360 9.49 30.99 -6.80
CA LEU A 360 8.50 29.97 -7.11
C LEU A 360 9.08 28.92 -8.05
N ILE A 361 9.60 29.32 -9.20
CA ILE A 361 9.91 28.31 -10.19
C ILE A 361 11.23 27.66 -9.83
N GLY A 362 12.09 28.44 -9.18
CA GLY A 362 13.33 27.92 -8.61
C GLY A 362 13.12 26.88 -7.51
N GLY A 363 11.91 26.80 -6.96
CA GLY A 363 11.66 25.84 -5.88
C GLY A 363 11.43 24.41 -6.37
N ILE A 364 11.38 24.23 -7.71
CA ILE A 364 11.05 22.94 -8.30
C ILE A 364 12.07 21.90 -7.84
N GLY A 365 11.56 20.78 -7.35
CA GLY A 365 12.44 19.70 -6.93
C GLY A 365 12.06 18.39 -7.62
N TYR A 366 13.04 17.47 -7.67
CA TYR A 366 12.80 16.07 -7.95
C TYR A 366 13.00 15.26 -6.68
N PHE A 367 11.94 14.54 -6.26
CA PHE A 367 11.95 13.71 -5.05
C PHE A 367 11.71 12.24 -5.42
N TYR A 368 12.41 11.34 -4.71
CA TYR A 368 12.42 9.92 -5.00
C TYR A 368 12.50 9.09 -3.72
N GLY A 369 11.65 8.04 -3.63
CA GLY A 369 11.71 7.16 -2.48
C GLY A 369 10.32 6.69 -2.05
N HIS A 370 10.25 6.12 -0.84
CA HIS A 370 9.03 5.52 -0.34
C HIS A 370 8.21 6.57 0.39
N SER A 371 6.87 6.41 0.32
CA SER A 371 5.88 7.09 1.14
C SER A 371 5.50 6.22 2.34
N LEU A 372 5.13 6.87 3.44
CA LEU A 372 4.51 6.18 4.57
C LEU A 372 2.97 6.30 4.48
N VAL A 373 2.29 5.16 4.24
CA VAL A 373 0.84 5.10 4.04
C VAL A 373 0.20 4.06 4.96
N ASP A 374 -0.93 4.40 5.59
CA ASP A 374 -1.74 3.44 6.33
C ASP A 374 -2.71 2.78 5.35
N ARG A 375 -2.46 1.51 5.00
CA ARG A 375 -3.29 0.86 3.98
C ARG A 375 -4.29 -0.09 4.65
N SER A 376 -4.44 0.04 5.97
CA SER A 376 -5.42 -0.76 6.68
C SER A 376 -6.89 -0.54 6.22
N TYR A 377 -7.23 0.63 5.68
CA TYR A 377 -8.62 1.00 5.49
C TYR A 377 -9.46 0.59 6.73
N ALA A 378 -8.93 0.84 7.94
CA ALA A 378 -9.70 0.55 9.14
C ALA A 378 -11.12 1.10 8.99
N PRO A 379 -12.16 0.47 9.57
CA PRO A 379 -13.54 0.97 9.45
C PRO A 379 -13.79 2.24 10.26
N GLU A 380 -12.94 2.51 11.26
CA GLU A 380 -13.03 3.75 12.02
C GLU A 380 -12.84 4.96 11.11
N TYR A 381 -12.14 4.77 9.98
CA TYR A 381 -11.84 5.86 9.06
C TYR A 381 -13.07 6.26 8.25
N ASP A 382 -14.16 5.48 8.36
CA ASP A 382 -15.41 5.77 7.67
C ASP A 382 -16.11 6.97 8.32
N GLU A 383 -15.88 7.19 9.63
CA GLU A 383 -16.44 8.31 10.36
C GLU A 383 -17.97 8.36 10.21
N GLU A 384 -18.68 7.25 10.52
CA GLU A 384 -20.13 7.26 10.37
C GLU A 384 -20.79 7.47 11.72
N ASN A 385 -19.99 7.54 12.79
CA ASN A 385 -20.51 7.64 14.15
C ASN A 385 -20.29 9.03 14.71
N GLU A 386 -21.18 9.44 15.63
CA GLU A 386 -20.86 10.52 16.55
C GLU A 386 -19.56 10.18 17.29
N GLY A 387 -18.71 11.19 17.51
CA GLY A 387 -17.43 10.99 18.17
C GLY A 387 -16.41 10.24 17.29
N PHE A 388 -16.63 10.25 15.96
CA PHE A 388 -15.82 9.47 15.03
C PHE A 388 -14.31 9.75 15.22
N TRP A 389 -13.98 10.89 15.85
CA TRP A 389 -12.59 11.32 15.85
C TRP A 389 -11.80 10.54 16.90
N GLU A 390 -12.49 10.08 17.96
CA GLU A 390 -11.87 9.23 18.98
C GLU A 390 -11.61 7.82 18.41
N ASP A 391 -12.58 7.29 17.67
CA ASP A 391 -12.42 6.03 16.96
C ASP A 391 -11.24 6.13 16.00
N ALA A 392 -11.23 7.17 15.17
CA ALA A 392 -10.16 7.29 14.18
C ALA A 392 -8.78 7.30 14.85
N ALA A 393 -8.67 7.93 16.04
CA ALA A 393 -7.40 8.04 16.75
C ALA A 393 -6.96 6.68 17.29
N GLU A 394 -7.90 5.91 17.85
CA GLU A 394 -7.67 4.51 18.17
C GLU A 394 -7.13 3.73 16.97
N ALA A 395 -7.70 3.94 15.77
CA ALA A 395 -7.25 3.19 14.59
C ALA A 395 -5.82 3.58 14.21
N ARG A 396 -5.52 4.88 14.31
CA ARG A 396 -4.20 5.40 13.98
C ARG A 396 -3.16 4.83 14.95
N ALA A 397 -3.58 4.63 16.21
CA ALA A 397 -2.74 4.12 17.28
C ALA A 397 -2.50 2.62 17.13
N ARG A 398 -2.99 2.02 16.04
CA ARG A 398 -2.64 0.63 15.74
C ARG A 398 -1.35 0.58 14.91
N HIS A 399 -0.97 1.72 14.33
CA HIS A 399 0.26 1.88 13.56
C HIS A 399 0.41 0.76 12.53
N GLN A 400 -0.57 0.62 11.66
CA GLN A 400 -0.49 -0.36 10.60
C GLN A 400 0.26 0.21 9.39
N GLU A 401 0.66 1.48 9.47
CA GLU A 401 1.27 2.13 8.31
C GLU A 401 2.60 1.44 7.98
N ALA A 402 2.92 1.35 6.69
CA ALA A 402 4.20 0.81 6.25
C ALA A 402 4.71 1.64 5.07
N LEU A 403 6.01 1.56 4.77
CA LEU A 403 6.57 2.28 3.64
C LEU A 403 6.13 1.58 2.35
N GLU A 404 5.92 2.35 1.28
CA GLU A 404 5.56 1.78 0.00
C GLU A 404 6.15 2.63 -1.13
N GLY A 405 6.34 1.98 -2.29
CA GLY A 405 6.84 2.60 -3.51
C GLY A 405 7.96 1.76 -4.09
N PRO A 406 9.08 2.35 -4.56
CA PRO A 406 9.35 3.77 -4.36
C PRO A 406 8.53 4.58 -5.37
N TYR A 407 8.36 5.88 -5.10
CA TYR A 407 7.71 6.76 -6.06
C TYR A 407 8.67 7.89 -6.43
N GLU A 408 8.37 8.59 -7.53
CA GLU A 408 9.08 9.82 -7.85
C GLU A 408 8.07 10.97 -8.01
N LEU A 409 8.55 12.21 -7.81
CA LEU A 409 7.74 13.41 -8.03
C LEU A 409 8.62 14.59 -8.43
N PHE A 410 8.13 15.32 -9.43
CA PHE A 410 8.72 16.53 -9.95
C PHE A 410 7.70 17.65 -9.71
N THR A 411 7.99 18.56 -8.77
CA THR A 411 6.96 19.48 -8.29
C THR A 411 7.62 20.74 -7.74
N SER A 412 6.91 21.87 -7.81
CA SER A 412 7.31 23.01 -7.00
C SER A 412 6.85 22.80 -5.55
N ILE A 413 7.24 23.69 -4.63
CA ILE A 413 7.07 23.42 -3.21
C ILE A 413 6.61 24.69 -2.51
N PRO A 414 5.98 24.60 -1.32
CA PRO A 414 5.60 25.81 -0.59
C PRO A 414 6.78 26.63 -0.09
N SER A 415 7.84 25.96 0.35
CA SER A 415 8.87 26.67 1.12
C SER A 415 10.16 25.84 1.20
N ARG A 416 11.31 26.47 0.92
CA ARG A 416 12.56 25.73 1.02
C ARG A 416 12.87 25.39 2.47
N PRO A 417 12.92 26.36 3.42
CA PRO A 417 13.39 26.06 4.77
C PRO A 417 12.43 25.22 5.62
N PHE A 418 11.12 25.22 5.26
CA PHE A 418 10.13 24.59 6.12
C PHE A 418 9.35 23.49 5.40
N PHE A 419 8.94 23.71 4.14
CA PHE A 419 8.05 22.73 3.54
C PHE A 419 8.55 22.27 2.17
N PRO A 420 9.79 21.73 2.08
CA PRO A 420 10.37 21.38 0.78
C PRO A 420 9.89 20.02 0.29
N ARG A 421 8.61 19.96 -0.14
CA ARG A 421 8.01 18.72 -0.62
C ARG A 421 6.68 19.08 -1.31
N GLY A 422 6.04 18.11 -1.95
CA GLY A 422 4.83 18.39 -2.73
C GLY A 422 3.61 18.43 -1.84
N PHE A 423 2.82 19.51 -1.95
CA PHE A 423 1.49 19.55 -1.32
C PHE A 423 0.45 19.70 -2.42
N LEU A 424 -0.65 18.94 -2.31
CA LEU A 424 -1.55 18.75 -3.44
C LEU A 424 -2.28 20.04 -3.85
N TRP A 425 -3.00 20.70 -2.94
CA TRP A 425 -3.77 21.89 -3.37
C TRP A 425 -2.88 23.12 -3.56
N ASP A 426 -1.73 23.18 -2.85
CA ASP A 426 -0.74 24.23 -3.11
C ASP A 426 -0.27 24.19 -4.57
N GLU A 427 0.02 23.00 -5.10
CA GLU A 427 0.64 22.88 -6.41
C GLU A 427 -0.28 23.46 -7.48
N GLY A 428 -1.61 23.35 -7.28
CA GLY A 428 -2.61 24.03 -8.09
C GLY A 428 -2.31 25.53 -8.27
N PHE A 429 -1.97 26.21 -7.17
CA PHE A 429 -1.71 27.64 -7.23
C PHE A 429 -0.31 27.88 -7.78
N HIS A 430 0.68 27.07 -7.37
CA HIS A 430 2.02 27.24 -7.90
C HIS A 430 2.01 27.23 -9.43
N LEU A 431 1.17 26.37 -10.04
CA LEU A 431 1.34 26.14 -11.47
C LEU A 431 0.63 27.20 -12.30
N LEU A 432 -0.20 28.04 -11.67
CA LEU A 432 -0.86 29.06 -12.47
C LEU A 432 0.16 30.03 -13.09
N PRO A 433 1.15 30.57 -12.35
CA PRO A 433 2.15 31.44 -12.95
C PRO A 433 3.13 30.64 -13.78
N ILE A 434 3.45 29.44 -13.32
CA ILE A 434 4.43 28.63 -14.01
C ILE A 434 3.91 28.28 -15.41
N ALA A 435 2.59 28.07 -15.53
CA ALA A 435 1.97 27.69 -16.78
C ALA A 435 2.10 28.82 -17.79
N ASP A 436 2.02 30.06 -17.31
CA ASP A 436 2.15 31.18 -18.22
C ASP A 436 3.56 31.16 -18.79
N TRP A 437 4.53 30.89 -17.91
CA TRP A 437 5.92 30.90 -18.29
C TRP A 437 6.21 29.80 -19.31
N ASP A 438 5.66 28.61 -19.08
CA ASP A 438 6.11 27.39 -19.74
C ASP A 438 5.06 26.30 -19.55
N ILE A 439 4.02 26.32 -20.40
CA ILE A 439 2.89 25.41 -20.26
C ILE A 439 3.37 23.94 -20.28
N ASP A 440 4.40 23.65 -21.07
CA ASP A 440 4.90 22.29 -21.17
C ASP A 440 5.50 21.82 -19.85
N LEU A 441 6.18 22.74 -19.15
CA LEU A 441 6.74 22.39 -17.87
C LEU A 441 5.59 22.12 -16.90
N ALA A 442 4.52 22.92 -16.98
CA ALA A 442 3.38 22.73 -16.06
C ALA A 442 2.70 21.37 -16.30
N LEU A 443 2.60 20.96 -17.56
CA LEU A 443 1.89 19.71 -17.83
C LEU A 443 2.73 18.53 -17.37
N GLU A 444 4.05 18.67 -17.50
CA GLU A 444 4.98 17.72 -16.90
C GLU A 444 4.69 17.55 -15.39
N ILE A 445 4.52 18.66 -14.67
CA ILE A 445 4.38 18.55 -13.23
C ILE A 445 3.01 17.93 -12.90
N ILE A 446 2.00 18.26 -13.71
CA ILE A 446 0.67 17.68 -13.52
C ILE A 446 0.77 16.17 -13.71
N LYS A 447 1.45 15.76 -14.81
CA LYS A 447 1.59 14.34 -15.10
C LYS A 447 2.32 13.65 -13.93
N SER A 448 3.34 14.33 -13.40
CA SER A 448 4.11 13.78 -12.31
C SER A 448 3.18 13.49 -11.14
N TRP A 449 2.25 14.42 -10.88
CA TRP A 449 1.33 14.29 -9.75
C TRP A 449 0.34 13.16 -10.02
N TYR A 450 -0.22 13.12 -11.24
CA TYR A 450 -1.26 12.14 -11.52
C TYR A 450 -0.72 10.72 -11.54
N ASN A 451 0.59 10.55 -11.85
CA ASN A 451 1.21 9.23 -11.82
C ASN A 451 1.34 8.70 -10.39
N LEU A 452 0.95 9.50 -9.38
CA LEU A 452 1.02 9.02 -8.01
C LEU A 452 -0.32 8.43 -7.58
N MET A 453 -1.34 8.55 -8.45
CA MET A 453 -2.70 8.15 -8.08
C MET A 453 -2.81 6.62 -8.06
N ASP A 454 -3.36 6.09 -6.95
CA ASP A 454 -3.67 4.68 -6.77
C ASP A 454 -4.93 4.29 -7.55
N GLU A 455 -5.30 3.00 -7.52
CA GLU A 455 -6.30 2.46 -8.43
C GLU A 455 -7.70 2.93 -8.02
N ASP A 456 -7.83 3.36 -6.74
CA ASP A 456 -9.05 3.91 -6.17
C ASP A 456 -9.34 5.32 -6.69
N GLY A 457 -8.28 6.09 -7.04
CA GLY A 457 -8.41 7.51 -7.35
C GLY A 457 -7.83 8.47 -6.29
N TRP A 458 -7.09 7.94 -5.30
CA TRP A 458 -6.48 8.76 -4.26
C TRP A 458 -5.06 9.17 -4.64
N ILE A 459 -4.75 10.45 -4.38
CA ILE A 459 -3.39 10.98 -4.38
C ILE A 459 -3.17 11.55 -2.98
N ALA A 460 -2.14 11.11 -2.28
CA ALA A 460 -1.83 11.65 -0.96
C ALA A 460 -1.57 13.16 -1.05
N ARG A 461 -2.09 13.92 -0.08
CA ARG A 461 -2.13 15.37 -0.12
C ARG A 461 -0.75 15.94 0.17
N GLU A 462 0.12 15.12 0.77
CA GLU A 462 1.46 15.52 1.18
C GLU A 462 2.43 14.40 0.76
N GLN A 463 3.38 14.72 -0.12
CA GLN A 463 4.22 13.73 -0.76
C GLN A 463 5.64 13.83 -0.21
N ILE A 464 5.94 12.97 0.78
CA ILE A 464 7.22 12.89 1.45
C ILE A 464 7.94 11.65 0.90
N LEU A 465 8.76 11.82 -0.15
CA LEU A 465 9.35 10.67 -0.81
C LEU A 465 10.82 10.51 -0.40
N GLY A 466 11.11 9.43 0.35
CA GLY A 466 12.49 9.10 0.69
C GLY A 466 12.90 9.65 2.07
N ALA A 467 13.91 9.02 2.68
CA ALA A 467 14.47 9.36 3.98
C ALA A 467 14.94 10.82 4.03
N GLU A 468 15.55 11.32 2.94
CA GLU A 468 15.96 12.72 2.96
C GLU A 468 14.74 13.60 3.25
N ALA A 469 13.67 13.37 2.49
CA ALA A 469 12.47 14.20 2.59
C ALA A 469 11.86 14.07 3.97
N ARG A 470 11.90 12.84 4.50
CA ARG A 470 11.36 12.51 5.82
C ARG A 470 12.09 13.30 6.89
N SER A 471 13.39 13.58 6.69
CA SER A 471 14.26 14.07 7.75
C SER A 471 13.73 15.39 8.30
N LYS A 472 12.87 16.05 7.51
CA LYS A 472 12.44 17.41 7.80
C LYS A 472 11.04 17.45 8.42
N VAL A 473 10.37 16.29 8.50
CA VAL A 473 8.96 16.20 8.87
C VAL A 473 8.88 15.47 10.19
N PRO A 474 8.20 16.01 11.23
CA PRO A 474 8.12 15.30 12.52
C PRO A 474 7.24 14.05 12.33
N LYS A 475 7.62 12.96 13.03
CA LYS A 475 7.05 11.64 12.80
C LYS A 475 5.53 11.72 12.75
N GLU A 476 4.93 12.46 13.69
CA GLU A 476 3.49 12.62 13.83
C GLU A 476 2.83 12.97 12.51
N PHE A 477 3.60 13.59 11.60
CA PHE A 477 3.00 14.18 10.42
C PHE A 477 3.31 13.39 9.14
N GLN A 478 4.00 12.25 9.25
CA GLN A 478 4.48 11.56 8.04
C GLN A 478 3.42 10.67 7.38
N THR A 479 2.57 10.00 8.17
CA THR A 479 1.68 9.00 7.61
C THR A 479 0.59 9.65 6.77
N GLN A 480 0.43 9.13 5.55
CA GLN A 480 -0.67 9.52 4.68
C GLN A 480 -1.85 8.56 4.90
N TYR A 481 -3.07 9.07 4.74
CA TYR A 481 -4.28 8.31 4.95
C TYR A 481 -5.12 8.33 3.68
N PRO A 482 -5.50 7.16 3.11
CA PRO A 482 -6.18 7.13 1.81
C PRO A 482 -7.61 7.68 1.79
N HIS A 483 -8.11 8.11 2.95
CA HIS A 483 -9.43 8.75 3.01
C HIS A 483 -9.34 10.29 3.08
N TYR A 484 -8.12 10.84 3.17
CA TYR A 484 -7.89 12.29 3.25
C TYR A 484 -7.80 12.89 1.86
N ALA A 485 -8.72 13.80 1.56
CA ALA A 485 -8.69 14.52 0.30
C ALA A 485 -7.89 15.80 0.50
N ASN A 486 -7.78 16.58 -0.59
CA ASN A 486 -7.28 17.95 -0.58
C ASN A 486 -7.97 18.63 -1.76
N PRO A 487 -8.14 19.97 -1.78
CA PRO A 487 -8.80 20.62 -2.91
C PRO A 487 -8.16 20.32 -4.27
N PRO A 488 -8.97 19.99 -5.30
CA PRO A 488 -8.46 19.65 -6.64
C PRO A 488 -8.07 20.86 -7.49
N THR A 489 -7.14 21.66 -6.97
CA THR A 489 -6.76 22.92 -7.58
C THR A 489 -6.03 22.69 -8.89
N LEU A 490 -5.50 21.48 -9.08
CA LEU A 490 -4.75 21.26 -10.30
C LEU A 490 -5.68 21.35 -11.51
N PHE A 491 -7.00 21.23 -11.26
CA PHE A 491 -8.00 21.34 -12.31
C PHE A 491 -8.03 22.77 -12.86
N LEU A 492 -7.83 23.78 -12.00
CA LEU A 492 -7.75 25.16 -12.45
C LEU A 492 -6.69 25.32 -13.54
N VAL A 493 -5.52 24.67 -13.36
CA VAL A 493 -4.41 24.83 -14.29
C VAL A 493 -4.81 24.23 -15.63
N LEU A 494 -5.56 23.12 -15.54
CA LEU A 494 -6.05 22.37 -16.67
C LEU A 494 -7.04 23.20 -17.47
N ASP A 495 -7.88 24.00 -16.77
CA ASP A 495 -8.84 24.89 -17.41
C ASP A 495 -8.12 25.96 -18.22
N ASN A 496 -7.00 26.47 -17.70
CA ASN A 496 -6.22 27.50 -18.38
C ASN A 496 -5.59 26.92 -19.63
N PHE A 497 -5.12 25.67 -19.52
CA PHE A 497 -4.52 24.98 -20.64
C PHE A 497 -5.57 24.81 -21.75
N VAL A 498 -6.78 24.39 -21.35
CA VAL A 498 -7.85 24.09 -22.30
C VAL A 498 -8.22 25.34 -23.10
N GLU A 499 -8.33 26.50 -22.43
CA GLU A 499 -8.69 27.75 -23.11
C GLU A 499 -7.57 28.15 -24.09
N ARG A 500 -6.30 27.89 -23.71
CA ARG A 500 -5.18 28.21 -24.57
C ARG A 500 -5.17 27.30 -25.80
N LEU A 501 -5.57 26.03 -25.58
CA LEU A 501 -5.63 25.02 -26.61
C LEU A 501 -6.73 25.36 -27.62
N ARG A 502 -7.88 25.85 -27.11
CA ARG A 502 -9.00 26.27 -27.95
C ARG A 502 -8.60 27.49 -28.78
N LYS A 503 -8.13 28.56 -28.13
CA LYS A 503 -7.67 29.77 -28.79
C LYS A 503 -6.23 29.58 -29.30
N LEU A 517 15.14 26.36 -29.38
CA LEU A 517 14.38 25.08 -29.16
C LEU A 517 13.72 25.11 -27.78
N ASP A 518 14.37 25.74 -26.81
CA ASP A 518 13.80 25.92 -25.48
C ASP A 518 12.50 26.71 -25.58
N GLU A 519 12.52 27.76 -26.43
CA GLU A 519 11.36 28.59 -26.72
C GLU A 519 10.24 27.75 -27.32
N THR A 520 10.57 26.92 -28.34
CA THR A 520 9.62 26.04 -29.01
C THR A 520 9.00 25.06 -28.01
N LEU A 521 9.87 24.42 -27.22
CA LEU A 521 9.43 23.33 -26.34
C LEU A 521 8.47 23.87 -25.29
N SER A 522 8.73 25.08 -24.79
CA SER A 522 7.97 25.63 -23.68
C SER A 522 6.47 25.73 -23.99
N THR A 523 6.09 25.81 -25.28
CA THR A 523 4.67 25.92 -25.64
C THR A 523 4.23 24.87 -26.66
N ALA A 524 5.08 23.87 -26.92
CA ALA A 524 4.77 22.87 -27.95
C ALA A 524 3.35 22.33 -27.82
N SER A 525 2.84 22.23 -26.58
CA SER A 525 1.61 21.50 -26.31
C SER A 525 0.37 22.29 -26.67
N VAL A 526 0.50 23.60 -26.85
CA VAL A 526 -0.64 24.39 -27.29
C VAL A 526 -0.49 24.75 -28.78
N ASP A 527 0.76 24.79 -29.27
CA ASP A 527 1.04 25.22 -30.64
C ASP A 527 0.73 24.10 -31.63
N ASN A 528 0.85 22.86 -31.15
CA ASN A 528 0.51 21.67 -31.92
C ASN A 528 -0.73 21.04 -31.28
N PRO A 529 -1.96 21.34 -31.80
CA PRO A 529 -3.19 20.96 -31.11
C PRO A 529 -3.32 19.44 -30.99
N GLU A 530 -2.66 18.73 -31.91
CA GLU A 530 -2.61 17.27 -31.88
C GLU A 530 -1.95 16.80 -30.58
N VAL A 531 -0.86 17.45 -30.19
CA VAL A 531 -0.08 17.10 -29.00
C VAL A 531 -0.88 17.38 -27.73
N GLY A 532 -1.56 18.54 -27.68
CA GLY A 532 -2.38 18.91 -26.54
C GLY A 532 -3.50 17.90 -26.29
N LEU A 533 -4.18 17.49 -27.37
CA LEU A 533 -5.32 16.59 -27.27
C LEU A 533 -4.85 15.23 -26.78
N GLU A 534 -3.70 14.81 -27.28
CA GLU A 534 -3.13 13.52 -26.93
C GLU A 534 -2.85 13.49 -25.41
N TYR A 535 -2.31 14.59 -24.87
CA TYR A 535 -2.02 14.69 -23.45
C TYR A 535 -3.32 14.55 -22.65
N LEU A 536 -4.36 15.25 -23.12
CA LEU A 536 -5.66 15.20 -22.45
C LEU A 536 -6.23 13.79 -22.53
N ARG A 537 -6.13 13.16 -23.71
CA ARG A 537 -6.68 11.82 -23.92
C ARG A 537 -6.17 10.87 -22.84
N ARG A 538 -4.87 10.98 -22.50
CA ARG A 538 -4.21 10.06 -21.58
C ARG A 538 -4.52 10.41 -20.13
N LEU A 539 -4.62 11.72 -19.83
CA LEU A 539 -4.83 12.17 -18.47
C LEU A 539 -6.30 12.04 -18.08
N TYR A 540 -7.19 12.31 -19.04
CA TYR A 540 -8.65 12.35 -18.84
C TYR A 540 -9.16 11.21 -17.95
N PRO A 541 -8.89 9.91 -18.23
CA PRO A 541 -9.39 8.85 -17.36
C PRO A 541 -9.00 9.04 -15.89
N LEU A 542 -7.81 9.60 -15.64
CA LEU A 542 -7.34 9.71 -14.27
C LEU A 542 -8.12 10.82 -13.57
N LEU A 543 -8.44 11.86 -14.34
CA LEU A 543 -9.29 12.91 -13.82
C LEU A 543 -10.66 12.34 -13.44
N ARG A 544 -11.25 11.52 -14.33
CA ARG A 544 -12.55 10.91 -14.04
C ARG A 544 -12.43 10.03 -12.80
N ARG A 545 -11.32 9.30 -12.68
CA ARG A 545 -11.17 8.41 -11.53
C ARG A 545 -11.16 9.24 -10.25
N GLN A 546 -10.45 10.39 -10.26
CA GLN A 546 -10.39 11.22 -9.07
C GLN A 546 -11.78 11.77 -8.74
N PHE A 547 -12.54 12.17 -9.79
CA PHE A 547 -13.87 12.72 -9.60
C PHE A 547 -14.76 11.73 -8.86
N ASP A 548 -14.76 10.48 -9.35
CA ASP A 548 -15.54 9.39 -8.79
C ASP A 548 -15.06 9.10 -7.37
N TRP A 549 -13.74 9.21 -7.14
CA TRP A 549 -13.16 8.93 -5.82
C TRP A 549 -13.72 9.90 -4.79
N PHE A 550 -13.85 11.18 -5.20
CA PHE A 550 -14.39 12.23 -4.34
C PHE A 550 -15.80 11.89 -3.89
N ARG A 551 -16.63 11.44 -4.86
CA ARG A 551 -18.04 11.13 -4.66
C ARG A 551 -18.19 9.90 -3.78
N LYS A 552 -17.24 8.94 -3.88
CA LYS A 552 -17.32 7.74 -3.05
C LYS A 552 -16.83 8.00 -1.62
N THR A 553 -15.68 8.70 -1.45
CA THR A 553 -15.05 8.74 -0.13
C THR A 553 -15.46 9.98 0.68
N GLN A 554 -15.83 11.06 -0.03
CA GLN A 554 -16.18 12.32 0.62
C GLN A 554 -17.69 12.61 0.50
N ALA A 555 -18.50 11.55 0.32
CA ALA A 555 -19.97 11.65 0.28
C ALA A 555 -20.52 12.26 1.57
N GLY A 556 -21.44 13.23 1.43
CA GLY A 556 -22.27 13.61 2.55
C GLY A 556 -23.58 12.82 2.59
N ASP A 557 -24.34 13.03 3.68
CA ASP A 557 -25.53 12.23 3.96
C ASP A 557 -26.80 13.09 3.89
N ILE A 558 -27.49 13.04 2.73
CA ILE A 558 -28.82 13.64 2.58
C ILE A 558 -29.90 12.69 3.12
N LYS A 559 -29.93 11.44 2.62
CA LYS A 559 -31.12 10.60 2.65
C LYS A 559 -31.47 10.16 4.08
N SER A 560 -30.52 10.18 5.01
CA SER A 560 -30.73 9.56 6.30
C SER A 560 -31.30 10.55 7.32
N TYR A 561 -31.44 11.82 6.92
CA TYR A 561 -32.00 12.83 7.81
C TYR A 561 -33.23 13.48 7.16
N ASP A 562 -33.88 14.40 7.88
CA ASP A 562 -34.98 15.22 7.35
C ASP A 562 -34.42 16.36 6.48
N ARG A 563 -33.84 15.99 5.34
CA ARG A 563 -33.25 16.97 4.42
C ARG A 563 -33.98 16.84 3.09
N GLU A 564 -34.65 17.93 2.69
CA GLU A 564 -35.20 18.04 1.36
C GLU A 564 -34.27 18.92 0.54
N ALA A 565 -34.11 18.54 -0.73
CA ALA A 565 -33.29 19.25 -1.71
C ALA A 565 -33.58 18.67 -3.09
N TYR A 566 -33.18 19.42 -4.11
CA TYR A 566 -33.45 19.10 -5.50
C TYR A 566 -32.86 17.74 -5.88
N SER A 567 -31.65 17.43 -5.40
CA SER A 567 -30.99 16.17 -5.71
C SER A 567 -30.74 15.38 -4.45
N THR A 568 -30.80 14.04 -4.56
CA THR A 568 -30.60 13.16 -3.42
C THR A 568 -29.13 12.73 -3.33
N LYS A 569 -28.36 13.02 -4.39
CA LYS A 569 -26.97 12.58 -4.51
C LYS A 569 -25.99 13.64 -4.01
N GLU A 570 -26.15 14.92 -4.40
CA GLU A 570 -25.06 15.89 -4.31
C GLU A 570 -24.95 16.51 -2.91
N ALA A 571 -23.94 16.06 -2.14
CA ALA A 571 -23.69 16.52 -0.77
C ALA A 571 -22.34 15.97 -0.28
N TYR A 572 -21.53 16.78 0.41
CA TYR A 572 -20.14 16.39 0.63
C TYR A 572 -19.65 16.73 2.02
N ARG A 573 -18.76 15.88 2.54
CA ARG A 573 -18.17 16.10 3.84
C ARG A 573 -16.70 15.64 3.80
N TRP A 574 -15.76 16.59 3.99
CA TRP A 574 -14.34 16.30 4.25
C TRP A 574 -14.22 15.29 5.38
N ARG A 575 -13.57 14.17 5.07
CA ARG A 575 -13.12 13.25 6.10
C ARG A 575 -11.89 13.86 6.78
N GLY A 576 -11.71 13.49 8.05
CA GLY A 576 -10.46 13.73 8.74
C GLY A 576 -10.56 14.90 9.73
N ARG A 577 -11.78 15.33 10.06
CA ARG A 577 -11.85 16.48 10.94
C ARG A 577 -11.66 16.12 12.41
N THR A 578 -11.01 17.03 13.16
CA THR A 578 -10.93 16.89 14.61
C THR A 578 -11.75 18.01 15.25
N VAL A 579 -11.87 17.97 16.59
CA VAL A 579 -12.65 18.96 17.34
C VAL A 579 -12.30 20.36 16.81
N SER A 580 -11.01 20.61 16.58
CA SER A 580 -10.61 21.98 16.31
C SER A 580 -10.12 22.20 14.88
N HIS A 581 -10.03 21.14 14.07
CA HIS A 581 -9.37 21.28 12.78
C HIS A 581 -10.15 20.60 11.65
N CYS A 582 -9.86 21.03 10.41
CA CYS A 582 -10.15 20.27 9.20
C CYS A 582 -8.99 20.44 8.21
N LEU A 583 -7.88 19.72 8.48
CA LEU A 583 -6.64 19.89 7.74
C LEU A 583 -6.86 19.58 6.26
N THR A 584 -7.72 18.59 5.95
CA THR A 584 -7.87 18.13 4.57
C THR A 584 -8.45 19.23 3.66
N SER A 585 -9.25 20.15 4.23
CA SER A 585 -9.85 21.22 3.42
C SER A 585 -8.81 22.26 3.01
N GLY A 586 -7.66 22.32 3.71
CA GLY A 586 -6.63 23.31 3.42
C GLY A 586 -6.75 24.50 4.37
N LEU A 587 -7.93 24.68 4.97
CA LEU A 587 -8.15 25.81 5.84
C LEU A 587 -8.12 25.33 7.29
N ASP A 588 -6.90 25.05 7.74
CA ASP A 588 -6.62 24.27 8.93
C ASP A 588 -7.66 24.50 10.01
N ASP A 589 -7.81 25.75 10.50
CA ASP A 589 -8.52 25.97 11.76
C ASP A 589 -9.70 26.89 11.52
N TYR A 590 -10.14 26.97 10.27
CA TYR A 590 -11.32 27.76 9.99
C TYR A 590 -12.45 27.14 10.77
N PRO A 591 -13.27 27.95 11.47
CA PRO A 591 -14.33 27.42 12.34
C PRO A 591 -15.33 26.60 11.54
N ARG A 592 -15.69 25.43 12.08
CA ARG A 592 -16.62 24.51 11.43
C ARG A 592 -17.66 24.10 12.47
N PRO A 593 -18.78 23.43 12.08
CA PRO A 593 -19.82 23.06 13.05
C PRO A 593 -19.20 22.31 14.22
N GLN A 594 -19.64 22.67 15.44
CA GLN A 594 -19.24 21.99 16.66
C GLN A 594 -20.46 21.29 17.27
N PRO A 595 -20.37 20.00 17.66
CA PRO A 595 -19.16 19.19 17.47
C PRO A 595 -19.10 18.71 16.03
N PRO A 596 -17.95 18.17 15.59
CA PRO A 596 -17.89 17.56 14.26
C PRO A 596 -18.94 16.45 14.36
N HIS A 597 -19.50 16.06 13.21
CA HIS A 597 -20.67 15.20 13.20
C HIS A 597 -20.78 14.53 11.83
N PRO A 598 -21.18 13.24 11.76
CA PRO A 598 -21.29 12.54 10.48
C PRO A 598 -22.29 13.14 9.49
N GLY A 599 -23.21 13.97 10.00
CA GLY A 599 -24.19 14.64 9.16
C GLY A 599 -23.76 16.04 8.68
N GLU A 600 -22.51 16.45 8.99
CA GLU A 600 -21.98 17.73 8.53
C GLU A 600 -22.01 17.76 7.00
N LEU A 601 -22.18 18.96 6.42
CA LEU A 601 -21.94 19.15 5.00
C LEU A 601 -21.09 20.41 4.80
N HIS A 602 -20.09 20.31 3.91
CA HIS A 602 -19.12 21.38 3.72
C HIS A 602 -19.30 22.03 2.34
N VAL A 603 -19.56 23.35 2.36
CA VAL A 603 -19.91 24.06 1.13
C VAL A 603 -18.68 24.22 0.24
N ASP A 604 -17.48 24.35 0.85
CA ASP A 604 -16.25 24.48 0.07
C ASP A 604 -16.02 23.20 -0.74
N LEU A 605 -16.16 22.07 -0.06
CA LEU A 605 -16.02 20.79 -0.74
C LEU A 605 -17.02 20.69 -1.92
N MET A 606 -18.32 20.98 -1.70
CA MET A 606 -19.27 20.86 -2.80
C MET A 606 -18.81 21.72 -3.99
N SER A 607 -18.25 22.90 -3.69
CA SER A 607 -17.84 23.83 -4.73
C SER A 607 -16.64 23.29 -5.49
N TRP A 608 -15.72 22.65 -4.79
CA TRP A 608 -14.61 22.00 -5.49
C TRP A 608 -15.13 20.94 -6.47
N VAL A 609 -16.20 20.23 -6.10
CA VAL A 609 -16.73 19.18 -6.97
C VAL A 609 -17.30 19.82 -8.23
N GLY A 610 -17.99 20.94 -8.05
CA GLY A 610 -18.46 21.73 -9.16
C GLY A 610 -17.31 22.16 -10.07
N VAL A 611 -16.18 22.54 -9.47
CA VAL A 611 -15.01 22.94 -10.26
C VAL A 611 -14.61 21.78 -11.14
N MET A 612 -14.57 20.59 -10.53
CA MET A 612 -14.09 19.41 -11.23
C MET A 612 -15.03 19.06 -12.39
N VAL A 613 -16.34 19.16 -12.16
CA VAL A 613 -17.25 18.61 -13.14
C VAL A 613 -17.28 19.54 -14.36
N LYS A 614 -17.10 20.84 -14.11
CA LYS A 614 -16.99 21.82 -15.19
C LYS A 614 -15.79 21.52 -16.07
N SER A 615 -14.67 21.13 -15.45
CA SER A 615 -13.43 20.77 -16.15
C SER A 615 -13.67 19.56 -17.04
N LEU A 616 -14.41 18.59 -16.49
CA LEU A 616 -14.59 17.32 -17.18
C LEU A 616 -15.51 17.53 -18.39
N ILE A 617 -16.49 18.42 -18.27
CA ILE A 617 -17.36 18.76 -19.38
C ILE A 617 -16.52 19.36 -20.51
N SER A 618 -15.61 20.30 -20.18
CA SER A 618 -14.77 20.92 -21.20
C SER A 618 -13.77 19.92 -21.81
N ILE A 619 -13.23 18.99 -21.03
CA ILE A 619 -12.23 18.10 -21.59
C ILE A 619 -12.93 16.96 -22.33
N GLY A 620 -14.02 16.46 -21.72
CA GLY A 620 -14.85 15.42 -22.30
C GLY A 620 -15.39 15.81 -23.67
N SER A 621 -15.82 17.07 -23.80
CA SER A 621 -16.30 17.55 -25.09
C SER A 621 -15.21 17.41 -26.15
N LEU A 622 -13.99 17.83 -25.78
CA LEU A 622 -12.83 17.82 -26.68
C LEU A 622 -12.53 16.41 -27.19
N LEU A 623 -12.83 15.40 -26.37
CA LEU A 623 -12.47 14.03 -26.67
C LEU A 623 -13.68 13.25 -27.17
N GLY A 624 -14.83 13.95 -27.28
CA GLY A 624 -16.08 13.39 -27.78
C GLY A 624 -16.61 12.29 -26.88
N ALA A 625 -16.50 12.48 -25.55
CA ALA A 625 -16.99 11.50 -24.60
C ALA A 625 -18.45 11.79 -24.24
N THR A 626 -19.34 11.57 -25.22
CA THR A 626 -20.73 11.99 -25.21
C THR A 626 -21.43 11.55 -23.93
N GLU A 627 -21.37 10.24 -23.64
CA GLU A 627 -22.06 9.64 -22.51
C GLU A 627 -21.59 10.29 -21.21
N ASP A 628 -20.26 10.53 -21.12
CA ASP A 628 -19.61 11.14 -19.99
C ASP A 628 -20.12 12.58 -19.80
N VAL A 629 -20.13 13.36 -20.88
CA VAL A 629 -20.54 14.76 -20.85
C VAL A 629 -21.97 14.92 -20.32
N GLU A 630 -22.84 13.96 -20.66
CA GLU A 630 -24.25 14.04 -20.31
C GLU A 630 -24.42 13.77 -18.82
N PHE A 631 -23.65 12.81 -18.29
CA PHE A 631 -23.63 12.57 -16.85
C PHE A 631 -23.10 13.82 -16.13
N TYR A 632 -22.01 14.39 -16.62
CA TYR A 632 -21.41 15.53 -15.95
C TYR A 632 -22.42 16.68 -15.93
N THR A 633 -23.17 16.81 -17.02
CA THR A 633 -24.15 17.87 -17.16
C THR A 633 -25.26 17.71 -16.10
N LYS A 634 -25.67 16.47 -15.80
CA LYS A 634 -26.71 16.27 -14.79
C LYS A 634 -26.15 16.59 -13.39
N VAL A 635 -24.85 16.33 -13.19
CA VAL A 635 -24.22 16.59 -11.90
C VAL A 635 -24.04 18.10 -11.69
N LEU A 636 -23.62 18.82 -12.74
CA LEU A 636 -23.49 20.27 -12.60
C LEU A 636 -24.83 20.86 -12.19
N ASP A 637 -25.88 20.49 -12.93
CA ASP A 637 -27.23 20.98 -12.67
C ASP A 637 -27.58 20.69 -11.21
N ALA A 638 -27.27 19.48 -10.76
CA ALA A 638 -27.63 19.08 -9.41
C ALA A 638 -26.88 19.92 -8.35
N ILE A 639 -25.56 20.15 -8.56
CA ILE A 639 -24.76 20.83 -7.56
C ILE A 639 -25.26 22.27 -7.44
N GLU A 640 -25.54 22.87 -8.62
CA GLU A 640 -26.09 24.22 -8.71
C GLU A 640 -27.33 24.37 -7.82
N HIS A 641 -28.27 23.41 -7.88
CA HIS A 641 -29.49 23.54 -7.09
C HIS A 641 -29.20 23.28 -5.61
N ASN A 642 -28.40 22.23 -5.36
CA ASN A 642 -28.19 21.78 -4.01
C ASN A 642 -27.37 22.79 -3.21
N LEU A 643 -26.52 23.60 -3.89
CA LEU A 643 -25.77 24.63 -3.17
C LEU A 643 -26.76 25.55 -2.47
N ASP A 644 -27.82 25.91 -3.21
CA ASP A 644 -28.88 26.76 -2.69
C ASP A 644 -29.63 26.04 -1.57
N ASP A 645 -30.08 24.80 -1.82
CA ASP A 645 -31.06 24.18 -0.94
C ASP A 645 -30.44 23.83 0.40
N LEU A 646 -29.13 23.55 0.43
CA LEU A 646 -28.53 22.99 1.64
C LEU A 646 -27.57 23.97 2.29
N HIS A 647 -27.13 25.00 1.55
CA HIS A 647 -25.96 25.77 1.97
C HIS A 647 -26.25 27.27 2.07
N TRP A 648 -27.21 27.77 1.27
CA TRP A 648 -27.54 29.19 1.23
C TRP A 648 -28.34 29.60 2.48
N SER A 649 -27.84 30.62 3.18
CA SER A 649 -28.57 31.23 4.29
C SER A 649 -29.13 32.58 3.85
N GLU A 650 -30.46 32.65 3.74
CA GLU A 650 -31.18 33.89 3.49
C GLU A 650 -30.96 34.86 4.66
N LYS A 651 -31.08 34.38 5.92
CA LYS A 651 -30.94 35.27 7.08
C LYS A 651 -29.61 36.02 7.01
N GLU A 652 -28.52 35.30 6.72
CA GLU A 652 -27.19 35.85 6.89
C GLU A 652 -26.65 36.39 5.57
N GLY A 653 -27.26 35.96 4.46
CA GLY A 653 -26.88 36.45 3.13
C GLY A 653 -25.55 35.88 2.65
N CYS A 654 -25.36 34.56 2.77
N CYS A 654 -25.36 34.56 2.80
CA CYS A 654 -24.14 33.91 2.33
CA CYS A 654 -24.12 33.92 2.37
C CYS A 654 -24.29 32.40 2.47
C CYS A 654 -24.28 32.40 2.49
N TYR A 655 -23.36 31.66 1.86
CA TYR A 655 -23.31 30.21 1.99
C TYR A 655 -22.73 29.80 3.34
N CYS A 656 -23.23 28.69 3.88
CA CYS A 656 -22.79 28.19 5.16
C CYS A 656 -22.55 26.68 5.07
N ASP A 657 -21.61 26.19 5.87
CA ASP A 657 -21.57 24.79 6.18
C ASP A 657 -22.91 24.40 6.83
N ALA A 658 -23.22 23.10 6.85
CA ALA A 658 -24.42 22.59 7.50
C ALA A 658 -24.06 21.46 8.46
N THR A 659 -24.99 21.13 9.36
CA THR A 659 -24.80 20.07 10.33
C THR A 659 -26.16 19.48 10.70
N ILE A 660 -26.19 18.70 11.77
CA ILE A 660 -27.44 18.14 12.25
C ILE A 660 -27.58 18.49 13.73
N ASP A 661 -28.68 19.17 14.07
CA ASP A 661 -29.13 19.63 15.39
C ASP A 661 -28.96 18.56 16.48
N GLU A 662 -29.04 19.02 17.75
CA GLU A 662 -29.32 18.18 18.89
C GLU A 662 -30.57 17.32 18.64
N PHE A 663 -31.50 17.80 17.78
CA PHE A 663 -32.77 17.12 17.60
C PHE A 663 -32.87 16.47 16.21
N GLU A 664 -31.72 16.21 15.58
CA GLU A 664 -31.60 15.45 14.33
C GLU A 664 -32.18 16.24 13.14
N GLU A 665 -32.17 17.57 13.24
CA GLU A 665 -32.62 18.42 12.14
C GLU A 665 -31.43 19.15 11.53
N HIS A 666 -31.56 19.47 10.23
CA HIS A 666 -30.62 20.23 9.44
C HIS A 666 -30.46 21.64 10.00
N LYS A 667 -29.22 22.10 10.18
CA LYS A 667 -28.96 23.43 10.70
C LYS A 667 -27.82 24.03 9.88
N LEU A 668 -27.96 25.29 9.50
CA LEU A 668 -26.88 26.06 8.90
C LEU A 668 -26.00 26.61 10.02
N VAL A 669 -24.69 26.47 9.84
CA VAL A 669 -23.73 27.05 10.78
C VAL A 669 -22.88 28.07 10.00
N CYS A 670 -23.08 29.35 10.33
CA CYS A 670 -22.53 30.42 9.50
C CYS A 670 -21.38 31.09 10.22
N HIS A 671 -20.23 31.05 9.56
CA HIS A 671 -19.08 31.83 9.99
C HIS A 671 -18.57 32.54 8.76
N LYS A 672 -18.86 33.84 8.67
CA LYS A 672 -18.59 34.66 7.50
C LYS A 672 -17.08 34.79 7.30
N GLY A 673 -16.64 34.42 6.10
CA GLY A 673 -15.23 34.36 5.77
C GLY A 673 -15.06 33.63 4.44
N TYR A 674 -13.82 33.22 4.14
CA TYR A 674 -13.54 32.67 2.84
C TYR A 674 -14.58 31.60 2.53
N ILE A 675 -14.94 30.81 3.55
CA ILE A 675 -15.78 29.64 3.36
C ILE A 675 -17.11 30.09 2.74
N SER A 676 -17.62 31.25 3.23
CA SER A 676 -18.93 31.81 2.89
C SER A 676 -19.00 32.20 1.41
N LEU A 677 -17.83 32.41 0.79
CA LEU A 677 -17.75 32.98 -0.53
C LEU A 677 -17.49 31.90 -1.54
N PHE A 678 -17.42 30.64 -1.10
CA PHE A 678 -16.79 29.64 -1.95
C PHE A 678 -17.47 29.50 -3.31
N PRO A 679 -18.82 29.37 -3.41
CA PRO A 679 -19.47 29.19 -4.70
C PRO A 679 -19.07 30.29 -5.69
N PHE A 680 -18.74 31.46 -5.15
CA PHE A 680 -18.28 32.59 -5.94
C PHE A 680 -16.81 32.41 -6.31
N LEU A 681 -15.95 32.06 -5.34
CA LEU A 681 -14.50 31.99 -5.56
C LEU A 681 -14.19 30.97 -6.65
N THR A 682 -15.10 30.00 -6.81
CA THR A 682 -14.87 28.83 -7.64
C THR A 682 -15.58 28.97 -9.00
N GLY A 683 -16.26 30.10 -9.21
CA GLY A 683 -16.85 30.45 -10.50
C GLY A 683 -18.14 29.68 -10.85
N LEU A 684 -19.01 29.42 -9.85
CA LEU A 684 -20.22 28.61 -10.05
C LEU A 684 -21.48 29.46 -10.19
N LEU A 685 -21.37 30.76 -9.93
CA LEU A 685 -22.57 31.59 -9.88
C LEU A 685 -22.73 32.38 -11.18
N LYS A 686 -23.98 32.57 -11.58
CA LYS A 686 -24.29 33.32 -12.79
C LYS A 686 -24.01 34.80 -12.52
N PRO A 687 -23.45 35.53 -13.51
CA PRO A 687 -23.14 36.96 -13.36
C PRO A 687 -24.30 37.83 -12.90
N ASP A 688 -25.53 37.30 -13.00
CA ASP A 688 -26.74 38.08 -12.79
C ASP A 688 -27.41 37.64 -11.49
N SER A 689 -26.74 36.77 -10.74
CA SER A 689 -27.34 36.13 -9.58
C SER A 689 -27.52 37.14 -8.45
N PRO A 690 -28.72 37.22 -7.83
CA PRO A 690 -28.92 38.03 -6.61
C PRO A 690 -28.05 37.60 -5.44
N LYS A 691 -27.70 36.31 -5.40
CA LYS A 691 -26.88 35.77 -4.32
C LYS A 691 -25.48 36.36 -4.43
N LEU A 692 -24.96 36.39 -5.67
CA LEU A 692 -23.70 37.06 -6.01
C LEU A 692 -23.74 38.48 -5.46
N GLY A 693 -24.83 39.20 -5.78
CA GLY A 693 -25.10 40.51 -5.21
C GLY A 693 -24.76 40.56 -3.72
N LYS A 694 -25.38 39.69 -2.91
CA LYS A 694 -25.17 39.76 -1.47
C LYS A 694 -23.71 39.45 -1.09
N LEU A 695 -23.05 38.61 -1.90
CA LEU A 695 -21.69 38.18 -1.64
C LEU A 695 -20.73 39.34 -1.85
N LEU A 696 -20.99 40.13 -2.90
CA LEU A 696 -20.14 41.28 -3.16
C LEU A 696 -20.27 42.31 -2.04
N ALA A 697 -21.45 42.41 -1.44
CA ALA A 697 -21.63 43.31 -0.30
C ALA A 697 -20.80 42.82 0.88
N LEU A 698 -20.75 41.51 1.08
CA LEU A 698 -20.00 40.99 2.20
C LEU A 698 -18.50 41.23 1.97
N ILE A 699 -18.07 40.97 0.73
CA ILE A 699 -16.69 41.03 0.33
C ILE A 699 -16.18 42.46 0.56
N GLY A 700 -17.05 43.45 0.24
CA GLY A 700 -16.66 44.86 0.26
C GLY A 700 -16.78 45.50 1.66
N ASP A 701 -17.39 44.79 2.61
CA ASP A 701 -17.79 45.38 3.88
C ASP A 701 -16.59 45.44 4.85
N GLU A 702 -16.16 46.67 5.17
CA GLU A 702 -14.98 46.89 6.00
C GLU A 702 -15.13 46.24 7.38
N SER A 703 -16.37 46.08 7.87
CA SER A 703 -16.58 45.65 9.24
C SER A 703 -16.66 44.12 9.29
N GLU A 704 -16.61 43.50 8.10
CA GLU A 704 -16.58 42.04 7.96
C GLU A 704 -15.21 41.61 7.40
N LEU A 705 -15.10 41.50 6.07
CA LEU A 705 -13.96 40.85 5.45
C LEU A 705 -12.92 41.83 4.90
N TRP A 706 -13.30 43.09 4.63
CA TRP A 706 -12.46 43.95 3.80
C TRP A 706 -11.50 44.77 4.67
N SER A 707 -10.21 44.41 4.64
CA SER A 707 -9.20 45.18 5.35
C SER A 707 -8.41 45.99 4.32
N PRO A 708 -7.62 46.99 4.76
CA PRO A 708 -6.77 47.74 3.83
C PRO A 708 -5.77 46.89 3.08
N TYR A 709 -5.58 45.64 3.55
CA TYR A 709 -4.45 44.82 3.14
C TYR A 709 -4.90 43.59 2.38
N GLY A 710 -6.23 43.40 2.24
CA GLY A 710 -6.81 42.25 1.56
C GLY A 710 -8.03 41.74 2.33
N LEU A 711 -8.64 40.66 1.80
CA LEU A 711 -9.80 40.08 2.48
C LEU A 711 -9.31 39.25 3.66
N ARG A 712 -9.99 39.40 4.81
CA ARG A 712 -9.74 38.62 6.01
C ARG A 712 -10.25 37.19 5.81
N SER A 713 -9.53 36.20 6.37
CA SER A 713 -9.96 34.82 6.26
C SER A 713 -11.30 34.63 6.98
N LEU A 714 -11.51 35.39 8.08
CA LEU A 714 -12.70 35.34 8.92
C LEU A 714 -13.19 36.75 9.26
N SER A 715 -14.51 36.95 9.29
CA SER A 715 -15.10 38.24 9.64
C SER A 715 -14.70 38.69 11.06
N LYS A 716 -14.46 40.01 11.20
CA LYS A 716 -14.19 40.64 12.51
C LYS A 716 -15.38 40.48 13.43
N LYS A 717 -16.56 40.19 12.84
CA LYS A 717 -17.78 40.05 13.61
C LYS A 717 -18.00 38.60 14.07
N ASP A 718 -17.17 37.65 13.60
CA ASP A 718 -17.33 36.26 14.02
C ASP A 718 -16.76 36.07 15.42
N GLU A 719 -17.44 35.26 16.23
CA GLU A 719 -17.03 35.00 17.61
C GLU A 719 -15.65 34.33 17.66
N PHE A 720 -15.21 33.69 16.55
CA PHE A 720 -13.93 32.99 16.53
C PHE A 720 -12.79 33.86 15.97
N TYR A 721 -13.09 35.11 15.58
CA TYR A 721 -12.05 36.05 15.14
C TYR A 721 -10.87 36.13 16.11
N GLY A 722 -9.67 35.85 15.58
CA GLY A 722 -8.43 36.02 16.30
C GLY A 722 -8.40 35.17 17.59
N THR A 723 -8.90 33.93 17.51
CA THR A 723 -8.84 33.00 18.64
C THR A 723 -7.93 31.80 18.32
N ALA A 724 -7.52 31.10 19.38
CA ALA A 724 -6.65 29.93 19.28
C ALA A 724 -5.43 30.30 18.45
N GLU A 725 -5.06 29.48 17.45
CA GLU A 725 -3.80 29.70 16.77
C GLU A 725 -3.94 30.73 15.66
N ASN A 726 -5.17 31.12 15.38
CA ASN A 726 -5.47 32.27 14.54
C ASN A 726 -4.81 32.08 13.16
N TYR A 727 -4.92 30.84 12.65
CA TYR A 727 -4.24 30.49 11.43
C TYR A 727 -5.08 30.97 10.24
N TRP A 728 -6.34 30.50 10.19
CA TRP A 728 -7.32 30.96 9.21
C TRP A 728 -8.51 31.62 9.89
N ARG A 729 -8.26 32.37 10.98
CA ARG A 729 -9.34 33.02 11.72
C ARG A 729 -9.16 34.54 11.80
N SER A 730 -8.48 35.10 10.78
CA SER A 730 -8.39 36.54 10.58
C SER A 730 -7.37 36.88 9.49
N PRO A 731 -6.20 36.23 9.43
CA PRO A 731 -5.16 36.65 8.48
C PRO A 731 -5.56 36.61 7.00
N VAL A 732 -4.82 37.39 6.21
CA VAL A 732 -5.07 37.55 4.81
C VAL A 732 -4.17 36.57 4.08
N TRP A 733 -4.79 35.72 3.26
CA TRP A 733 -4.08 34.69 2.51
C TRP A 733 -4.17 34.98 1.01
N ILE A 734 -3.03 34.88 0.32
CA ILE A 734 -2.89 35.36 -1.04
C ILE A 734 -3.59 34.42 -2.02
N ASN A 735 -3.59 33.10 -1.75
CA ASN A 735 -4.23 32.13 -2.65
C ASN A 735 -5.74 32.43 -2.79
N ILE A 736 -6.43 32.60 -1.66
CA ILE A 736 -7.87 32.83 -1.69
C ILE A 736 -8.17 34.23 -2.24
N ASN A 737 -7.37 35.24 -1.83
CA ASN A 737 -7.49 36.58 -2.39
C ASN A 737 -7.35 36.54 -3.92
N TYR A 738 -6.47 35.65 -4.41
CA TYR A 738 -6.21 35.53 -5.83
C TYR A 738 -7.47 35.05 -6.54
N LEU A 739 -8.11 34.00 -5.98
CA LEU A 739 -9.39 33.51 -6.45
C LEU A 739 -10.44 34.62 -6.46
N ALA A 740 -10.48 35.44 -5.41
CA ALA A 740 -11.46 36.52 -5.36
C ALA A 740 -11.19 37.48 -6.51
N ILE A 741 -9.92 37.83 -6.69
CA ILE A 741 -9.53 38.87 -7.62
C ILE A 741 -9.92 38.48 -9.05
N VAL A 742 -9.68 37.21 -9.41
CA VAL A 742 -9.91 36.68 -10.75
C VAL A 742 -11.42 36.69 -11.06
N GLN A 743 -12.23 36.40 -10.04
CA GLN A 743 -13.67 36.27 -10.21
C GLN A 743 -14.30 37.67 -10.28
N LEU A 744 -13.76 38.60 -9.51
CA LEU A 744 -14.21 39.98 -9.52
C LEU A 744 -13.96 40.55 -10.91
N TYR A 745 -12.77 40.29 -11.46
CA TYR A 745 -12.41 40.78 -12.77
C TYR A 745 -13.36 40.19 -13.81
N ASN A 746 -13.79 38.95 -13.56
CA ASN A 746 -14.65 38.23 -14.49
C ASN A 746 -15.99 38.96 -14.63
N ILE A 747 -16.53 39.39 -13.51
CA ILE A 747 -17.80 40.08 -13.49
C ILE A 747 -17.64 41.51 -14.03
N ALA A 748 -16.49 42.13 -13.77
CA ALA A 748 -16.19 43.49 -14.25
C ALA A 748 -16.08 43.58 -15.78
N THR A 749 -15.86 42.45 -16.46
CA THR A 749 -15.59 42.52 -17.89
C THR A 749 -16.73 41.87 -18.66
N GLN A 750 -17.94 41.97 -18.11
CA GLN A 750 -19.13 41.41 -18.75
C GLN A 750 -20.30 42.34 -18.49
N ASP A 751 -21.13 42.57 -19.51
CA ASP A 751 -22.41 43.25 -19.32
C ASP A 751 -23.17 42.50 -18.21
N GLY A 752 -23.72 43.26 -17.24
CA GLY A 752 -24.48 42.68 -16.15
C GLY A 752 -24.71 43.68 -15.01
N PRO A 753 -25.60 43.36 -14.04
CA PRO A 753 -25.98 44.30 -12.98
C PRO A 753 -24.93 44.64 -11.92
N TYR A 754 -23.81 43.90 -11.90
CA TYR A 754 -22.85 44.10 -10.83
C TYR A 754 -21.52 44.53 -11.42
N LYS A 755 -21.52 44.70 -12.75
CA LYS A 755 -20.30 45.02 -13.50
C LYS A 755 -19.46 46.08 -12.78
N GLU A 756 -20.11 47.18 -12.39
CA GLU A 756 -19.41 48.35 -11.88
C GLU A 756 -18.96 48.13 -10.42
N THR A 757 -19.81 47.53 -9.59
CA THR A 757 -19.39 47.15 -8.25
C THR A 757 -18.13 46.29 -8.33
N ALA A 758 -18.15 45.28 -9.20
CA ALA A 758 -17.04 44.35 -9.34
C ALA A 758 -15.77 45.08 -9.80
N ARG A 759 -15.92 45.93 -10.82
CA ARG A 759 -14.81 46.72 -11.34
C ARG A 759 -14.12 47.49 -10.21
N ASP A 760 -14.91 48.04 -9.28
CA ASP A 760 -14.37 48.85 -8.21
C ASP A 760 -13.57 47.97 -7.23
N LEU A 761 -14.18 46.85 -6.83
CA LEU A 761 -13.58 45.92 -5.89
C LEU A 761 -12.34 45.26 -6.50
N TYR A 762 -12.40 44.93 -7.80
CA TYR A 762 -11.27 44.34 -8.48
C TYR A 762 -10.06 45.27 -8.40
N THR A 763 -10.27 46.54 -8.77
CA THR A 763 -9.24 47.56 -8.80
C THR A 763 -8.61 47.71 -7.43
N ARG A 764 -9.44 47.76 -6.40
CA ARG A 764 -8.94 48.05 -5.05
C ARG A 764 -8.26 46.81 -4.47
N LEU A 765 -8.89 45.64 -4.65
CA LEU A 765 -8.35 44.43 -4.06
C LEU A 765 -7.01 44.12 -4.71
N ARG A 766 -6.93 44.28 -6.04
CA ARG A 766 -5.69 44.01 -6.74
C ARG A 766 -4.59 44.85 -6.11
N LYS A 767 -4.90 46.14 -5.91
CA LYS A 767 -3.93 47.10 -5.43
C LYS A 767 -3.53 46.79 -4.00
N ASN A 768 -4.52 46.41 -3.16
CA ASN A 768 -4.28 46.20 -1.74
C ASN A 768 -3.35 44.98 -1.55
N ILE A 769 -3.69 43.87 -2.23
CA ILE A 769 -2.96 42.62 -2.13
C ILE A 769 -1.51 42.83 -2.60
N VAL A 770 -1.35 43.40 -3.81
CA VAL A 770 -0.01 43.56 -4.37
C VAL A 770 0.84 44.45 -3.45
N GLU A 771 0.28 45.59 -3.02
CA GLU A 771 1.05 46.54 -2.23
C GLU A 771 1.47 45.92 -0.88
N THR A 772 0.58 45.14 -0.25
CA THR A 772 0.92 44.49 1.01
C THR A 772 2.10 43.53 0.83
N VAL A 773 2.04 42.68 -0.21
CA VAL A 773 3.15 41.77 -0.46
C VAL A 773 4.41 42.56 -0.80
N TYR A 774 4.26 43.59 -1.65
CA TYR A 774 5.42 44.36 -2.08
C TYR A 774 6.09 45.08 -0.91
N ARG A 775 5.30 45.80 -0.08
CA ARG A 775 5.83 46.56 1.06
C ARG A 775 6.66 45.65 1.98
N ASN A 776 6.10 44.46 2.31
CA ASN A 776 6.76 43.48 3.15
C ASN A 776 8.07 43.02 2.49
N TRP A 777 8.01 42.79 1.17
CA TRP A 777 9.17 42.29 0.45
C TRP A 777 10.29 43.32 0.49
N GLU A 778 9.91 44.57 0.23
CA GLU A 778 10.80 45.72 0.34
C GLU A 778 11.46 45.77 1.73
N GLU A 779 10.68 45.68 2.81
CA GLU A 779 11.22 45.88 4.15
C GLU A 779 12.08 44.68 4.59
N THR A 780 11.66 43.45 4.24
CA THR A 780 12.13 42.24 4.92
C THR A 780 12.95 41.33 4.00
N GLY A 781 12.80 41.49 2.67
CA GLY A 781 13.35 40.53 1.73
C GLY A 781 12.42 39.32 1.46
N PHE A 782 11.35 39.15 2.25
CA PHE A 782 10.65 37.87 2.24
C PHE A 782 9.25 37.96 1.62
N ALA A 783 8.84 36.88 0.96
CA ALA A 783 7.44 36.53 0.83
C ALA A 783 7.02 35.82 2.11
N TRP A 784 5.84 36.18 2.63
CA TRP A 784 5.30 35.57 3.83
C TRP A 784 4.09 34.68 3.52
N GLU A 785 3.80 33.78 4.44
CA GLU A 785 2.76 32.79 4.34
C GLU A 785 1.38 33.47 4.41
N GLN A 786 1.27 34.53 5.23
CA GLN A 786 0.02 35.26 5.42
C GLN A 786 0.34 36.68 5.89
N TYR A 787 -0.67 37.56 5.84
CA TYR A 787 -0.51 38.96 6.23
C TYR A 787 -1.52 39.35 7.30
N ASN A 788 -1.05 40.18 8.23
CA ASN A 788 -1.85 40.65 9.35
C ASN A 788 -2.80 41.75 8.88
N PRO A 789 -4.12 41.63 9.10
CA PRO A 789 -5.06 42.60 8.51
C PRO A 789 -5.20 43.90 9.29
N GLU A 790 -4.66 43.95 10.52
CA GLU A 790 -4.61 45.16 11.35
C GLU A 790 -3.39 46.03 10.98
N THR A 791 -2.23 45.38 10.71
CA THR A 791 -1.00 46.12 10.54
C THR A 791 -0.42 45.96 9.12
N GLY A 792 -0.85 44.94 8.38
CA GLY A 792 -0.25 44.60 7.09
C GLY A 792 1.09 43.84 7.18
N LYS A 793 1.55 43.50 8.40
CA LYS A 793 2.83 42.81 8.56
C LYS A 793 2.71 41.35 8.12
N GLY A 794 3.72 40.88 7.38
CA GLY A 794 3.87 39.46 7.14
C GLY A 794 4.13 38.74 8.46
N GLN A 795 3.59 37.52 8.56
CA GLN A 795 3.64 36.72 9.76
C GLN A 795 3.56 35.26 9.34
N ARG A 796 3.72 34.35 10.33
CA ARG A 796 4.01 32.94 10.11
C ARG A 796 5.33 32.83 9.36
N THR A 797 5.34 31.95 8.35
CA THR A 797 6.54 31.43 7.73
C THR A 797 7.10 32.36 6.63
N GLN A 798 8.43 32.49 6.59
CA GLN A 798 9.10 33.22 5.51
C GLN A 798 9.32 32.32 4.30
N HIS A 799 9.79 32.91 3.21
CA HIS A 799 10.21 32.17 2.04
C HIS A 799 9.05 31.38 1.45
N PHE A 800 7.84 31.93 1.56
CA PHE A 800 6.69 31.15 1.14
C PHE A 800 6.40 31.41 -0.33
N THR A 801 7.21 30.79 -1.21
CA THR A 801 7.03 30.91 -2.64
C THR A 801 6.89 29.52 -3.27
N GLY A 802 5.76 28.82 -3.02
CA GLY A 802 4.67 29.31 -2.20
C GLY A 802 3.66 30.08 -3.05
N TRP A 803 2.36 29.99 -2.72
CA TRP A 803 1.32 30.66 -3.48
C TRP A 803 1.32 32.18 -3.30
N THR A 804 2.10 32.70 -2.33
CA THR A 804 2.28 34.14 -2.26
C THR A 804 2.71 34.74 -3.62
N SER A 805 3.53 34.00 -4.35
CA SER A 805 4.05 34.34 -5.66
C SER A 805 2.97 34.57 -6.73
N LEU A 806 1.68 34.27 -6.46
CA LEU A 806 0.61 34.52 -7.43
C LEU A 806 0.53 36.01 -7.76
N VAL A 807 1.20 36.81 -6.93
CA VAL A 807 1.17 38.26 -6.98
CA VAL A 807 1.14 38.26 -6.99
C VAL A 807 1.70 38.75 -8.34
N VAL A 808 2.57 37.96 -8.99
CA VAL A 808 3.09 38.36 -10.28
CA VAL A 808 3.09 38.36 -10.28
C VAL A 808 1.97 38.26 -11.30
N LYS A 809 1.11 37.25 -11.10
CA LYS A 809 0.01 37.03 -12.01
C LYS A 809 -1.07 38.08 -11.78
N ILE A 810 -1.27 38.48 -10.50
CA ILE A 810 -2.19 39.58 -10.17
C ILE A 810 -1.74 40.89 -10.83
N MET A 811 -0.44 41.17 -10.78
CA MET A 811 0.10 42.38 -11.37
C MET A 811 -0.07 42.36 -12.89
N SER A 812 0.11 41.20 -13.54
CA SER A 812 0.13 41.17 -14.99
C SER A 812 -1.29 41.18 -15.55
N GLY A 813 -2.26 40.75 -14.73
CA GLY A 813 -3.67 41.01 -14.95
C GLY A 813 -4.24 40.29 -16.17
N HIS A 814 -5.30 40.87 -16.75
CA HIS A 814 -5.83 40.53 -18.07
C HIS A 814 -6.18 39.05 -18.16
N HIS A 815 -7.03 38.58 -17.23
CA HIS A 815 -7.31 37.16 -17.04
C HIS A 815 -8.18 36.60 -18.20
N GLU B 35 -18.91 -32.15 28.77
CA GLU B 35 -19.81 -32.16 29.99
C GLU B 35 -19.80 -33.54 30.67
N SER B 36 -19.84 -34.63 29.89
CA SER B 36 -19.45 -35.94 30.41
C SER B 36 -17.94 -35.99 30.67
N ILE B 37 -17.55 -36.61 31.78
CA ILE B 37 -16.16 -36.77 32.13
C ILE B 37 -15.36 -37.29 30.93
N LEU B 38 -15.92 -38.27 30.20
CA LEU B 38 -15.18 -38.90 29.12
C LEU B 38 -14.98 -37.90 27.99
N HIS B 39 -16.07 -37.24 27.58
CA HIS B 39 -16.01 -36.27 26.49
C HIS B 39 -15.00 -35.16 26.80
N SER B 40 -15.04 -34.64 28.02
CA SER B 40 -14.09 -33.64 28.50
C SER B 40 -12.66 -34.15 28.31
N GLU B 41 -12.41 -35.37 28.81
CA GLU B 41 -11.05 -35.86 28.87
C GLU B 41 -10.52 -36.07 27.45
N ILE B 42 -11.36 -36.56 26.54
CA ILE B 42 -10.93 -36.69 25.14
C ILE B 42 -10.62 -35.29 24.59
N GLY B 43 -11.51 -34.33 24.88
CA GLY B 43 -11.28 -32.91 24.59
C GLY B 43 -9.87 -32.47 24.94
N ARG B 44 -9.48 -32.68 26.23
CA ARG B 44 -8.19 -32.22 26.75
C ARG B 44 -7.05 -32.88 25.98
N LEU B 45 -7.19 -34.16 25.66
CA LEU B 45 -6.08 -34.90 25.08
C LEU B 45 -5.90 -34.48 23.63
N ASN B 46 -7.01 -34.23 22.92
CA ASN B 46 -6.91 -33.74 21.56
C ASN B 46 -6.23 -32.38 21.56
N ASN B 47 -6.59 -31.58 22.56
CA ASN B 47 -6.15 -30.22 22.74
C ASN B 47 -4.64 -30.22 23.02
N GLN B 48 -4.18 -31.10 23.91
CA GLN B 48 -2.74 -31.19 24.17
C GLN B 48 -2.01 -31.76 22.94
N SER B 49 -2.65 -32.70 22.25
N SER B 49 -2.63 -32.71 22.25
CA SER B 49 -2.04 -33.32 21.08
CA SER B 49 -2.03 -33.33 21.08
C SER B 49 -1.82 -32.30 19.97
C SER B 49 -1.80 -32.29 19.98
N LEU B 50 -2.79 -31.40 19.76
CA LEU B 50 -2.80 -30.54 18.57
C LEU B 50 -2.23 -29.13 18.81
N LEU B 51 -1.94 -28.78 20.09
CA LEU B 51 -1.56 -27.43 20.49
C LEU B 51 -0.50 -26.82 19.55
N TRP B 52 0.61 -27.52 19.35
CA TRP B 52 1.73 -26.97 18.60
C TRP B 52 1.66 -27.40 17.14
N GLY B 53 2.09 -26.51 16.25
CA GLY B 53 2.20 -26.87 14.85
C GLY B 53 2.82 -25.77 14.02
N PRO B 54 3.16 -26.01 12.72
CA PRO B 54 3.51 -24.92 11.80
C PRO B 54 2.21 -24.24 11.32
N TYR B 55 1.43 -23.74 12.26
CA TYR B 55 0.07 -23.28 12.01
C TYR B 55 0.05 -21.86 11.41
N ARG B 56 1.07 -21.51 10.62
CA ARG B 56 1.11 -20.24 9.92
C ARG B 56 1.34 -20.51 8.43
N PRO B 57 0.31 -21.00 7.72
CA PRO B 57 0.47 -21.44 6.32
C PRO B 57 0.78 -20.32 5.31
N ASN B 58 0.59 -19.07 5.75
CA ASN B 58 0.76 -17.88 4.91
C ASN B 58 2.25 -17.55 4.75
N ILE B 59 3.13 -18.10 5.60
CA ILE B 59 4.58 -17.94 5.43
C ILE B 59 5.21 -19.30 5.11
N TYR B 60 6.41 -19.27 4.50
CA TYR B 60 7.16 -20.47 4.16
C TYR B 60 7.36 -21.38 5.37
N PHE B 61 7.81 -20.81 6.48
CA PHE B 61 8.02 -21.64 7.65
C PHE B 61 8.00 -20.82 8.92
N GLY B 62 7.08 -21.20 9.81
CA GLY B 62 7.02 -20.72 11.17
C GLY B 62 6.01 -21.53 11.98
N THR B 63 6.02 -21.33 13.30
CA THR B 63 5.19 -22.12 14.20
C THR B 63 4.44 -21.18 15.13
N ARG B 64 3.34 -21.68 15.69
CA ARG B 64 2.60 -21.02 16.75
C ARG B 64 1.69 -22.06 17.40
N PRO B 65 1.35 -21.91 18.70
CA PRO B 65 0.36 -22.81 19.31
C PRO B 65 -1.06 -22.33 19.00
N ARG B 66 -2.07 -23.19 19.23
CA ARG B 66 -3.45 -22.77 19.08
C ARG B 66 -3.85 -21.91 20.27
N ILE B 67 -3.19 -20.76 20.44
CA ILE B 67 -3.51 -19.78 21.49
C ILE B 67 -3.38 -18.39 20.86
N GLY B 68 -4.39 -17.55 21.09
CA GLY B 68 -4.45 -16.25 20.45
C GLY B 68 -3.15 -15.45 20.66
N LYS B 69 -2.75 -15.30 21.93
CA LYS B 69 -1.64 -14.42 22.28
C LYS B 69 -0.54 -15.26 22.94
N SER B 70 0.48 -15.58 22.16
CA SER B 70 1.49 -16.49 22.65
C SER B 70 2.77 -16.33 21.84
N LEU B 71 3.55 -17.39 21.84
CA LEU B 71 4.83 -17.45 21.18
C LEU B 71 4.64 -17.82 19.71
N MET B 72 5.34 -17.09 18.82
CA MET B 72 5.29 -17.34 17.39
C MET B 72 6.71 -17.27 16.83
N THR B 73 6.98 -18.10 15.83
CA THR B 73 8.26 -18.09 15.14
C THR B 73 8.04 -17.97 13.63
N GLY B 74 9.06 -17.49 12.92
CA GLY B 74 9.11 -17.54 11.46
C GLY B 74 10.53 -17.41 10.94
N LEU B 75 10.77 -17.99 9.75
CA LEU B 75 12.05 -18.12 9.09
C LEU B 75 12.14 -17.17 7.89
N MET B 76 13.29 -16.51 7.75
CA MET B 76 13.56 -15.75 6.52
C MET B 76 14.96 -16.09 6.03
N TRP B 77 15.15 -15.96 4.71
CA TRP B 77 16.45 -16.18 4.08
C TRP B 77 16.51 -15.34 2.83
N GLY B 78 17.72 -14.96 2.43
CA GLY B 78 17.95 -14.42 1.11
C GLY B 78 19.45 -14.31 0.86
N LYS B 79 19.84 -14.35 -0.42
CA LYS B 79 21.22 -14.13 -0.80
C LYS B 79 21.55 -12.64 -0.77
N ILE B 80 22.83 -12.32 -0.52
CA ILE B 80 23.28 -10.93 -0.51
C ILE B 80 24.55 -10.77 -1.33
N GLU B 81 24.48 -9.87 -2.33
CA GLU B 81 25.55 -9.63 -3.26
C GLU B 81 25.92 -8.14 -3.34
N SER B 82 25.01 -7.25 -2.92
CA SER B 82 25.17 -5.81 -3.08
C SER B 82 24.60 -5.10 -1.85
N TYR B 83 24.61 -3.75 -1.87
CA TYR B 83 24.15 -2.98 -0.73
C TYR B 83 22.63 -2.78 -0.77
N THR B 84 21.99 -3.21 -1.87
CA THR B 84 20.61 -2.83 -2.10
C THR B 84 19.74 -4.00 -2.60
N ASP B 85 20.29 -5.23 -2.65
CA ASP B 85 19.58 -6.36 -3.26
C ASP B 85 18.73 -7.13 -2.23
N PHE B 86 19.20 -7.16 -0.98
CA PHE B 86 18.65 -8.07 0.02
C PHE B 86 17.16 -7.80 0.23
N GLN B 87 16.75 -6.53 0.07
CA GLN B 87 15.35 -6.13 0.20
C GLN B 87 14.47 -6.85 -0.84
N HIS B 88 15.05 -7.26 -1.98
CA HIS B 88 14.31 -7.88 -3.07
C HIS B 88 14.37 -9.40 -3.00
N THR B 89 15.44 -9.92 -2.36
CA THR B 89 15.74 -11.34 -2.41
C THR B 89 15.10 -12.07 -1.23
N VAL B 90 14.92 -11.36 -0.09
CA VAL B 90 14.49 -12.00 1.15
C VAL B 90 13.12 -12.68 0.95
N ARG B 91 12.98 -13.86 1.55
CA ARG B 91 11.76 -14.63 1.55
C ARG B 91 11.16 -14.60 2.94
N TYR B 92 9.83 -14.45 2.99
CA TYR B 92 9.11 -14.58 4.25
C TYR B 92 7.70 -15.11 4.00
N THR B 93 6.83 -14.29 3.40
CA THR B 93 5.45 -14.70 3.15
C THR B 93 5.41 -15.46 1.82
N CYS B 94 4.58 -16.51 1.76
CA CYS B 94 4.49 -17.36 0.58
C CYS B 94 4.05 -16.54 -0.64
N GLU B 95 4.69 -16.79 -1.79
CA GLU B 95 4.29 -16.22 -3.07
C GLU B 95 4.34 -17.31 -4.14
N GLN B 96 3.86 -17.00 -5.36
CA GLN B 96 4.20 -17.83 -6.51
C GLN B 96 4.44 -16.95 -7.73
N ASN B 97 5.59 -17.15 -8.39
CA ASN B 97 6.06 -16.33 -9.50
C ASN B 97 7.26 -17.03 -10.12
N GLU B 98 7.86 -16.45 -11.17
CA GLU B 98 8.91 -17.08 -11.96
C GLU B 98 10.18 -17.38 -11.13
N GLY B 99 10.38 -16.64 -10.01
CA GLY B 99 11.57 -16.76 -9.18
C GLY B 99 11.49 -17.89 -8.16
N MET B 100 10.34 -18.56 -8.10
CA MET B 100 10.20 -19.68 -7.18
C MET B 100 9.67 -20.88 -7.97
N LYS B 101 10.39 -22.01 -7.91
CA LYS B 101 10.05 -23.16 -8.74
C LYS B 101 8.82 -23.87 -8.17
N GLY B 102 8.85 -24.07 -6.85
CA GLY B 102 7.74 -24.64 -6.11
C GLY B 102 8.16 -24.91 -4.66
N TYR B 103 7.19 -25.29 -3.83
CA TYR B 103 7.45 -25.63 -2.44
C TYR B 103 6.19 -26.31 -1.93
N GLY B 104 6.34 -27.07 -0.84
CA GLY B 104 5.23 -27.80 -0.26
C GLY B 104 5.71 -28.90 0.70
N TRP B 105 4.72 -29.54 1.35
CA TRP B 105 4.96 -30.63 2.27
C TRP B 105 5.05 -31.95 1.52
N ASP B 106 6.15 -32.69 1.75
CA ASP B 106 6.35 -34.00 1.15
C ASP B 106 5.52 -35.02 1.93
N GLU B 107 5.48 -34.77 3.24
CA GLU B 107 4.74 -35.55 4.21
C GLU B 107 4.34 -34.63 5.35
N TYR B 108 3.14 -34.81 5.87
CA TYR B 108 2.82 -34.07 7.07
C TYR B 108 1.67 -34.73 7.80
N ASP B 109 1.80 -34.77 9.12
CA ASP B 109 0.70 -35.10 10.00
C ASP B 109 0.74 -34.09 11.14
N PRO B 110 -0.37 -33.35 11.41
CA PRO B 110 -0.38 -32.36 12.49
C PRO B 110 -0.07 -32.88 13.89
N ARG B 111 -0.21 -34.21 14.11
CA ARG B 111 0.06 -34.74 15.44
C ARG B 111 1.56 -35.00 15.62
N ARG B 112 2.27 -35.11 14.51
CA ARG B 112 3.57 -35.75 14.56
C ARG B 112 4.63 -34.80 13.99
N GLY B 113 4.27 -34.09 12.92
CA GLY B 113 5.19 -33.21 12.22
C GLY B 113 5.30 -33.61 10.75
N GLY B 114 6.38 -33.20 10.10
CA GLY B 114 6.55 -33.50 8.68
C GLY B 114 7.75 -32.77 8.11
N ILE B 115 7.85 -32.76 6.78
CA ILE B 115 9.00 -32.24 6.05
C ILE B 115 8.50 -31.46 4.85
N GLN B 116 9.07 -30.25 4.67
CA GLN B 116 8.72 -29.33 3.62
C GLN B 116 9.95 -29.09 2.77
N SER B 117 9.74 -29.07 1.45
CA SER B 117 10.75 -28.77 0.47
C SER B 117 10.41 -27.41 -0.16
N ILE B 118 11.45 -26.58 -0.34
CA ILE B 118 11.33 -25.26 -0.93
C ILE B 118 12.41 -25.14 -2.00
N HIS B 119 12.00 -24.81 -3.23
CA HIS B 119 12.89 -24.71 -4.40
C HIS B 119 12.86 -23.29 -4.95
N ASP B 120 13.86 -22.51 -4.51
CA ASP B 120 13.96 -21.07 -4.72
C ASP B 120 14.97 -20.81 -5.85
N ILE B 121 14.47 -20.36 -7.01
CA ILE B 121 15.34 -20.09 -8.15
C ILE B 121 16.14 -18.81 -7.85
N GLN B 122 15.43 -17.76 -7.41
CA GLN B 122 16.05 -16.45 -7.26
C GLN B 122 17.27 -16.55 -6.34
N ASN B 123 17.11 -17.27 -5.22
CA ASN B 123 18.14 -17.40 -4.20
C ASN B 123 19.06 -18.60 -4.45
N GLY B 124 18.82 -19.34 -5.55
CA GLY B 124 19.68 -20.45 -5.98
C GLY B 124 19.82 -21.55 -4.92
N LEU B 125 18.74 -21.79 -4.15
CA LEU B 125 18.75 -22.67 -2.98
C LEU B 125 17.59 -23.67 -3.02
N ASP B 126 17.87 -24.92 -2.61
CA ASP B 126 16.84 -25.87 -2.22
C ASP B 126 16.88 -26.03 -0.71
N ILE B 127 15.73 -25.81 -0.06
CA ILE B 127 15.68 -25.79 1.38
C ILE B 127 14.76 -26.90 1.88
N THR B 128 15.08 -27.39 3.09
CA THR B 128 14.32 -28.42 3.74
C THR B 128 14.00 -27.92 5.14
N THR B 129 12.72 -27.89 5.47
CA THR B 129 12.31 -27.61 6.83
C THR B 129 11.62 -28.86 7.36
N SER B 130 12.23 -29.48 8.34
CA SER B 130 11.58 -30.62 8.96
C SER B 130 11.14 -30.27 10.39
N PHE B 131 9.96 -30.73 10.77
CA PHE B 131 9.33 -30.33 12.01
C PHE B 131 8.82 -31.59 12.70
N VAL B 132 9.07 -31.70 14.01
CA VAL B 132 8.58 -32.85 14.76
C VAL B 132 8.05 -32.38 16.10
N LYS B 133 6.97 -33.04 16.57
CA LYS B 133 6.47 -32.83 17.91
C LYS B 133 6.87 -33.99 18.82
N ILE B 134 7.11 -33.64 20.09
CA ILE B 134 7.57 -34.58 21.10
C ILE B 134 6.69 -34.35 22.31
N PRO B 135 5.73 -35.25 22.58
CA PRO B 135 4.80 -35.07 23.69
C PRO B 135 5.49 -35.20 25.06
N GLY B 136 4.88 -34.62 26.08
CA GLY B 136 5.40 -34.61 27.44
C GLY B 136 5.01 -33.33 28.17
N GLY B 137 4.62 -33.47 29.43
CA GLY B 137 4.28 -32.33 30.27
C GLY B 137 2.83 -31.90 30.11
N ALA B 138 2.48 -30.76 30.74
CA ALA B 138 1.10 -30.31 30.81
C ALA B 138 0.79 -29.15 29.84
N HIS B 139 1.73 -28.83 28.94
CA HIS B 139 1.63 -27.57 28.19
C HIS B 139 1.74 -27.81 26.69
N GLY B 140 1.43 -29.04 26.24
CA GLY B 140 1.31 -29.33 24.81
C GLY B 140 2.60 -29.90 24.22
N GLY B 141 3.58 -30.18 25.06
CA GLY B 141 4.76 -30.94 24.65
C GLY B 141 5.85 -30.04 24.06
N SER B 142 6.77 -30.66 23.32
CA SER B 142 7.95 -29.97 22.83
C SER B 142 8.04 -30.12 21.33
N TRP B 143 9.03 -29.51 20.70
CA TRP B 143 9.16 -29.61 19.26
C TRP B 143 10.54 -29.19 18.79
N ALA B 144 10.85 -29.53 17.55
CA ALA B 144 12.15 -29.26 16.97
C ALA B 144 12.01 -29.11 15.47
N ALA B 145 12.90 -28.32 14.87
CA ALA B 145 12.93 -28.20 13.43
C ALA B 145 14.37 -28.16 12.95
N ARG B 146 14.60 -28.70 11.76
CA ARG B 146 15.89 -28.59 11.14
C ARG B 146 15.68 -27.85 9.83
N ILE B 147 16.45 -26.74 9.70
CA ILE B 147 16.52 -25.96 8.48
C ILE B 147 17.83 -26.31 7.78
N LYS B 148 17.70 -26.78 6.55
CA LYS B 148 18.86 -27.15 5.75
C LYS B 148 18.72 -26.53 4.37
N GLY B 149 19.77 -25.80 3.95
CA GLY B 149 19.82 -25.23 2.62
C GLY B 149 21.01 -25.75 1.82
N THR B 150 20.78 -25.99 0.53
CA THR B 150 21.77 -26.54 -0.39
C THR B 150 21.68 -25.76 -1.70
N LEU B 151 22.82 -25.16 -2.11
CA LEU B 151 22.87 -24.42 -3.37
C LEU B 151 22.65 -25.38 -4.53
N ASN B 152 21.85 -24.95 -5.51
CA ASN B 152 21.68 -25.68 -6.76
C ASN B 152 22.92 -25.46 -7.63
N ASP B 153 22.93 -26.08 -8.82
CA ASP B 153 24.11 -26.11 -9.68
C ASP B 153 24.42 -24.73 -10.27
N ASP B 154 23.38 -23.87 -10.42
CA ASP B 154 23.50 -22.61 -11.14
C ASP B 154 24.01 -21.48 -10.24
N ALA B 155 24.06 -21.71 -8.92
CA ALA B 155 24.38 -20.63 -7.99
C ALA B 155 25.89 -20.61 -7.71
N PRO B 156 26.50 -19.43 -7.49
CA PRO B 156 27.93 -19.36 -7.16
C PRO B 156 28.23 -20.14 -5.88
N LYS B 157 29.29 -20.96 -5.90
CA LYS B 157 29.53 -21.93 -4.85
C LYS B 157 29.80 -21.21 -3.53
N ASP B 158 30.17 -19.93 -3.61
CA ASP B 158 30.48 -19.20 -2.39
C ASP B 158 29.41 -18.14 -2.09
N GLN B 159 28.19 -18.30 -2.64
CA GLN B 159 27.12 -17.35 -2.38
C GLN B 159 26.94 -17.17 -0.86
N LYS B 160 26.66 -15.94 -0.45
CA LYS B 160 26.42 -15.65 0.95
C LYS B 160 24.91 -15.54 1.18
N THR B 161 24.41 -16.32 2.15
CA THR B 161 22.99 -16.33 2.48
C THR B 161 22.79 -15.85 3.91
N ILE B 162 21.88 -14.90 4.05
CA ILE B 162 21.42 -14.48 5.38
C ILE B 162 20.21 -15.33 5.71
N VAL B 163 20.22 -15.84 6.93
CA VAL B 163 19.09 -16.56 7.46
C VAL B 163 18.70 -15.94 8.80
N VAL B 164 17.40 -15.67 8.95
CA VAL B 164 16.93 -15.18 10.23
C VAL B 164 15.87 -16.13 10.77
N PHE B 165 15.97 -16.34 12.08
CA PHE B 165 14.88 -16.91 12.86
C PHE B 165 14.31 -15.83 13.78
N TYR B 166 13.03 -15.54 13.60
CA TYR B 166 12.34 -14.46 14.28
C TYR B 166 11.35 -15.07 15.26
N VAL B 167 11.35 -14.56 16.50
CA VAL B 167 10.52 -15.06 17.58
C VAL B 167 9.83 -13.86 18.23
N SER B 168 8.51 -13.97 18.47
CA SER B 168 7.78 -12.93 19.18
C SER B 168 6.92 -13.56 20.27
N GLN B 169 6.60 -12.79 21.33
CA GLN B 169 5.65 -13.31 22.32
C GLN B 169 4.65 -12.24 22.77
N GLU B 170 3.36 -12.55 22.58
CA GLU B 170 2.28 -11.66 22.96
C GLU B 170 1.63 -12.19 24.24
N GLY B 171 1.01 -11.30 25.00
CA GLY B 171 0.17 -11.78 26.09
C GLY B 171 0.64 -11.22 27.41
N GLU B 172 -0.30 -11.11 28.36
CA GLU B 172 0.00 -10.64 29.70
C GLU B 172 0.85 -11.69 30.42
N ASN B 173 1.64 -11.19 31.38
CA ASN B 173 2.31 -12.00 32.39
C ASN B 173 3.18 -13.05 31.71
N SER B 174 4.12 -12.59 30.89
CA SER B 174 4.97 -13.47 30.11
C SER B 174 6.37 -12.86 29.93
N GLU B 175 7.37 -13.73 29.92
CA GLU B 175 8.75 -13.30 29.82
C GLU B 175 9.38 -13.97 28.62
N LEU B 176 10.39 -13.33 28.07
CA LEU B 176 11.23 -14.01 27.12
C LEU B 176 12.56 -13.25 27.07
N GLU B 177 13.65 -14.01 27.24
CA GLU B 177 14.96 -13.44 27.47
C GLU B 177 16.01 -14.29 26.76
N ALA B 178 16.90 -13.65 26.02
CA ALA B 178 18.00 -14.35 25.38
C ALA B 178 19.17 -14.36 26.36
N VAL B 179 19.79 -15.53 26.54
CA VAL B 179 20.96 -15.64 27.40
C VAL B 179 22.17 -15.11 26.64
N PRO B 180 22.93 -14.13 27.21
CA PRO B 180 24.09 -13.52 26.53
C PRO B 180 25.14 -14.56 26.14
N SER B 181 25.90 -14.26 25.08
CA SER B 181 27.09 -15.05 24.79
C SER B 181 28.21 -14.71 25.78
N GLU B 182 29.27 -15.54 25.77
CA GLU B 182 30.48 -15.29 26.56
C GLU B 182 31.56 -14.74 25.64
N ASN B 183 31.20 -14.41 24.40
CA ASN B 183 32.09 -13.83 23.40
C ASN B 183 31.67 -12.39 23.11
N GLU B 184 32.56 -11.64 22.43
CA GLU B 184 32.48 -10.19 22.38
C GLU B 184 31.30 -9.73 21.50
N PHE B 185 31.28 -10.15 20.24
CA PHE B 185 30.41 -9.49 19.27
C PHE B 185 29.27 -10.43 18.87
N GLY B 186 29.08 -11.52 19.62
CA GLY B 186 28.06 -12.47 19.27
C GLY B 186 28.41 -13.87 19.75
N TYR B 187 27.78 -14.87 19.11
CA TYR B 187 27.81 -16.24 19.58
C TYR B 187 28.62 -17.09 18.60
N GLU B 188 29.43 -18.02 19.13
CA GLU B 188 29.94 -19.07 18.27
C GLU B 188 29.30 -20.41 18.60
N GLY B 189 28.47 -20.42 19.66
CA GLY B 189 27.74 -21.62 20.04
C GLY B 189 26.26 -21.51 19.68
N ASP B 190 25.43 -22.01 20.59
CA ASP B 190 23.98 -22.02 20.47
C ASP B 190 23.47 -20.74 21.09
N VAL B 191 22.32 -20.25 20.58
CA VAL B 191 21.56 -19.19 21.22
C VAL B 191 20.44 -19.83 22.03
N ILE B 192 20.34 -19.42 23.30
CA ILE B 192 19.37 -19.95 24.23
C ILE B 192 18.41 -18.84 24.65
N LEU B 193 17.13 -19.00 24.31
CA LEU B 193 16.08 -18.16 24.85
C LEU B 193 15.36 -18.93 25.94
N LYS B 194 15.18 -18.30 27.11
CA LYS B 194 14.36 -18.84 28.18
C LYS B 194 13.12 -17.96 28.35
N GLY B 195 11.94 -18.57 28.50
CA GLY B 195 10.72 -17.79 28.62
C GLY B 195 9.67 -18.47 29.49
N ARG B 196 8.57 -17.77 29.74
CA ARG B 196 7.48 -18.33 30.48
C ARG B 196 6.17 -17.60 30.12
N SER B 197 5.06 -18.34 30.13
CA SER B 197 3.75 -17.71 30.05
C SER B 197 2.77 -18.50 30.91
N GLU B 198 1.59 -17.94 31.17
CA GLU B 198 0.53 -18.68 31.84
C GLU B 198 0.29 -19.97 31.05
N ALA B 199 0.15 -19.82 29.73
CA ALA B 199 -0.31 -20.92 28.89
C ALA B 199 0.81 -21.94 28.65
N LEU B 200 2.07 -21.50 28.54
CA LEU B 200 3.10 -22.47 28.16
C LEU B 200 3.97 -22.90 29.36
N GLY B 201 3.70 -22.38 30.57
CA GLY B 201 4.62 -22.51 31.70
C GLY B 201 6.04 -22.07 31.30
N ASN B 202 7.06 -22.71 31.91
CA ASN B 202 8.45 -22.45 31.57
C ASN B 202 8.83 -23.25 30.32
N TYR B 203 9.68 -22.66 29.47
CA TYR B 203 10.19 -23.35 28.30
C TYR B 203 11.55 -22.77 27.95
N LYS B 204 12.20 -23.42 26.98
CA LYS B 204 13.51 -23.04 26.49
C LYS B 204 13.52 -23.26 24.98
N LEU B 205 14.05 -22.27 24.25
CA LEU B 205 14.12 -22.34 22.81
C LEU B 205 15.57 -22.13 22.38
N VAL B 206 16.12 -23.11 21.66
CA VAL B 206 17.53 -23.09 21.30
C VAL B 206 17.66 -22.96 19.77
N VAL B 207 18.50 -22.03 19.31
CA VAL B 207 18.91 -22.05 17.90
C VAL B 207 20.35 -22.53 17.84
N THR B 208 20.56 -23.69 17.22
CA THR B 208 21.86 -24.35 17.32
C THR B 208 22.87 -23.65 16.40
N LYS B 209 24.15 -23.81 16.76
CA LYS B 209 25.27 -23.22 16.03
C LYS B 209 25.11 -23.52 14.55
N GLY B 210 24.77 -24.78 14.26
CA GLY B 210 24.59 -25.28 12.91
C GLY B 210 25.92 -25.63 12.25
N LYS B 211 25.85 -26.03 10.98
CA LYS B 211 26.99 -26.45 10.19
C LYS B 211 26.97 -25.60 8.91
N GLY B 212 28.18 -25.37 8.35
CA GLY B 212 28.38 -24.56 7.16
C GLY B 212 29.41 -23.46 7.41
N VAL B 213 30.00 -22.93 6.33
CA VAL B 213 31.05 -21.94 6.44
C VAL B 213 30.45 -20.56 6.81
N ILE B 214 30.99 -19.96 7.89
CA ILE B 214 30.68 -18.58 8.28
C ILE B 214 31.75 -17.64 7.69
N PRO B 215 31.43 -16.74 6.71
CA PRO B 215 32.46 -15.92 6.08
C PRO B 215 33.03 -14.92 7.10
N GLN B 216 34.26 -14.49 6.84
CA GLN B 216 34.99 -13.68 7.81
C GLN B 216 35.41 -12.38 7.15
N SER B 217 35.39 -11.29 7.90
CA SER B 217 35.78 -10.00 7.33
C SER B 217 37.00 -9.44 8.04
N ASP B 218 37.97 -8.96 7.23
CA ASP B 218 39.14 -8.30 7.77
C ASP B 218 39.08 -6.81 7.47
N HIS B 219 37.89 -6.34 7.05
CA HIS B 219 37.56 -4.93 7.00
C HIS B 219 37.59 -4.32 8.41
N ASP B 220 37.83 -3.00 8.45
CA ASP B 220 38.00 -2.26 9.69
C ASP B 220 36.69 -2.18 10.47
N LEU B 221 35.55 -2.34 9.77
CA LEU B 221 34.25 -2.43 10.42
C LEU B 221 34.26 -3.54 11.49
N SER B 222 35.10 -4.58 11.28
CA SER B 222 35.15 -5.75 12.15
C SER B 222 35.51 -5.38 13.58
N ARG B 223 36.08 -4.17 13.77
CA ARG B 223 36.55 -3.71 15.08
C ARG B 223 35.34 -3.36 15.94
N LEU B 224 34.22 -3.10 15.28
CA LEU B 224 33.01 -2.63 15.93
C LEU B 224 31.95 -3.72 15.86
N ARG B 225 31.95 -4.48 14.76
CA ARG B 225 30.86 -5.40 14.46
C ARG B 225 31.33 -6.85 14.46
N GLY B 226 32.60 -7.10 14.82
CA GLY B 226 33.16 -8.44 14.84
C GLY B 226 33.48 -8.94 13.43
N PRO B 227 34.27 -10.04 13.28
CA PRO B 227 34.66 -10.54 11.96
C PRO B 227 33.55 -11.30 11.25
N GLY B 228 32.49 -11.63 11.99
CA GLY B 228 31.37 -12.38 11.45
C GLY B 228 30.96 -13.51 12.39
N GLN B 229 29.69 -13.50 12.82
CA GLN B 229 29.21 -14.45 13.81
C GLN B 229 27.70 -14.38 13.89
N THR B 230 27.11 -15.38 14.54
CA THR B 230 25.71 -15.37 14.94
C THR B 230 25.45 -14.18 15.87
N VAL B 231 24.30 -13.52 15.69
CA VAL B 231 23.91 -12.43 16.57
C VAL B 231 22.44 -12.55 16.94
N VAL B 232 22.09 -11.95 18.07
CA VAL B 232 20.71 -11.86 18.52
C VAL B 232 20.37 -10.40 18.83
N GLN B 233 19.21 -9.92 18.34
CA GLN B 233 18.64 -8.70 18.91
C GLN B 233 17.37 -9.03 19.69
N SER B 234 17.34 -8.57 20.93
CA SER B 234 16.17 -8.61 21.79
C SER B 234 15.54 -7.22 21.89
N LEU B 235 14.24 -7.14 21.54
CA LEU B 235 13.58 -5.87 21.29
C LEU B 235 12.19 -5.89 21.92
N THR B 236 11.61 -4.69 22.08
CA THR B 236 10.23 -4.52 22.53
C THR B 236 9.48 -3.71 21.49
N TYR B 237 8.38 -4.28 20.97
CA TYR B 237 7.54 -3.63 19.98
C TYR B 237 6.11 -3.66 20.49
N PRO B 238 5.19 -2.84 19.93
CA PRO B 238 3.79 -2.89 20.32
C PRO B 238 3.17 -4.23 19.87
N ASP B 239 2.20 -4.71 20.64
CA ASP B 239 1.50 -5.96 20.34
C ASP B 239 0.98 -6.03 18.90
N GLU B 240 0.53 -4.91 18.33
CA GLU B 240 -0.23 -4.95 17.10
C GLU B 240 0.68 -5.12 15.89
N VAL B 241 1.99 -5.06 16.10
CA VAL B 241 2.87 -5.10 14.95
C VAL B 241 3.74 -6.36 14.98
N LEU B 242 3.57 -7.20 16.03
CA LEU B 242 4.48 -8.32 16.21
C LEU B 242 4.46 -9.25 15.01
N TRP B 243 3.35 -9.30 14.26
CA TRP B 243 3.24 -10.22 13.13
C TRP B 243 4.07 -9.70 11.94
N GLN B 244 4.38 -8.39 11.94
CA GLN B 244 5.06 -7.74 10.81
C GLN B 244 6.57 -7.99 10.88
N ALA B 245 6.98 -9.26 10.67
CA ALA B 245 8.36 -9.66 10.88
C ALA B 245 9.34 -8.98 9.91
N LYS B 246 9.01 -8.96 8.60
CA LYS B 246 9.96 -8.48 7.61
C LYS B 246 10.16 -6.97 7.80
N PRO B 247 9.08 -6.18 7.98
CA PRO B 247 9.24 -4.77 8.29
C PRO B 247 10.07 -4.55 9.56
N ILE B 248 9.86 -5.37 10.59
CA ILE B 248 10.65 -5.16 11.79
C ILE B 248 12.12 -5.45 11.51
N LEU B 249 12.39 -6.50 10.73
CA LEU B 249 13.78 -6.83 10.47
C LEU B 249 14.40 -5.67 9.70
N PHE B 250 13.66 -5.15 8.74
CA PHE B 250 14.26 -4.17 7.86
C PHE B 250 14.45 -2.84 8.58
N GLN B 251 13.60 -2.58 9.56
CA GLN B 251 13.77 -1.43 10.42
C GLN B 251 15.09 -1.57 11.20
N GLN B 252 15.35 -2.80 11.68
CA GLN B 252 16.57 -3.06 12.42
C GLN B 252 17.80 -2.95 11.50
N LEU B 253 17.68 -3.42 10.26
CA LEU B 253 18.81 -3.39 9.35
C LEU B 253 19.13 -1.94 8.96
N LYS B 254 18.08 -1.13 8.74
CA LYS B 254 18.21 0.28 8.44
C LYS B 254 18.84 1.02 9.61
N ALA B 255 18.43 0.71 10.84
CA ALA B 255 19.04 1.37 11.99
C ALA B 255 20.55 1.09 11.96
N GLY B 256 20.90 -0.16 11.60
CA GLY B 256 22.26 -0.66 11.67
C GLY B 256 23.16 0.00 10.63
N ILE B 257 22.56 0.37 9.49
CA ILE B 257 23.24 1.06 8.42
C ILE B 257 23.35 2.55 8.77
N ASP B 258 22.32 3.13 9.38
CA ASP B 258 22.38 4.53 9.80
C ASP B 258 23.56 4.76 10.76
N TRP B 259 23.84 3.74 11.57
CA TRP B 259 24.78 3.81 12.68
C TRP B 259 26.21 3.96 12.13
N LEU B 260 26.41 3.58 10.87
CA LEU B 260 27.69 3.60 10.19
C LEU B 260 28.22 5.04 10.10
N VAL B 261 27.32 5.99 9.83
CA VAL B 261 27.70 7.35 9.55
C VAL B 261 27.98 8.11 10.86
N GLU B 262 27.75 7.47 12.01
CA GLU B 262 27.91 8.14 13.30
C GLU B 262 29.01 7.47 14.12
N ASN B 263 29.77 6.57 13.49
CA ASN B 263 30.69 5.71 14.21
C ASN B 263 32.00 5.57 13.44
N LYS B 264 33.07 5.29 14.20
CA LYS B 264 34.45 5.49 13.79
C LYS B 264 34.99 4.20 13.17
N TYR B 265 35.17 4.21 11.84
CA TYR B 265 35.81 3.12 11.10
C TYR B 265 36.17 3.64 9.70
N ASP B 266 37.10 2.95 9.04
CA ASP B 266 37.66 3.42 7.78
C ASP B 266 36.69 3.10 6.64
N VAL B 267 36.34 4.12 5.86
CA VAL B 267 35.30 3.95 4.85
C VAL B 267 35.92 4.11 3.47
N ALA B 268 37.25 4.09 3.42
CA ALA B 268 37.96 4.23 2.15
C ALA B 268 37.65 3.03 1.25
N ASP B 269 37.62 1.83 1.86
CA ASP B 269 37.42 0.59 1.15
C ASP B 269 36.01 0.07 1.39
N PRO B 270 35.31 -0.38 0.32
CA PRO B 270 33.95 -0.92 0.44
C PRO B 270 33.92 -2.17 1.34
N PRO B 271 33.07 -2.21 2.40
CA PRO B 271 33.01 -3.39 3.26
C PRO B 271 32.13 -4.46 2.61
N PRO B 272 32.19 -5.74 3.04
CA PRO B 272 31.40 -6.78 2.39
C PRO B 272 29.92 -6.57 2.67
N PRO B 273 29.04 -6.64 1.63
CA PRO B 273 27.60 -6.42 1.82
C PRO B 273 26.98 -7.23 2.96
N TRP B 274 27.39 -8.48 3.11
CA TRP B 274 26.91 -9.29 4.22
C TRP B 274 27.23 -8.66 5.58
N GLN B 275 28.36 -7.98 5.74
CA GLN B 275 28.73 -7.48 7.07
C GLN B 275 27.92 -6.23 7.40
N VAL B 276 27.63 -5.44 6.37
CA VAL B 276 26.85 -4.23 6.48
C VAL B 276 25.43 -4.58 6.92
N TYR B 277 24.94 -5.75 6.47
CA TYR B 277 23.63 -6.26 6.82
C TYR B 277 23.66 -7.21 8.03
N LEU B 278 24.81 -7.31 8.71
CA LEU B 278 24.88 -8.08 9.94
C LEU B 278 24.48 -7.21 11.12
N LEU B 279 23.34 -7.54 11.74
CA LEU B 279 22.84 -6.83 12.92
C LEU B 279 23.91 -6.80 14.02
N ALA B 280 23.88 -5.75 14.84
CA ALA B 280 24.73 -5.69 16.02
C ALA B 280 24.09 -6.54 17.11
N ASN B 281 24.95 -7.17 17.91
CA ASN B 281 24.51 -8.11 18.93
C ASN B 281 24.02 -7.32 20.14
N LYS B 282 22.78 -7.59 20.56
CA LYS B 282 22.11 -6.90 21.67
C LYS B 282 21.11 -7.85 22.31
N PRO B 283 21.57 -9.01 22.86
CA PRO B 283 20.66 -9.96 23.50
C PRO B 283 20.24 -9.44 24.86
N GLY B 284 19.01 -9.77 25.24
CA GLY B 284 18.45 -9.43 26.54
C GLY B 284 16.97 -9.78 26.59
N SER B 285 16.24 -9.03 27.40
CA SER B 285 14.82 -9.31 27.56
C SER B 285 14.04 -8.59 26.46
N GLY B 286 12.88 -9.12 26.05
CA GLY B 286 12.07 -8.45 25.05
C GLY B 286 10.92 -9.34 24.56
N ASN B 287 10.03 -8.81 23.71
CA ASN B 287 8.96 -9.61 23.15
C ASN B 287 9.22 -9.92 21.67
N VAL B 288 10.38 -9.47 21.16
CA VAL B 288 10.87 -9.82 19.82
C VAL B 288 12.34 -10.18 19.94
N HIS B 289 12.72 -11.31 19.34
CA HIS B 289 14.09 -11.79 19.28
C HIS B 289 14.40 -12.21 17.85
N ILE B 290 15.51 -11.65 17.32
CA ILE B 290 15.95 -11.87 15.97
C ILE B 290 17.28 -12.59 16.06
N VAL B 291 17.30 -13.84 15.59
CA VAL B 291 18.54 -14.58 15.52
C VAL B 291 18.99 -14.57 14.07
N GLN B 292 20.19 -14.06 13.84
CA GLN B 292 20.65 -13.93 12.47
C GLN B 292 21.98 -14.67 12.31
N LYS B 293 22.11 -15.31 11.15
CA LYS B 293 23.32 -15.98 10.74
C LYS B 293 23.62 -15.62 9.29
N VAL B 294 24.90 -15.65 8.97
CA VAL B 294 25.33 -15.55 7.58
C VAL B 294 26.13 -16.80 7.28
N PHE B 295 25.85 -17.41 6.13
CA PHE B 295 26.55 -18.61 5.70
C PHE B 295 27.12 -18.38 4.31
N GLU B 296 28.19 -19.13 4.01
CA GLU B 296 28.72 -19.22 2.67
C GLU B 296 28.60 -20.68 2.22
N GLY B 297 28.00 -20.88 1.05
CA GLY B 297 27.67 -22.21 0.58
C GLY B 297 26.52 -22.84 1.37
N ASP B 298 26.57 -24.17 1.49
CA ASP B 298 25.51 -24.96 2.11
C ASP B 298 25.50 -24.72 3.62
N PHE B 299 24.33 -24.92 4.24
CA PHE B 299 24.23 -24.69 5.67
C PHE B 299 23.12 -25.56 6.25
N GLU B 300 23.12 -25.64 7.58
CA GLU B 300 21.99 -26.16 8.31
C GLU B 300 22.12 -25.76 9.78
N PHE B 301 20.98 -25.68 10.46
CA PHE B 301 20.96 -25.53 11.89
C PHE B 301 19.64 -26.06 12.41
N ASP B 302 19.56 -26.24 13.74
CA ASP B 302 18.35 -26.72 14.39
C ASP B 302 17.72 -25.63 15.26
N ILE B 303 16.40 -25.74 15.43
CA ILE B 303 15.65 -25.07 16.47
C ILE B 303 15.05 -26.15 17.37
N LEU B 304 15.20 -25.95 18.70
CA LEU B 304 14.77 -26.92 19.71
C LEU B 304 13.92 -26.21 20.77
N PHE B 305 12.65 -26.62 20.85
CA PHE B 305 11.72 -26.10 21.84
C PHE B 305 11.45 -27.15 22.91
N SER B 306 11.95 -26.90 24.12
CA SER B 306 11.80 -27.79 25.26
C SER B 306 10.83 -27.20 26.28
N SER B 307 9.70 -27.89 26.45
CA SER B 307 8.71 -27.57 27.45
C SER B 307 9.26 -28.07 28.78
N GLU B 308 9.36 -27.18 29.76
CA GLU B 308 10.00 -27.59 31.00
C GLU B 308 9.25 -28.76 31.64
N SER B 309 7.89 -28.71 31.63
CA SER B 309 7.08 -29.69 32.33
C SER B 309 7.22 -31.12 31.76
N ALA B 310 7.74 -31.25 30.52
CA ALA B 310 8.09 -32.56 29.97
C ALA B 310 9.29 -33.14 30.73
N GLY B 311 9.96 -32.32 31.52
CA GLY B 311 11.03 -32.76 32.41
C GLY B 311 12.23 -33.36 31.67
N LYS B 312 12.29 -33.12 30.34
CA LYS B 312 13.40 -33.56 29.50
C LYS B 312 13.65 -32.57 28.37
N GLU B 313 14.92 -32.23 28.17
CA GLU B 313 15.33 -31.28 27.17
C GLU B 313 15.42 -32.00 25.82
N VAL B 314 14.93 -31.36 24.75
CA VAL B 314 15.02 -31.87 23.40
C VAL B 314 16.43 -31.62 22.89
N THR B 315 17.03 -32.63 22.23
CA THR B 315 18.37 -32.50 21.67
C THR B 315 18.28 -32.70 20.16
N SER B 316 19.37 -32.41 19.46
CA SER B 316 19.45 -32.62 18.02
C SER B 316 19.30 -34.11 17.66
N LYS B 317 19.82 -35.01 18.52
CA LYS B 317 19.71 -36.44 18.29
C LYS B 317 18.23 -36.88 18.38
N ASP B 318 17.51 -36.37 19.38
CA ASP B 318 16.07 -36.61 19.49
C ASP B 318 15.37 -36.21 18.20
N LEU B 319 15.78 -35.07 17.66
CA LEU B 319 15.20 -34.53 16.44
C LEU B 319 15.36 -35.54 15.30
N GLU B 320 16.59 -36.05 15.09
CA GLU B 320 16.86 -36.93 13.96
C GLU B 320 16.07 -38.23 14.12
N ARG B 321 15.95 -38.67 15.37
CA ARG B 321 15.29 -39.93 15.71
C ARG B 321 13.82 -39.81 15.33
N GLU B 322 13.18 -38.75 15.84
CA GLU B 322 11.74 -38.53 15.70
C GLU B 322 11.36 -38.22 14.25
N VAL B 323 12.24 -37.58 13.49
CA VAL B 323 11.95 -37.33 12.08
C VAL B 323 11.82 -38.65 11.34
N LYS B 324 12.82 -39.54 11.49
CA LYS B 324 12.82 -40.84 10.83
C LYS B 324 11.59 -41.67 11.26
N GLN B 325 11.25 -41.59 12.54
CA GLN B 325 10.15 -42.33 13.14
C GLN B 325 8.80 -41.86 12.58
N ALA B 326 8.61 -40.54 12.44
CA ALA B 326 7.35 -40.02 11.91
C ALA B 326 7.22 -40.28 10.40
N THR B 327 8.33 -40.24 9.66
CA THR B 327 8.31 -40.61 8.24
C THR B 327 7.80 -42.03 8.05
N GLU B 328 8.21 -42.94 8.93
CA GLU B 328 7.76 -44.33 8.85
C GLU B 328 6.26 -44.41 9.17
N VAL B 329 5.81 -43.73 10.23
CA VAL B 329 4.40 -43.80 10.58
C VAL B 329 3.53 -43.28 9.43
N PHE B 330 4.04 -42.27 8.72
CA PHE B 330 3.27 -41.63 7.66
C PHE B 330 3.00 -42.61 6.51
N GLY B 331 4.07 -43.23 5.99
CA GLY B 331 3.97 -44.15 4.86
C GLY B 331 3.05 -45.33 5.16
N GLU B 332 3.09 -45.78 6.42
CA GLU B 332 2.26 -46.89 6.90
C GLU B 332 0.79 -46.45 6.91
N ARG B 333 0.49 -45.32 7.57
CA ARG B 333 -0.89 -44.85 7.67
C ARG B 333 -1.46 -44.56 6.27
N PHE B 334 -0.61 -44.06 5.37
CA PHE B 334 -1.05 -43.68 4.04
C PHE B 334 -1.49 -44.91 3.25
N ALA B 335 -0.73 -46.00 3.38
CA ALA B 335 -1.03 -47.27 2.74
C ALA B 335 -2.42 -47.78 3.16
N ARG B 336 -2.72 -47.70 4.46
CA ARG B 336 -3.96 -48.21 5.03
C ARG B 336 -5.11 -47.25 4.67
N VAL B 337 -4.88 -45.93 4.76
CA VAL B 337 -5.98 -44.98 4.64
C VAL B 337 -6.32 -44.67 3.18
N PHE B 338 -5.29 -44.56 2.33
CA PHE B 338 -5.46 -44.25 0.91
C PHE B 338 -4.91 -45.38 0.04
N ASP B 339 -5.65 -46.50 0.01
CA ASP B 339 -5.32 -47.71 -0.74
C ASP B 339 -5.66 -47.45 -2.22
N LEU B 340 -4.69 -46.95 -2.96
CA LEU B 340 -4.98 -46.52 -4.33
C LEU B 340 -5.39 -47.74 -5.15
N LYS B 341 -6.42 -47.59 -5.97
CA LYS B 341 -6.97 -48.69 -6.74
C LYS B 341 -6.55 -48.58 -8.21
N ALA B 342 -6.63 -49.70 -8.92
CA ALA B 342 -6.29 -49.72 -10.33
C ALA B 342 -7.03 -48.60 -11.06
N PRO B 343 -6.42 -47.95 -12.08
CA PRO B 343 -5.05 -48.24 -12.50
C PRO B 343 -3.97 -47.33 -11.94
N PHE B 344 -4.12 -46.96 -10.65
CA PHE B 344 -3.25 -45.94 -10.05
C PHE B 344 -2.48 -46.54 -8.86
N GLN B 345 -2.11 -47.82 -9.01
CA GLN B 345 -1.41 -48.52 -7.95
C GLN B 345 0.10 -48.27 -8.06
N GLY B 346 0.55 -47.73 -9.21
CA GLY B 346 1.96 -47.43 -9.44
C GLY B 346 2.59 -46.52 -8.38
N ASP B 347 3.93 -46.53 -8.31
CA ASP B 347 4.69 -45.73 -7.36
C ASP B 347 4.53 -44.24 -7.70
N ASN B 348 4.40 -43.91 -8.99
CA ASN B 348 4.27 -42.53 -9.44
C ASN B 348 3.01 -41.89 -8.86
N TYR B 349 1.92 -42.68 -8.77
CA TYR B 349 0.65 -42.18 -8.27
C TYR B 349 0.65 -42.10 -6.75
N LYS B 350 1.34 -43.05 -6.11
CA LYS B 350 1.56 -43.02 -4.67
C LYS B 350 2.27 -41.71 -4.29
N LYS B 351 3.34 -41.35 -5.01
CA LYS B 351 4.09 -40.13 -4.71
C LYS B 351 3.19 -38.91 -4.95
N PHE B 352 2.44 -38.92 -6.07
CA PHE B 352 1.48 -37.88 -6.39
C PHE B 352 0.48 -37.71 -5.23
N GLY B 353 -0.13 -38.80 -4.80
CA GLY B 353 -1.15 -38.73 -3.77
C GLY B 353 -0.60 -38.24 -2.44
N LYS B 354 0.66 -38.60 -2.14
CA LYS B 354 1.22 -38.24 -0.84
C LYS B 354 1.50 -36.74 -0.82
N SER B 355 1.78 -36.19 -2.00
CA SER B 355 2.06 -34.77 -2.14
C SER B 355 0.75 -33.98 -2.03
N MET B 356 -0.25 -34.37 -2.83
CA MET B 356 -1.57 -33.76 -2.84
C MET B 356 -2.17 -33.71 -1.43
N PHE B 357 -2.11 -34.84 -0.72
CA PHE B 357 -2.70 -34.94 0.61
C PHE B 357 -1.88 -34.16 1.64
N SER B 358 -0.55 -34.38 1.66
CA SER B 358 0.33 -33.66 2.59
C SER B 358 0.17 -32.15 2.43
N ASN B 359 0.00 -31.69 1.19
CA ASN B 359 -0.15 -30.26 1.00
C ASN B 359 -1.47 -29.79 1.60
N LEU B 360 -2.53 -30.61 1.46
CA LEU B 360 -3.84 -30.23 1.93
C LEU B 360 -3.83 -30.09 3.46
N ILE B 361 -3.27 -31.08 4.14
CA ILE B 361 -3.41 -31.14 5.59
C ILE B 361 -2.33 -30.23 6.18
N GLY B 362 -1.25 -30.04 5.41
CA GLY B 362 -0.18 -29.15 5.80
C GLY B 362 -0.64 -27.69 5.79
N GLY B 363 -1.75 -27.41 5.10
CA GLY B 363 -2.27 -26.04 4.99
C GLY B 363 -2.98 -25.55 6.25
N ILE B 364 -3.13 -26.42 7.26
CA ILE B 364 -3.94 -26.06 8.42
C ILE B 364 -3.33 -24.84 9.12
N GLY B 365 -4.17 -23.82 9.34
CA GLY B 365 -3.75 -22.64 10.07
C GLY B 365 -4.54 -22.48 11.36
N TYR B 366 -3.91 -21.77 12.31
CA TYR B 366 -4.61 -21.20 13.45
C TYR B 366 -4.63 -19.68 13.32
N PHE B 367 -5.85 -19.12 13.30
CA PHE B 367 -6.11 -17.71 13.07
C PHE B 367 -6.83 -17.12 14.28
N TYR B 368 -6.35 -15.94 14.72
CA TYR B 368 -6.96 -15.28 15.86
C TYR B 368 -7.06 -13.78 15.61
N GLY B 369 -8.22 -13.22 15.97
CA GLY B 369 -8.40 -11.78 15.95
C GLY B 369 -9.86 -11.37 15.67
N HIS B 370 -10.00 -10.13 15.22
CA HIS B 370 -11.30 -9.52 15.02
C HIS B 370 -11.72 -9.74 13.58
N SER B 371 -13.04 -9.72 13.39
CA SER B 371 -13.65 -9.91 12.09
C SER B 371 -14.37 -8.61 11.71
N LEU B 372 -14.51 -8.35 10.40
CA LEU B 372 -15.26 -7.19 9.96
C LEU B 372 -16.68 -7.60 9.54
N VAL B 373 -17.66 -7.12 10.30
CA VAL B 373 -19.05 -7.46 10.04
C VAL B 373 -19.92 -6.20 10.04
N ASP B 374 -20.85 -6.15 9.07
CA ASP B 374 -21.92 -5.17 9.00
C ASP B 374 -23.13 -5.74 9.73
N ARG B 375 -23.43 -5.16 10.89
CA ARG B 375 -24.47 -5.66 11.78
C ARG B 375 -25.68 -4.72 11.75
N SER B 376 -25.85 -3.94 10.67
CA SER B 376 -26.96 -2.99 10.59
C SER B 376 -28.31 -3.68 10.35
N TYR B 377 -28.30 -4.85 9.66
CA TYR B 377 -29.53 -5.50 9.19
C TYR B 377 -30.41 -4.51 8.45
N ALA B 378 -29.78 -3.65 7.64
CA ALA B 378 -30.51 -2.69 6.84
C ALA B 378 -31.67 -3.35 6.06
N PRO B 379 -32.84 -2.69 5.93
CA PRO B 379 -33.95 -3.21 5.13
C PRO B 379 -33.69 -3.45 3.64
N GLU B 380 -32.73 -2.71 3.07
CA GLU B 380 -32.29 -2.98 1.70
C GLU B 380 -31.80 -4.43 1.58
N TYR B 381 -31.18 -4.95 2.66
CA TYR B 381 -30.53 -6.25 2.63
C TYR B 381 -31.57 -7.37 2.44
N ASP B 382 -32.86 -7.05 2.68
CA ASP B 382 -33.98 -7.96 2.48
C ASP B 382 -34.20 -8.28 0.99
N GLU B 383 -33.65 -7.45 0.09
CA GLU B 383 -33.71 -7.72 -1.34
C GLU B 383 -35.17 -7.93 -1.81
N GLU B 384 -36.08 -7.09 -1.35
CA GLU B 384 -37.48 -7.25 -1.73
C GLU B 384 -37.79 -6.68 -3.13
N ASN B 385 -37.07 -5.65 -3.58
CA ASN B 385 -37.49 -4.86 -4.74
C ASN B 385 -36.70 -5.26 -5.98
N GLU B 386 -37.24 -4.91 -7.15
CA GLU B 386 -36.46 -4.95 -8.38
C GLU B 386 -35.33 -3.94 -8.24
N GLY B 387 -34.17 -4.25 -8.83
CA GLY B 387 -32.96 -3.46 -8.68
C GLY B 387 -32.41 -3.49 -7.25
N PHE B 388 -32.72 -4.54 -6.47
CA PHE B 388 -32.29 -4.65 -5.08
C PHE B 388 -30.78 -4.41 -4.94
N TRP B 389 -30.01 -4.66 -6.00
CA TRP B 389 -28.55 -4.62 -5.88
C TRP B 389 -28.07 -3.18 -5.73
N GLU B 390 -28.79 -2.25 -6.37
CA GLU B 390 -28.62 -0.82 -6.17
C GLU B 390 -28.93 -0.42 -4.73
N ASP B 391 -30.05 -0.94 -4.18
CA ASP B 391 -30.41 -0.67 -2.79
C ASP B 391 -29.32 -1.15 -1.83
N ALA B 392 -28.70 -2.29 -2.13
CA ALA B 392 -27.65 -2.85 -1.30
C ALA B 392 -26.41 -1.94 -1.34
N ALA B 393 -26.09 -1.43 -2.53
CA ALA B 393 -24.93 -0.55 -2.65
C ALA B 393 -25.13 0.71 -1.81
N GLU B 394 -26.36 1.23 -1.76
CA GLU B 394 -26.69 2.37 -0.92
C GLU B 394 -26.44 2.06 0.55
N ALA B 395 -26.91 0.89 1.01
CA ALA B 395 -26.77 0.53 2.41
C ALA B 395 -25.29 0.33 2.75
N ARG B 396 -24.50 -0.13 1.76
CA ARG B 396 -23.09 -0.37 2.03
C ARG B 396 -22.40 0.98 2.18
N ALA B 397 -22.89 1.96 1.39
CA ALA B 397 -22.32 3.29 1.41
C ALA B 397 -22.55 3.96 2.77
N ARG B 398 -23.37 3.38 3.64
CA ARG B 398 -23.59 3.97 4.96
C ARG B 398 -22.50 3.51 5.94
N HIS B 399 -21.61 2.62 5.47
CA HIS B 399 -20.48 2.04 6.20
C HIS B 399 -20.78 1.83 7.69
N GLN B 400 -21.68 0.89 7.99
CA GLN B 400 -21.98 0.57 9.39
C GLN B 400 -21.09 -0.57 9.91
N GLU B 401 -20.23 -1.16 9.07
CA GLU B 401 -19.42 -2.31 9.51
C GLU B 401 -18.48 -1.92 10.66
N ALA B 402 -18.23 -2.88 11.55
CA ALA B 402 -17.28 -2.68 12.64
C ALA B 402 -16.52 -3.98 12.87
N LEU B 403 -15.32 -3.85 13.47
CA LEU B 403 -14.58 -5.01 13.91
C LEU B 403 -15.29 -5.62 15.11
N GLU B 404 -15.40 -6.95 15.12
CA GLU B 404 -15.98 -7.64 16.27
C GLU B 404 -15.14 -8.86 16.56
N GLY B 405 -15.32 -9.42 17.76
CA GLY B 405 -14.48 -10.50 18.25
C GLY B 405 -13.77 -10.12 19.56
N PRO B 406 -12.54 -10.60 19.83
CA PRO B 406 -11.76 -11.40 18.86
C PRO B 406 -12.33 -12.82 18.73
N TYR B 407 -12.00 -13.48 17.61
CA TYR B 407 -12.38 -14.86 17.39
C TYR B 407 -11.14 -15.67 17.05
N GLU B 408 -11.28 -17.01 17.10
CA GLU B 408 -10.26 -17.96 16.65
C GLU B 408 -10.87 -18.95 15.66
N LEU B 409 -10.01 -19.49 14.78
CA LEU B 409 -10.40 -20.50 13.81
C LEU B 409 -9.20 -21.41 13.56
N PHE B 410 -9.44 -22.71 13.69
CA PHE B 410 -8.48 -23.73 13.32
C PHE B 410 -9.03 -24.41 12.07
N THR B 411 -8.32 -24.30 10.95
CA THR B 411 -8.94 -24.64 9.68
C THR B 411 -7.88 -24.90 8.64
N SER B 412 -8.21 -25.72 7.64
CA SER B 412 -7.39 -25.79 6.44
C SER B 412 -7.82 -24.65 5.52
N ILE B 413 -7.12 -24.48 4.40
CA ILE B 413 -7.21 -23.27 3.59
C ILE B 413 -7.13 -23.70 2.12
N PRO B 414 -7.70 -22.92 1.18
CA PRO B 414 -7.53 -23.19 -0.25
C PRO B 414 -6.12 -23.07 -0.80
N SER B 415 -5.35 -22.07 -0.36
CA SER B 415 -4.07 -21.80 -1.01
C SER B 415 -3.15 -21.00 -0.09
N ARG B 416 -1.91 -21.45 0.06
CA ARG B 416 -0.96 -20.76 0.93
C ARG B 416 -0.62 -19.36 0.39
N PRO B 417 -0.15 -19.22 -0.86
CA PRO B 417 0.20 -17.89 -1.39
C PRO B 417 -0.97 -16.94 -1.65
N PHE B 418 -2.18 -17.46 -1.96
CA PHE B 418 -3.24 -16.58 -2.43
C PHE B 418 -4.37 -16.44 -1.41
N PHE B 419 -4.83 -17.54 -0.81
CA PHE B 419 -6.04 -17.48 -0.02
C PHE B 419 -5.79 -18.13 1.35
N PRO B 420 -4.80 -17.66 2.15
CA PRO B 420 -4.49 -18.30 3.41
C PRO B 420 -5.51 -17.85 4.46
N ARG B 421 -6.75 -18.37 4.36
CA ARG B 421 -7.78 -18.10 5.36
C ARG B 421 -8.92 -19.08 5.13
N GLY B 422 -9.90 -19.10 6.04
CA GLY B 422 -10.98 -20.05 5.94
C GLY B 422 -12.08 -19.57 4.99
N PHE B 423 -12.53 -20.46 4.10
CA PHE B 423 -13.69 -20.31 3.22
C PHE B 423 -14.67 -21.44 3.53
N LEU B 424 -15.95 -21.08 3.75
CA LEU B 424 -16.93 -21.93 4.37
C LEU B 424 -17.22 -23.17 3.53
N TRP B 425 -17.57 -23.03 2.24
CA TRP B 425 -17.92 -24.23 1.48
C TRP B 425 -16.68 -25.00 1.00
N ASP B 426 -15.52 -24.33 0.88
CA ASP B 426 -14.26 -25.01 0.55
C ASP B 426 -13.95 -26.06 1.61
N GLU B 427 -14.17 -25.68 2.90
CA GLU B 427 -13.79 -26.50 4.05
C GLU B 427 -14.54 -27.85 4.06
N GLY B 428 -15.78 -27.86 3.57
CA GLY B 428 -16.48 -29.13 3.45
C GLY B 428 -15.70 -30.08 2.55
N PHE B 429 -15.11 -29.56 1.47
CA PHE B 429 -14.38 -30.43 0.57
C PHE B 429 -13.02 -30.79 1.19
N HIS B 430 -12.36 -29.84 1.87
CA HIS B 430 -11.06 -30.11 2.49
C HIS B 430 -11.13 -31.27 3.49
N LEU B 431 -12.23 -31.35 4.24
CA LEU B 431 -12.23 -32.22 5.41
C LEU B 431 -12.58 -33.65 4.98
N LEU B 432 -13.03 -33.83 3.73
CA LEU B 432 -13.37 -35.17 3.27
C LEU B 432 -12.13 -36.08 3.29
N PRO B 433 -10.99 -35.72 2.65
CA PRO B 433 -9.77 -36.50 2.80
C PRO B 433 -9.17 -36.47 4.21
N ILE B 434 -9.32 -35.35 4.92
CA ILE B 434 -8.74 -35.20 6.26
C ILE B 434 -9.50 -36.09 7.27
N ALA B 435 -10.81 -36.23 7.06
CA ALA B 435 -11.63 -37.05 7.95
C ALA B 435 -11.16 -38.50 7.89
N ASP B 436 -10.84 -38.97 6.67
CA ASP B 436 -10.33 -40.33 6.44
C ASP B 436 -9.04 -40.52 7.24
N TRP B 437 -8.13 -39.54 7.13
CA TRP B 437 -6.85 -39.59 7.83
C TRP B 437 -7.03 -39.58 9.34
N ASP B 438 -7.95 -38.75 9.87
CA ASP B 438 -7.92 -38.38 11.29
C ASP B 438 -9.25 -37.73 11.64
N ILE B 439 -10.24 -38.56 12.00
CA ILE B 439 -11.60 -38.10 12.11
C ILE B 439 -11.68 -37.11 13.28
N ASP B 440 -10.82 -37.27 14.29
CA ASP B 440 -10.84 -36.38 15.44
C ASP B 440 -10.33 -34.97 15.08
N LEU B 441 -9.35 -34.88 14.17
CA LEU B 441 -8.86 -33.58 13.68
C LEU B 441 -9.98 -32.87 12.91
N ALA B 442 -10.66 -33.61 12.02
CA ALA B 442 -11.78 -33.03 11.27
C ALA B 442 -12.87 -32.55 12.25
N LEU B 443 -13.13 -33.29 13.33
CA LEU B 443 -14.17 -32.87 14.24
C LEU B 443 -13.76 -31.60 15.02
N GLU B 444 -12.44 -31.41 15.27
CA GLU B 444 -11.97 -30.18 15.89
C GLU B 444 -12.24 -29.01 14.95
N ILE B 445 -11.95 -29.20 13.66
CA ILE B 445 -12.05 -28.14 12.69
C ILE B 445 -13.53 -27.77 12.53
N ILE B 446 -14.42 -28.77 12.49
CA ILE B 446 -15.84 -28.50 12.32
C ILE B 446 -16.35 -27.72 13.53
N LYS B 447 -15.90 -28.11 14.73
CA LYS B 447 -16.34 -27.50 15.95
C LYS B 447 -15.83 -26.06 15.99
N SER B 448 -14.58 -25.86 15.50
CA SER B 448 -13.98 -24.54 15.38
C SER B 448 -14.88 -23.62 14.54
N TRP B 449 -15.29 -24.09 13.35
CA TRP B 449 -16.15 -23.30 12.47
C TRP B 449 -17.49 -23.00 13.14
N TYR B 450 -18.14 -24.02 13.70
CA TYR B 450 -19.49 -23.83 14.23
C TYR B 450 -19.45 -22.98 15.50
N ASN B 451 -18.26 -22.83 16.06
CA ASN B 451 -18.04 -21.93 17.17
C ASN B 451 -18.16 -20.46 16.73
N LEU B 452 -18.14 -20.20 15.42
CA LEU B 452 -18.25 -18.84 14.91
C LEU B 452 -19.69 -18.52 14.51
N MET B 453 -20.61 -19.46 14.74
CA MET B 453 -22.00 -19.22 14.39
C MET B 453 -22.58 -18.18 15.37
N ASP B 454 -23.27 -17.17 14.83
CA ASP B 454 -23.96 -16.19 15.69
C ASP B 454 -25.30 -16.75 16.18
N GLU B 455 -26.07 -15.93 16.90
CA GLU B 455 -27.26 -16.41 17.58
C GLU B 455 -28.39 -16.71 16.59
N ASP B 456 -28.26 -16.23 15.34
CA ASP B 456 -29.33 -16.39 14.35
C ASP B 456 -29.06 -17.63 13.50
N GLY B 457 -27.80 -18.08 13.50
CA GLY B 457 -27.39 -19.24 12.72
C GLY B 457 -26.48 -18.90 11.54
N TRP B 458 -25.88 -17.70 11.56
CA TRP B 458 -25.02 -17.23 10.48
C TRP B 458 -23.55 -17.47 10.81
N ILE B 459 -22.82 -18.01 9.82
CA ILE B 459 -21.36 -18.08 9.81
C ILE B 459 -20.90 -17.34 8.57
N ALA B 460 -20.02 -16.35 8.73
CA ALA B 460 -19.43 -15.64 7.61
C ALA B 460 -18.76 -16.63 6.65
N ARG B 461 -18.97 -16.46 5.34
CA ARG B 461 -18.50 -17.39 4.34
C ARG B 461 -16.99 -17.29 4.21
N GLU B 462 -16.44 -16.14 4.60
CA GLU B 462 -15.01 -15.90 4.48
C GLU B 462 -14.50 -15.37 5.83
N GLN B 463 -13.62 -16.12 6.48
CA GLN B 463 -13.22 -15.83 7.84
C GLN B 463 -11.81 -15.20 7.81
N ILE B 464 -11.76 -13.90 8.10
CA ILE B 464 -10.53 -13.14 8.03
C ILE B 464 -10.25 -12.61 9.44
N LEU B 465 -9.51 -13.36 10.25
CA LEU B 465 -9.39 -13.01 11.65
C LEU B 465 -7.99 -12.45 11.90
N GLY B 466 -7.93 -11.20 12.37
CA GLY B 466 -6.67 -10.53 12.73
C GLY B 466 -6.05 -9.69 11.59
N ALA B 467 -5.24 -8.71 11.98
CA ALA B 467 -4.57 -7.78 11.10
C ALA B 467 -3.67 -8.55 10.12
N GLU B 468 -3.03 -9.61 10.62
CA GLU B 468 -2.16 -10.44 9.79
C GLU B 468 -2.94 -11.01 8.60
N ALA B 469 -4.13 -11.56 8.87
CA ALA B 469 -4.97 -12.16 7.84
C ALA B 469 -5.48 -11.06 6.92
N ARG B 470 -5.78 -9.89 7.52
CA ARG B 470 -6.39 -8.79 6.80
C ARG B 470 -5.42 -8.22 5.77
N SER B 471 -4.12 -8.25 6.11
CA SER B 471 -3.10 -7.60 5.31
C SER B 471 -3.09 -8.14 3.87
N LYS B 472 -3.66 -9.32 3.63
CA LYS B 472 -3.50 -9.97 2.33
C LYS B 472 -4.74 -9.72 1.48
N VAL B 473 -5.75 -9.10 2.10
CA VAL B 473 -7.10 -9.06 1.55
C VAL B 473 -7.48 -7.63 1.20
N PRO B 474 -7.72 -7.34 -0.10
CA PRO B 474 -8.19 -6.02 -0.53
C PRO B 474 -9.51 -5.66 0.16
N LYS B 475 -9.66 -4.36 0.47
CA LYS B 475 -10.65 -3.89 1.44
C LYS B 475 -12.07 -4.22 0.97
N GLU B 476 -12.31 -4.20 -0.34
CA GLU B 476 -13.67 -4.45 -0.83
C GLU B 476 -14.15 -5.84 -0.43
N PHE B 477 -13.21 -6.78 -0.19
CA PHE B 477 -13.60 -8.14 0.17
C PHE B 477 -13.65 -8.41 1.67
N GLN B 478 -13.41 -7.39 2.53
CA GLN B 478 -13.24 -7.73 3.93
C GLN B 478 -14.57 -7.88 4.67
N THR B 479 -15.53 -6.98 4.40
CA THR B 479 -16.75 -6.92 5.20
C THR B 479 -17.60 -8.15 4.94
N GLN B 480 -18.11 -8.72 6.03
CA GLN B 480 -18.98 -9.89 5.99
C GLN B 480 -20.43 -9.47 6.28
N TYR B 481 -21.39 -10.03 5.52
CA TYR B 481 -22.81 -9.66 5.57
C TYR B 481 -23.62 -10.82 6.17
N PRO B 482 -24.32 -10.58 7.28
CA PRO B 482 -25.17 -11.61 7.90
C PRO B 482 -26.32 -12.17 7.06
N HIS B 483 -26.50 -11.69 5.84
CA HIS B 483 -27.53 -12.28 4.98
C HIS B 483 -26.87 -13.10 3.86
N TYR B 484 -25.55 -13.24 3.89
CA TYR B 484 -24.79 -13.95 2.86
C TYR B 484 -24.55 -15.40 3.28
N ALA B 485 -25.08 -16.33 2.49
CA ALA B 485 -24.86 -17.74 2.73
C ALA B 485 -23.66 -18.24 1.91
N ASN B 486 -23.37 -19.54 2.08
CA ASN B 486 -22.42 -20.30 1.29
C ASN B 486 -22.90 -21.74 1.32
N PRO B 487 -22.58 -22.61 0.34
CA PRO B 487 -23.02 -24.01 0.41
C PRO B 487 -22.61 -24.69 1.72
N PRO B 488 -23.55 -25.44 2.34
CA PRO B 488 -23.29 -26.14 3.60
C PRO B 488 -22.60 -27.50 3.40
N THR B 489 -21.43 -27.48 2.74
CA THR B 489 -20.66 -28.69 2.45
C THR B 489 -20.16 -29.38 3.73
N LEU B 490 -19.96 -28.63 4.84
CA LEU B 490 -19.56 -29.30 6.07
C LEU B 490 -20.53 -30.44 6.43
N PHE B 491 -21.76 -30.39 5.91
CA PHE B 491 -22.74 -31.42 6.22
C PHE B 491 -22.32 -32.76 5.60
N LEU B 492 -21.56 -32.70 4.48
CA LEU B 492 -21.15 -33.93 3.80
C LEU B 492 -20.09 -34.64 4.63
N VAL B 493 -19.24 -33.88 5.33
CA VAL B 493 -18.29 -34.52 6.25
C VAL B 493 -19.05 -35.20 7.38
N LEU B 494 -20.12 -34.55 7.85
CA LEU B 494 -20.81 -35.12 8.99
C LEU B 494 -21.51 -36.41 8.56
N ASP B 495 -21.92 -36.50 7.28
CA ASP B 495 -22.57 -37.69 6.76
C ASP B 495 -21.59 -38.88 6.80
N ASN B 496 -20.34 -38.62 6.40
CA ASN B 496 -19.29 -39.64 6.47
C ASN B 496 -19.06 -40.06 7.91
N PHE B 497 -19.01 -39.08 8.82
CA PHE B 497 -18.83 -39.37 10.22
C PHE B 497 -19.96 -40.27 10.75
N VAL B 498 -21.22 -39.93 10.46
CA VAL B 498 -22.39 -40.71 10.91
C VAL B 498 -22.27 -42.14 10.39
N GLU B 499 -21.93 -42.28 9.11
CA GLU B 499 -21.70 -43.58 8.49
C GLU B 499 -20.76 -44.41 9.37
N ARG B 500 -19.62 -43.82 9.72
CA ARG B 500 -18.58 -44.46 10.50
C ARG B 500 -19.07 -44.82 11.91
N LEU B 501 -19.92 -43.98 12.50
CA LEU B 501 -20.49 -44.32 13.81
C LEU B 501 -21.37 -45.57 13.72
N ARG B 502 -22.11 -45.73 12.60
CA ARG B 502 -23.00 -46.88 12.43
C ARG B 502 -22.18 -48.18 12.34
N LYS B 503 -21.16 -48.21 11.47
CA LYS B 503 -20.43 -49.42 11.14
C LYS B 503 -19.86 -50.11 12.40
N THR B 520 -4.85 -44.66 19.86
CA THR B 520 -4.52 -43.52 18.94
C THR B 520 -5.67 -42.52 18.88
N LEU B 521 -5.36 -41.27 19.24
CA LEU B 521 -6.33 -40.20 19.46
C LEU B 521 -7.09 -39.86 18.16
N SER B 522 -6.45 -40.13 17.02
CA SER B 522 -7.02 -39.93 15.69
C SER B 522 -8.44 -40.48 15.57
N THR B 523 -8.72 -41.64 16.20
CA THR B 523 -10.01 -42.28 15.97
C THR B 523 -10.80 -42.47 17.28
N ALA B 524 -10.35 -41.80 18.35
CA ALA B 524 -10.92 -41.98 19.69
C ALA B 524 -12.43 -41.78 19.65
N SER B 525 -12.91 -40.99 18.69
CA SER B 525 -14.31 -40.57 18.67
C SER B 525 -15.20 -41.61 17.99
N VAL B 526 -14.60 -42.52 17.21
CA VAL B 526 -15.36 -43.61 16.64
C VAL B 526 -15.12 -44.91 17.43
N ASP B 527 -13.90 -45.08 17.97
CA ASP B 527 -13.54 -46.34 18.62
C ASP B 527 -14.42 -46.58 19.85
N ASN B 528 -14.66 -45.52 20.62
CA ASN B 528 -15.79 -45.48 21.55
C ASN B 528 -16.88 -44.64 20.91
N PRO B 529 -17.93 -45.25 20.31
CA PRO B 529 -18.96 -44.47 19.60
C PRO B 529 -19.83 -43.59 20.49
N GLU B 530 -19.82 -43.82 21.81
CA GLU B 530 -20.54 -42.97 22.76
C GLU B 530 -19.92 -41.55 22.81
N VAL B 531 -18.62 -41.46 22.49
CA VAL B 531 -17.91 -40.19 22.45
C VAL B 531 -18.40 -39.42 21.22
N GLY B 532 -18.35 -40.09 20.07
CA GLY B 532 -18.83 -39.56 18.82
C GLY B 532 -20.29 -39.12 18.94
N LEU B 533 -21.10 -39.93 19.65
CA LEU B 533 -22.52 -39.63 19.79
C LEU B 533 -22.71 -38.37 20.64
N GLU B 534 -21.88 -38.20 21.68
CA GLU B 534 -22.00 -37.02 22.50
C GLU B 534 -21.57 -35.76 21.71
N TYR B 535 -20.60 -35.93 20.81
CA TYR B 535 -20.21 -34.84 19.93
C TYR B 535 -21.39 -34.39 19.07
N LEU B 536 -22.13 -35.34 18.48
CA LEU B 536 -23.27 -34.97 17.65
C LEU B 536 -24.34 -34.32 18.51
N ARG B 537 -24.49 -34.81 19.75
CA ARG B 537 -25.52 -34.30 20.64
C ARG B 537 -25.23 -32.82 20.93
N ARG B 538 -23.94 -32.47 21.06
CA ARG B 538 -23.58 -31.09 21.34
C ARG B 538 -23.64 -30.22 20.08
N LEU B 539 -23.33 -30.80 18.91
CA LEU B 539 -23.30 -30.01 17.68
C LEU B 539 -24.72 -29.80 17.11
N TYR B 540 -25.64 -30.75 17.35
CA TYR B 540 -26.89 -30.83 16.58
C TYR B 540 -27.75 -29.56 16.71
N PRO B 541 -27.89 -28.92 17.90
CA PRO B 541 -28.61 -27.64 18.00
C PRO B 541 -28.11 -26.58 17.01
N LEU B 542 -26.80 -26.52 16.76
CA LEU B 542 -26.25 -25.51 15.84
C LEU B 542 -26.59 -25.87 14.39
N LEU B 543 -26.55 -27.16 14.04
CA LEU B 543 -26.95 -27.60 12.70
C LEU B 543 -28.42 -27.24 12.45
N ARG B 544 -29.31 -27.48 13.43
CA ARG B 544 -30.72 -27.10 13.32
C ARG B 544 -30.85 -25.59 13.16
N ARG B 545 -30.07 -24.85 13.95
CA ARG B 545 -30.13 -23.39 13.89
C ARG B 545 -29.72 -22.92 12.49
N GLN B 546 -28.64 -23.48 11.93
CA GLN B 546 -28.19 -23.09 10.61
C GLN B 546 -29.23 -23.46 9.55
N PHE B 547 -29.89 -24.62 9.70
CA PHE B 547 -30.91 -25.04 8.76
C PHE B 547 -32.09 -24.04 8.79
N ASP B 548 -32.50 -23.64 10.01
CA ASP B 548 -33.59 -22.67 10.15
C ASP B 548 -33.18 -21.34 9.50
N TRP B 549 -31.93 -20.94 9.74
CA TRP B 549 -31.39 -19.70 9.20
C TRP B 549 -31.48 -19.69 7.67
N PHE B 550 -31.10 -20.78 6.99
CA PHE B 550 -31.23 -20.87 5.53
C PHE B 550 -32.68 -20.69 5.09
N ARG B 551 -33.61 -21.37 5.75
CA ARG B 551 -35.00 -21.36 5.27
C ARG B 551 -35.66 -20.01 5.56
N LYS B 552 -35.11 -19.25 6.52
CA LYS B 552 -35.61 -17.92 6.81
C LYS B 552 -34.94 -16.87 5.92
N THR B 553 -33.60 -16.84 5.86
CA THR B 553 -32.92 -15.72 5.21
C THR B 553 -32.82 -15.93 3.69
N GLN B 554 -32.87 -17.18 3.20
CA GLN B 554 -32.70 -17.40 1.78
C GLN B 554 -34.01 -17.90 1.13
N ALA B 555 -35.15 -17.59 1.75
CA ALA B 555 -36.44 -18.01 1.19
C ALA B 555 -36.64 -17.38 -0.18
N GLY B 556 -37.14 -18.16 -1.14
CA GLY B 556 -37.68 -17.61 -2.38
C GLY B 556 -39.19 -17.39 -2.29
N ASP B 557 -39.81 -16.94 -3.40
CA ASP B 557 -41.19 -16.49 -3.36
C ASP B 557 -42.07 -17.30 -4.32
N ILE B 558 -42.98 -18.10 -3.74
CA ILE B 558 -43.98 -18.80 -4.52
C ILE B 558 -45.28 -17.99 -4.52
N LYS B 559 -45.66 -17.45 -3.34
CA LYS B 559 -47.03 -17.03 -3.02
C LYS B 559 -47.42 -15.77 -3.78
N SER B 560 -46.49 -14.82 -3.89
CA SER B 560 -46.83 -13.51 -4.43
C SER B 560 -46.80 -13.47 -5.97
N TYR B 561 -46.59 -14.60 -6.65
CA TYR B 561 -46.58 -14.60 -8.10
C TYR B 561 -47.57 -15.64 -8.62
N ASP B 562 -47.78 -15.65 -9.94
CA ASP B 562 -48.55 -16.70 -10.57
C ASP B 562 -47.68 -17.95 -10.72
N ARG B 563 -47.60 -18.74 -9.64
CA ARG B 563 -46.68 -19.88 -9.54
C ARG B 563 -47.40 -21.01 -8.85
N GLU B 564 -47.46 -22.18 -9.51
CA GLU B 564 -48.09 -23.38 -8.99
C GLU B 564 -47.01 -24.37 -8.53
N ALA B 565 -47.22 -24.98 -7.36
CA ALA B 565 -46.22 -25.88 -6.80
C ALA B 565 -46.87 -26.82 -5.79
N TYR B 566 -46.31 -28.03 -5.69
CA TYR B 566 -46.79 -29.01 -4.73
C TYR B 566 -46.69 -28.44 -3.31
N SER B 567 -45.66 -27.61 -3.08
CA SER B 567 -45.54 -26.93 -1.79
C SER B 567 -45.30 -25.47 -2.07
N THR B 568 -46.01 -24.63 -1.31
CA THR B 568 -45.84 -23.18 -1.41
C THR B 568 -44.79 -22.74 -0.39
N LYS B 569 -44.02 -23.68 0.16
CA LYS B 569 -43.08 -23.31 1.20
C LYS B 569 -41.64 -23.49 0.73
N GLU B 570 -41.37 -24.56 -0.02
CA GLU B 570 -40.02 -24.94 -0.39
C GLU B 570 -39.58 -24.23 -1.67
N ALA B 571 -38.78 -23.16 -1.50
CA ALA B 571 -38.20 -22.44 -2.63
C ALA B 571 -37.20 -21.40 -2.12
N TYR B 572 -36.14 -21.16 -2.91
CA TYR B 572 -34.94 -20.58 -2.33
C TYR B 572 -34.26 -19.65 -3.33
N ARG B 573 -33.65 -18.58 -2.79
CA ARG B 573 -32.98 -17.59 -3.62
C ARG B 573 -31.73 -17.07 -2.89
N TRP B 574 -30.55 -17.26 -3.51
CA TRP B 574 -29.30 -16.80 -2.92
C TRP B 574 -29.36 -15.28 -2.74
N ARG B 575 -29.24 -14.81 -1.50
CA ARG B 575 -29.02 -13.39 -1.30
C ARG B 575 -27.66 -12.98 -1.86
N GLY B 576 -27.51 -11.69 -2.19
CA GLY B 576 -26.21 -11.08 -2.46
C GLY B 576 -25.80 -11.12 -3.94
N ARG B 577 -26.77 -11.27 -4.84
CA ARG B 577 -26.29 -11.30 -6.21
C ARG B 577 -26.21 -9.89 -6.81
N THR B 578 -25.35 -9.74 -7.81
CA THR B 578 -25.20 -8.52 -8.56
C THR B 578 -25.50 -8.88 -10.01
N VAL B 579 -25.38 -7.92 -10.92
CA VAL B 579 -25.78 -8.15 -12.32
C VAL B 579 -25.01 -9.33 -12.93
N SER B 580 -23.72 -9.47 -12.63
CA SER B 580 -22.94 -10.44 -13.39
C SER B 580 -22.44 -11.61 -12.52
N HIS B 581 -22.91 -11.70 -11.26
CA HIS B 581 -22.27 -12.61 -10.31
C HIS B 581 -23.30 -13.20 -9.34
N CYS B 582 -22.86 -14.29 -8.66
CA CYS B 582 -23.53 -14.83 -7.50
C CYS B 582 -22.49 -15.45 -6.56
N LEU B 583 -21.81 -14.58 -5.79
CA LEU B 583 -20.62 -14.98 -5.06
C LEU B 583 -21.00 -15.92 -3.91
N THR B 584 -22.21 -15.75 -3.37
CA THR B 584 -22.58 -16.54 -2.21
C THR B 584 -22.77 -18.02 -2.58
N SER B 585 -23.17 -18.29 -3.83
CA SER B 585 -23.39 -19.67 -4.26
C SER B 585 -22.07 -20.41 -4.36
N GLY B 586 -20.95 -19.67 -4.50
CA GLY B 586 -19.65 -20.31 -4.73
C GLY B 586 -19.30 -20.53 -6.22
N LEU B 587 -20.28 -20.40 -7.11
CA LEU B 587 -19.98 -20.44 -8.55
C LEU B 587 -20.09 -19.03 -9.12
N ASP B 588 -19.05 -18.22 -8.89
CA ASP B 588 -19.11 -16.77 -8.92
C ASP B 588 -19.90 -16.25 -10.12
N ASP B 589 -19.51 -16.68 -11.34
CA ASP B 589 -19.96 -16.04 -12.57
C ASP B 589 -20.71 -17.04 -13.46
N TYR B 590 -21.20 -18.14 -12.86
CA TYR B 590 -22.07 -19.05 -13.59
C TYR B 590 -23.28 -18.23 -14.01
N PRO B 591 -23.67 -18.26 -15.31
CA PRO B 591 -24.80 -17.46 -15.80
C PRO B 591 -26.08 -17.75 -15.00
N ARG B 592 -26.75 -16.67 -14.61
CA ARG B 592 -27.97 -16.70 -13.82
C ARG B 592 -29.04 -15.94 -14.58
N PRO B 593 -30.33 -15.90 -14.11
CA PRO B 593 -31.35 -15.08 -14.77
C PRO B 593 -30.94 -13.62 -14.91
N GLN B 594 -31.20 -13.03 -16.08
CA GLN B 594 -30.90 -11.64 -16.39
C GLN B 594 -32.23 -10.89 -16.53
N PRO B 595 -32.50 -9.82 -15.75
CA PRO B 595 -31.56 -9.31 -14.75
C PRO B 595 -31.77 -10.09 -13.46
N PRO B 596 -30.96 -9.87 -12.41
CA PRO B 596 -31.33 -10.38 -11.09
C PRO B 596 -32.68 -9.77 -10.75
N HIS B 597 -33.47 -10.47 -9.93
CA HIS B 597 -34.89 -10.18 -9.68
C HIS B 597 -35.25 -10.84 -8.36
N PRO B 598 -36.13 -10.22 -7.52
CA PRO B 598 -36.58 -10.83 -6.26
C PRO B 598 -37.39 -12.14 -6.44
N GLY B 599 -37.89 -12.38 -7.66
CA GLY B 599 -38.64 -13.59 -7.95
C GLY B 599 -37.78 -14.75 -8.48
N GLU B 600 -36.46 -14.56 -8.58
CA GLU B 600 -35.52 -15.61 -8.98
C GLU B 600 -35.66 -16.80 -8.01
N LEU B 601 -35.46 -18.02 -8.55
CA LEU B 601 -35.26 -19.19 -7.73
C LEU B 601 -34.01 -19.93 -8.19
N HIS B 602 -33.18 -20.34 -7.22
CA HIS B 602 -31.94 -21.05 -7.55
C HIS B 602 -32.03 -22.54 -7.20
N VAL B 603 -31.83 -23.40 -8.21
CA VAL B 603 -31.99 -24.85 -8.08
C VAL B 603 -30.83 -25.43 -7.28
N ASP B 604 -29.64 -24.82 -7.38
CA ASP B 604 -28.53 -25.31 -6.59
C ASP B 604 -28.79 -25.12 -5.09
N LEU B 605 -29.38 -23.96 -4.72
CA LEU B 605 -29.57 -23.66 -3.31
C LEU B 605 -30.66 -24.58 -2.74
N MET B 606 -31.70 -24.84 -3.55
CA MET B 606 -32.70 -25.83 -3.13
C MET B 606 -32.02 -27.19 -2.90
N SER B 607 -31.07 -27.55 -3.77
CA SER B 607 -30.38 -28.81 -3.64
C SER B 607 -29.61 -28.87 -2.30
N TRP B 608 -28.97 -27.77 -1.89
CA TRP B 608 -28.21 -27.78 -0.64
C TRP B 608 -29.14 -27.87 0.54
N VAL B 609 -30.34 -27.31 0.43
CA VAL B 609 -31.27 -27.46 1.54
C VAL B 609 -31.65 -28.93 1.66
N GLY B 610 -31.76 -29.62 0.50
CA GLY B 610 -32.02 -31.04 0.44
C GLY B 610 -30.93 -31.80 1.19
N VAL B 611 -29.67 -31.41 0.92
CA VAL B 611 -28.53 -32.06 1.56
C VAL B 611 -28.63 -31.93 3.09
N MET B 612 -28.98 -30.73 3.58
CA MET B 612 -28.96 -30.45 5.01
C MET B 612 -30.04 -31.28 5.69
N VAL B 613 -31.24 -31.29 5.07
CA VAL B 613 -32.39 -32.01 5.60
C VAL B 613 -32.09 -33.51 5.64
N LYS B 614 -31.43 -34.05 4.60
CA LYS B 614 -31.05 -35.46 4.63
C LYS B 614 -30.11 -35.75 5.80
N SER B 615 -29.12 -34.88 6.04
CA SER B 615 -28.20 -35.08 7.15
C SER B 615 -28.93 -35.00 8.48
N LEU B 616 -29.92 -34.10 8.58
CA LEU B 616 -30.58 -33.90 9.85
C LEU B 616 -31.49 -35.07 10.17
N ILE B 617 -32.11 -35.69 9.14
CA ILE B 617 -32.85 -36.94 9.31
C ILE B 617 -31.97 -38.02 9.97
N SER B 618 -30.73 -38.20 9.48
CA SER B 618 -29.80 -39.19 10.03
C SER B 618 -29.40 -38.86 11.45
N ILE B 619 -28.88 -37.65 11.67
CA ILE B 619 -28.28 -37.32 12.95
C ILE B 619 -29.39 -37.26 14.00
N GLY B 620 -30.54 -36.68 13.61
CA GLY B 620 -31.69 -36.60 14.47
C GLY B 620 -32.17 -37.99 14.85
N SER B 621 -32.17 -38.89 13.87
CA SER B 621 -32.67 -40.22 14.11
C SER B 621 -31.72 -40.99 15.05
N LEU B 622 -30.41 -40.81 14.89
CA LEU B 622 -29.41 -41.37 15.79
C LEU B 622 -29.54 -40.81 17.20
N LEU B 623 -30.09 -39.60 17.36
CA LEU B 623 -30.16 -39.01 18.68
C LEU B 623 -31.55 -39.21 19.28
N GLY B 624 -32.47 -39.81 18.49
CA GLY B 624 -33.84 -40.09 18.92
C GLY B 624 -34.70 -38.84 19.09
N ALA B 625 -34.42 -37.81 18.28
CA ALA B 625 -35.27 -36.63 18.20
C ALA B 625 -36.47 -36.90 17.27
N THR B 626 -37.43 -37.68 17.76
CA THR B 626 -38.49 -38.22 16.93
C THR B 626 -39.37 -37.08 16.41
N GLU B 627 -39.49 -36.02 17.22
CA GLU B 627 -40.27 -34.82 16.89
C GLU B 627 -39.72 -34.14 15.63
N ASP B 628 -38.39 -34.05 15.53
CA ASP B 628 -37.75 -33.31 14.45
C ASP B 628 -37.84 -34.12 13.16
N VAL B 629 -37.74 -35.46 13.27
CA VAL B 629 -37.67 -36.30 12.09
C VAL B 629 -38.95 -36.20 11.27
N GLU B 630 -40.11 -36.01 11.92
CA GLU B 630 -41.39 -35.84 11.24
C GLU B 630 -41.34 -34.60 10.34
N PHE B 631 -40.81 -33.51 10.89
CA PHE B 631 -40.77 -32.23 10.20
C PHE B 631 -39.78 -32.28 9.03
N TYR B 632 -38.60 -32.87 9.29
CA TYR B 632 -37.57 -33.06 8.29
C TYR B 632 -38.14 -33.83 7.09
N THR B 633 -38.95 -34.85 7.39
CA THR B 633 -39.52 -35.75 6.41
C THR B 633 -40.43 -34.98 5.46
N LYS B 634 -41.27 -34.11 6.02
CA LYS B 634 -42.16 -33.28 5.22
C LYS B 634 -41.36 -32.32 4.33
N VAL B 635 -40.32 -31.69 4.88
CA VAL B 635 -39.52 -30.75 4.10
C VAL B 635 -38.89 -31.50 2.91
N LEU B 636 -38.28 -32.67 3.16
CA LEU B 636 -37.57 -33.39 2.11
C LEU B 636 -38.55 -33.76 0.99
N ASP B 637 -39.70 -34.32 1.39
CA ASP B 637 -40.76 -34.65 0.46
C ASP B 637 -41.13 -33.44 -0.40
N ALA B 638 -41.30 -32.30 0.27
CA ALA B 638 -41.69 -31.06 -0.39
C ALA B 638 -40.62 -30.61 -1.40
N ILE B 639 -39.34 -30.70 -1.00
CA ILE B 639 -38.26 -30.32 -1.90
C ILE B 639 -38.24 -31.24 -3.13
N GLU B 640 -38.54 -32.53 -2.95
CA GLU B 640 -38.39 -33.49 -4.04
C GLU B 640 -39.40 -33.16 -5.13
N HIS B 641 -40.63 -32.85 -4.73
CA HIS B 641 -41.66 -32.39 -5.68
C HIS B 641 -41.30 -31.02 -6.28
N ASN B 642 -40.84 -30.05 -5.46
CA ASN B 642 -40.71 -28.66 -5.88
C ASN B 642 -39.58 -28.49 -6.90
N LEU B 643 -38.53 -29.29 -6.78
CA LEU B 643 -37.48 -29.36 -7.79
C LEU B 643 -38.10 -29.67 -9.15
N ASP B 644 -39.10 -30.57 -9.16
CA ASP B 644 -39.77 -30.92 -10.39
C ASP B 644 -40.60 -29.74 -10.90
N ASP B 645 -41.54 -29.25 -10.07
CA ASP B 645 -42.50 -28.22 -10.45
C ASP B 645 -41.81 -26.91 -10.85
N LEU B 646 -40.77 -26.50 -10.12
CA LEU B 646 -40.18 -25.17 -10.23
C LEU B 646 -38.93 -25.15 -11.10
N HIS B 647 -38.19 -26.27 -11.23
CA HIS B 647 -36.88 -26.17 -11.85
C HIS B 647 -36.69 -27.12 -13.03
N TRP B 648 -37.53 -28.15 -13.13
CA TRP B 648 -37.31 -29.12 -14.17
C TRP B 648 -37.86 -28.58 -15.49
N SER B 649 -37.04 -28.69 -16.54
CA SER B 649 -37.41 -28.27 -17.88
C SER B 649 -37.49 -29.50 -18.78
N GLU B 650 -38.71 -29.88 -19.16
CA GLU B 650 -38.89 -30.96 -20.11
C GLU B 650 -38.27 -30.62 -21.47
N LYS B 651 -38.47 -29.39 -21.94
CA LYS B 651 -37.81 -28.99 -23.18
C LYS B 651 -36.31 -29.33 -23.14
N GLU B 652 -35.57 -28.83 -22.13
CA GLU B 652 -34.11 -28.86 -22.19
C GLU B 652 -33.55 -30.16 -21.61
N GLY B 653 -34.34 -30.87 -20.81
CA GLY B 653 -33.91 -32.15 -20.27
C GLY B 653 -32.88 -32.00 -19.15
N CYS B 654 -33.01 -30.89 -18.39
N CYS B 654 -33.01 -30.90 -18.38
CA CYS B 654 -32.17 -30.64 -17.23
CA CYS B 654 -32.20 -30.71 -17.19
C CYS B 654 -32.92 -29.74 -16.25
C CYS B 654 -32.91 -29.73 -16.26
N TYR B 655 -32.28 -29.48 -15.10
CA TYR B 655 -32.81 -28.53 -14.14
C TYR B 655 -32.28 -27.15 -14.49
N CYS B 656 -33.07 -26.12 -14.12
CA CYS B 656 -32.79 -24.73 -14.46
C CYS B 656 -33.13 -23.84 -13.27
N ASP B 657 -32.43 -22.71 -13.14
CA ASP B 657 -32.87 -21.62 -12.28
C ASP B 657 -34.19 -21.05 -12.84
N ALA B 658 -34.94 -20.33 -12.00
CA ALA B 658 -36.19 -19.74 -12.46
C ALA B 658 -36.19 -18.24 -12.17
N THR B 659 -37.06 -17.52 -12.88
CA THR B 659 -37.20 -16.11 -12.62
C THR B 659 -38.66 -15.72 -12.81
N ILE B 660 -38.97 -14.47 -12.44
CA ILE B 660 -40.17 -13.80 -12.87
C ILE B 660 -39.76 -12.84 -13.98
N ASP B 661 -40.33 -13.03 -15.18
CA ASP B 661 -39.87 -12.28 -16.35
C ASP B 661 -40.56 -10.92 -16.40
N GLU B 662 -40.32 -10.18 -17.50
CA GLU B 662 -40.80 -8.82 -17.64
C GLU B 662 -42.33 -8.78 -17.73
N PHE B 663 -42.96 -9.91 -18.10
CA PHE B 663 -44.40 -10.00 -18.24
C PHE B 663 -45.06 -10.58 -16.98
N GLU B 664 -44.32 -10.54 -15.85
CA GLU B 664 -44.71 -11.11 -14.56
C GLU B 664 -44.97 -12.62 -14.63
N GLU B 665 -44.26 -13.35 -15.51
CA GLU B 665 -44.50 -14.79 -15.63
C GLU B 665 -43.32 -15.61 -15.11
N HIS B 666 -43.66 -16.80 -14.57
CA HIS B 666 -42.69 -17.83 -14.23
C HIS B 666 -42.00 -18.35 -15.50
N LYS B 667 -40.68 -18.22 -15.53
CA LYS B 667 -39.88 -18.60 -16.69
C LYS B 667 -38.62 -19.32 -16.21
N LEU B 668 -38.32 -20.44 -16.86
CA LEU B 668 -37.10 -21.18 -16.61
C LEU B 668 -35.99 -20.56 -17.45
N VAL B 669 -34.80 -20.47 -16.87
CA VAL B 669 -33.62 -19.96 -17.56
C VAL B 669 -32.56 -21.07 -17.58
N CYS B 670 -32.37 -21.66 -18.75
CA CYS B 670 -31.58 -22.87 -18.85
C CYS B 670 -30.20 -22.53 -19.39
N HIS B 671 -29.21 -22.86 -18.57
CA HIS B 671 -27.80 -22.79 -18.96
C HIS B 671 -27.14 -24.11 -18.59
N LYS B 672 -27.04 -25.00 -19.57
CA LYS B 672 -26.60 -26.36 -19.34
C LYS B 672 -25.15 -26.34 -18.84
N GLY B 673 -24.95 -26.93 -17.65
CA GLY B 673 -23.70 -26.78 -16.93
C GLY B 673 -23.82 -27.40 -15.54
N TYR B 674 -22.88 -27.07 -14.64
CA TYR B 674 -22.88 -27.65 -13.31
C TYR B 674 -24.25 -27.46 -12.66
N ILE B 675 -24.76 -26.22 -12.70
CA ILE B 675 -25.99 -25.90 -12.00
C ILE B 675 -27.11 -26.85 -12.42
N SER B 676 -27.16 -27.17 -13.72
CA SER B 676 -28.19 -28.02 -14.33
C SER B 676 -28.25 -29.41 -13.70
N LEU B 677 -27.14 -29.85 -13.10
CA LEU B 677 -27.01 -31.21 -12.60
C LEU B 677 -27.18 -31.26 -11.08
N PHE B 678 -27.52 -30.12 -10.45
CA PHE B 678 -27.36 -29.99 -9.01
C PHE B 678 -28.09 -31.04 -8.17
N PRO B 679 -29.40 -31.31 -8.43
CA PRO B 679 -30.11 -32.38 -7.71
C PRO B 679 -29.40 -33.73 -7.81
N PHE B 680 -28.75 -33.99 -8.96
CA PHE B 680 -27.97 -35.21 -9.11
C PHE B 680 -26.70 -35.17 -8.24
N LEU B 681 -25.90 -34.10 -8.35
CA LEU B 681 -24.63 -33.97 -7.65
C LEU B 681 -24.80 -34.06 -6.12
N THR B 682 -25.97 -33.68 -5.61
CA THR B 682 -26.13 -33.61 -4.18
C THR B 682 -26.86 -34.85 -3.70
N GLY B 683 -27.17 -35.74 -4.65
CA GLY B 683 -27.66 -37.06 -4.30
C GLY B 683 -29.15 -37.08 -3.96
N LEU B 684 -29.97 -36.24 -4.62
CA LEU B 684 -31.38 -36.19 -4.28
C LEU B 684 -32.22 -37.08 -5.19
N LEU B 685 -31.66 -37.65 -6.25
CA LEU B 685 -32.45 -38.42 -7.21
C LEU B 685 -32.41 -39.91 -6.88
N LYS B 686 -33.59 -40.54 -6.89
CA LYS B 686 -33.72 -41.99 -6.80
C LYS B 686 -33.14 -42.63 -8.07
N PRO B 687 -32.48 -43.82 -7.99
CA PRO B 687 -31.93 -44.49 -9.18
C PRO B 687 -32.93 -44.90 -10.29
N ASP B 688 -34.24 -44.75 -10.04
CA ASP B 688 -35.24 -45.09 -11.04
C ASP B 688 -35.85 -43.83 -11.67
N SER B 689 -35.29 -42.63 -11.36
CA SER B 689 -35.82 -41.37 -11.89
C SER B 689 -35.55 -41.23 -13.40
N PRO B 690 -36.56 -40.94 -14.24
CA PRO B 690 -36.30 -40.65 -15.65
C PRO B 690 -35.51 -39.35 -15.80
N LYS B 691 -35.66 -38.45 -14.83
CA LYS B 691 -34.89 -37.22 -14.84
C LYS B 691 -33.41 -37.56 -14.72
N LEU B 692 -33.10 -38.53 -13.86
CA LEU B 692 -31.74 -39.01 -13.68
C LEU B 692 -31.11 -39.43 -15.01
N GLY B 693 -31.86 -40.18 -15.81
CA GLY B 693 -31.37 -40.71 -17.08
C GLY B 693 -31.04 -39.60 -18.07
N LYS B 694 -31.90 -38.58 -18.08
CA LYS B 694 -31.69 -37.43 -18.96
C LYS B 694 -30.41 -36.70 -18.57
N LEU B 695 -30.18 -36.52 -17.25
CA LEU B 695 -28.97 -35.88 -16.75
C LEU B 695 -27.72 -36.70 -17.12
N LEU B 696 -27.82 -38.02 -17.06
CA LEU B 696 -26.73 -38.88 -17.48
C LEU B 696 -26.40 -38.68 -18.96
N ALA B 697 -27.44 -38.55 -19.79
CA ALA B 697 -27.22 -38.34 -21.23
C ALA B 697 -26.39 -37.07 -21.43
N LEU B 698 -26.80 -35.98 -20.73
CA LEU B 698 -26.15 -34.69 -20.89
C LEU B 698 -24.71 -34.75 -20.37
N ILE B 699 -24.50 -35.43 -19.22
CA ILE B 699 -23.20 -35.52 -18.58
C ILE B 699 -22.20 -36.17 -19.54
N GLY B 700 -22.66 -37.14 -20.32
CA GLY B 700 -21.76 -37.97 -21.12
C GLY B 700 -21.72 -37.51 -22.58
N ASP B 701 -22.35 -36.36 -22.85
CA ASP B 701 -22.43 -35.79 -24.18
C ASP B 701 -21.20 -34.89 -24.42
N GLU B 702 -20.34 -35.33 -25.35
CA GLU B 702 -19.05 -34.70 -25.66
C GLU B 702 -19.29 -33.33 -26.27
N SER B 703 -20.48 -33.11 -26.85
CA SER B 703 -20.78 -31.82 -27.45
C SER B 703 -21.22 -30.81 -26.39
N GLU B 704 -21.49 -31.29 -25.15
CA GLU B 704 -21.99 -30.40 -24.11
C GLU B 704 -20.97 -30.31 -22.99
N LEU B 705 -20.96 -31.31 -22.09
CA LEU B 705 -20.32 -31.20 -20.79
C LEU B 705 -19.07 -32.08 -20.71
N TRP B 706 -19.01 -33.12 -21.56
CA TRP B 706 -17.96 -34.13 -21.48
C TRP B 706 -16.74 -33.73 -22.30
N SER B 707 -15.67 -33.37 -21.60
CA SER B 707 -14.38 -33.10 -22.21
C SER B 707 -13.45 -34.30 -22.00
N PRO B 708 -12.32 -34.41 -22.74
CA PRO B 708 -11.30 -35.39 -22.40
C PRO B 708 -10.70 -35.24 -20.99
N TYR B 709 -10.97 -34.12 -20.31
CA TYR B 709 -10.26 -33.82 -19.06
C TYR B 709 -11.24 -33.70 -17.89
N GLY B 710 -12.51 -34.00 -18.16
CA GLY B 710 -13.52 -34.00 -17.11
C GLY B 710 -14.69 -33.12 -17.53
N LEU B 711 -15.64 -32.93 -16.60
CA LEU B 711 -16.85 -32.20 -16.96
C LEU B 711 -16.58 -30.69 -16.97
N ARG B 712 -16.99 -30.07 -18.09
CA ARG B 712 -17.00 -28.64 -18.29
C ARG B 712 -18.05 -28.01 -17.36
N SER B 713 -17.72 -26.83 -16.83
CA SER B 713 -18.60 -26.14 -15.89
C SER B 713 -19.84 -25.58 -16.59
N LEU B 714 -19.71 -25.29 -17.88
CA LEU B 714 -20.78 -24.74 -18.71
C LEU B 714 -20.67 -25.38 -20.08
N SER B 715 -21.81 -25.66 -20.71
CA SER B 715 -21.79 -26.44 -21.94
C SER B 715 -21.18 -25.63 -23.10
N LYS B 716 -20.48 -26.34 -23.99
CA LYS B 716 -19.98 -25.78 -25.25
C LYS B 716 -21.10 -25.08 -26.03
N LYS B 717 -22.34 -25.57 -25.92
CA LYS B 717 -23.46 -25.05 -26.70
C LYS B 717 -24.09 -23.81 -26.05
N ASP B 718 -23.72 -23.49 -24.80
CA ASP B 718 -24.33 -22.37 -24.08
C ASP B 718 -23.87 -21.06 -24.71
N GLU B 719 -24.75 -20.07 -24.74
CA GLU B 719 -24.37 -18.80 -25.33
C GLU B 719 -23.28 -18.11 -24.51
N PHE B 720 -23.18 -18.42 -23.20
CA PHE B 720 -22.20 -17.76 -22.35
C PHE B 720 -20.90 -18.55 -22.24
N TYR B 721 -20.77 -19.65 -23.00
CA TYR B 721 -19.57 -20.46 -22.99
C TYR B 721 -18.35 -19.59 -23.30
N GLY B 722 -17.38 -19.59 -22.36
CA GLY B 722 -16.06 -19.01 -22.56
C GLY B 722 -16.00 -17.49 -22.40
N THR B 723 -17.13 -16.85 -22.07
CA THR B 723 -17.20 -15.39 -22.07
C THR B 723 -16.72 -14.80 -20.75
N ALA B 724 -16.50 -13.49 -20.77
CA ALA B 724 -16.16 -12.65 -19.61
C ALA B 724 -14.92 -13.19 -18.91
N GLU B 725 -14.98 -13.32 -17.57
CA GLU B 725 -13.82 -13.79 -16.84
C GLU B 725 -13.67 -15.30 -17.02
N ASN B 726 -14.68 -15.96 -17.61
CA ASN B 726 -14.59 -17.37 -17.96
C ASN B 726 -14.11 -18.22 -16.78
N TYR B 727 -14.71 -18.00 -15.61
CA TYR B 727 -14.22 -18.60 -14.38
C TYR B 727 -15.01 -19.89 -14.13
N TRP B 728 -16.34 -19.79 -14.17
CA TRP B 728 -17.20 -20.96 -14.13
C TRP B 728 -17.97 -21.11 -15.43
N ARG B 729 -17.37 -20.66 -16.55
CA ARG B 729 -18.07 -20.64 -17.83
C ARG B 729 -17.43 -21.55 -18.87
N SER B 730 -16.73 -22.62 -18.42
CA SER B 730 -16.23 -23.68 -19.30
C SER B 730 -15.27 -24.60 -18.54
N PRO B 731 -14.39 -24.08 -17.64
CA PRO B 731 -13.27 -24.88 -17.14
C PRO B 731 -13.74 -26.07 -16.28
N VAL B 732 -12.81 -27.01 -16.07
CA VAL B 732 -13.04 -28.19 -15.26
C VAL B 732 -12.63 -27.89 -13.81
N TRP B 733 -13.56 -28.10 -12.86
CA TRP B 733 -13.34 -27.88 -11.44
C TRP B 733 -13.43 -29.21 -10.69
N ILE B 734 -12.43 -29.48 -9.85
CA ILE B 734 -12.27 -30.80 -9.21
C ILE B 734 -13.37 -31.04 -8.17
N ASN B 735 -13.81 -30.01 -7.43
CA ASN B 735 -14.79 -30.23 -6.37
C ASN B 735 -16.13 -30.73 -6.94
N ILE B 736 -16.61 -30.11 -8.02
CA ILE B 736 -17.88 -30.46 -8.59
C ILE B 736 -17.77 -31.81 -9.30
N ASN B 737 -16.60 -32.05 -9.93
CA ASN B 737 -16.33 -33.30 -10.62
C ASN B 737 -16.30 -34.44 -9.60
N TYR B 738 -15.69 -34.18 -8.44
CA TYR B 738 -15.75 -35.11 -7.31
C TYR B 738 -17.18 -35.51 -6.96
N LEU B 739 -18.08 -34.54 -6.81
CA LEU B 739 -19.47 -34.88 -6.48
C LEU B 739 -20.06 -35.76 -7.58
N ALA B 740 -19.73 -35.47 -8.85
CA ALA B 740 -20.29 -36.21 -9.98
C ALA B 740 -19.79 -37.65 -9.91
N ILE B 741 -18.48 -37.81 -9.64
CA ILE B 741 -17.86 -39.12 -9.57
C ILE B 741 -18.52 -39.93 -8.44
N VAL B 742 -18.64 -39.31 -7.24
CA VAL B 742 -19.23 -40.02 -6.12
C VAL B 742 -20.64 -40.51 -6.49
N GLN B 743 -21.44 -39.68 -7.15
CA GLN B 743 -22.85 -40.00 -7.36
C GLN B 743 -22.98 -41.02 -8.48
N LEU B 744 -22.07 -40.96 -9.48
CA LEU B 744 -22.03 -41.97 -10.52
C LEU B 744 -21.74 -43.34 -9.89
N TYR B 745 -20.84 -43.37 -8.91
CA TYR B 745 -20.48 -44.61 -8.23
C TYR B 745 -21.70 -45.21 -7.52
N ASN B 746 -22.50 -44.33 -6.91
CA ASN B 746 -23.69 -44.75 -6.18
C ASN B 746 -24.73 -45.35 -7.13
N ILE B 747 -24.92 -44.77 -8.32
CA ILE B 747 -25.88 -45.34 -9.26
C ILE B 747 -25.36 -46.68 -9.82
N ALA B 748 -24.05 -46.82 -9.94
CA ALA B 748 -23.43 -47.97 -10.61
C ALA B 748 -23.42 -49.20 -9.72
N THR B 749 -23.78 -49.03 -8.44
CA THR B 749 -23.61 -50.09 -7.46
C THR B 749 -24.98 -50.45 -6.88
N GLN B 750 -26.04 -50.14 -7.64
CA GLN B 750 -27.36 -50.60 -7.24
C GLN B 750 -28.20 -50.89 -8.48
N ASP B 751 -29.32 -51.58 -8.26
CA ASP B 751 -30.19 -52.10 -9.29
C ASP B 751 -30.92 -50.92 -9.93
N GLY B 752 -30.84 -50.84 -11.25
CA GLY B 752 -31.77 -49.94 -11.92
C GLY B 752 -31.49 -49.83 -13.41
N PRO B 753 -32.36 -49.12 -14.15
CA PRO B 753 -32.20 -48.93 -15.58
C PRO B 753 -30.87 -48.25 -15.95
N TYR B 754 -30.30 -47.45 -15.02
CA TYR B 754 -29.14 -46.61 -15.38
C TYR B 754 -27.83 -47.13 -14.78
N LYS B 755 -27.84 -48.35 -14.25
CA LYS B 755 -26.69 -48.93 -13.58
C LYS B 755 -25.46 -48.95 -14.52
N GLU B 756 -25.63 -49.57 -15.70
CA GLU B 756 -24.56 -49.73 -16.66
C GLU B 756 -24.08 -48.36 -17.15
N THR B 757 -25.04 -47.47 -17.44
CA THR B 757 -24.69 -46.12 -17.90
C THR B 757 -23.79 -45.42 -16.90
N ALA B 758 -24.16 -45.50 -15.62
CA ALA B 758 -23.39 -44.87 -14.56
C ALA B 758 -22.01 -45.52 -14.43
N ARG B 759 -21.93 -46.86 -14.54
CA ARG B 759 -20.68 -47.61 -14.37
C ARG B 759 -19.66 -47.15 -15.43
N ASP B 760 -20.12 -47.04 -16.68
CA ASP B 760 -19.27 -46.60 -17.78
C ASP B 760 -18.77 -45.19 -17.49
N LEU B 761 -19.71 -44.29 -17.16
CA LEU B 761 -19.34 -42.89 -16.94
C LEU B 761 -18.41 -42.76 -15.71
N TYR B 762 -18.75 -43.46 -14.61
CA TYR B 762 -17.91 -43.41 -13.43
C TYR B 762 -16.48 -43.77 -13.81
N THR B 763 -16.30 -44.89 -14.52
CA THR B 763 -14.96 -45.39 -14.84
C THR B 763 -14.22 -44.35 -15.66
N ARG B 764 -14.91 -43.74 -16.64
CA ARG B 764 -14.16 -42.87 -17.54
C ARG B 764 -13.89 -41.54 -16.87
N LEU B 765 -14.85 -41.02 -16.10
CA LEU B 765 -14.62 -39.72 -15.48
C LEU B 765 -13.53 -39.86 -14.41
N ARG B 766 -13.57 -40.93 -13.63
CA ARG B 766 -12.50 -41.18 -12.68
C ARG B 766 -11.16 -41.10 -13.41
N LYS B 767 -10.99 -41.83 -14.53
CA LYS B 767 -9.71 -41.90 -15.24
C LYS B 767 -9.31 -40.51 -15.78
N ASN B 768 -10.26 -39.78 -16.35
CA ASN B 768 -9.97 -38.46 -16.91
C ASN B 768 -9.51 -37.48 -15.82
N ILE B 769 -10.26 -37.41 -14.70
CA ILE B 769 -9.96 -36.45 -13.66
C ILE B 769 -8.57 -36.70 -13.11
N VAL B 770 -8.31 -37.93 -12.70
CA VAL B 770 -7.05 -38.27 -12.07
C VAL B 770 -5.88 -37.95 -13.02
N GLU B 771 -6.03 -38.32 -14.29
CA GLU B 771 -4.98 -38.13 -15.28
C GLU B 771 -4.66 -36.63 -15.44
N THR B 772 -5.69 -35.79 -15.46
CA THR B 772 -5.53 -34.38 -15.72
C THR B 772 -4.76 -33.72 -14.58
N VAL B 773 -5.16 -34.06 -13.35
CA VAL B 773 -4.51 -33.49 -12.18
C VAL B 773 -3.11 -34.09 -12.05
N TYR B 774 -2.96 -35.39 -12.37
CA TYR B 774 -1.65 -36.04 -12.30
C TYR B 774 -0.69 -35.45 -13.34
N ARG B 775 -1.13 -35.34 -14.61
CA ARG B 775 -0.23 -34.98 -15.71
C ARG B 775 0.33 -33.58 -15.45
N ASN B 776 -0.51 -32.69 -14.92
CA ASN B 776 -0.14 -31.32 -14.60
C ASN B 776 0.80 -31.27 -13.39
N TRP B 777 0.58 -32.16 -12.42
CA TRP B 777 1.44 -32.18 -11.25
C TRP B 777 2.83 -32.68 -11.66
N GLU B 778 2.90 -33.65 -12.56
CA GLU B 778 4.16 -34.13 -13.10
C GLU B 778 4.90 -32.99 -13.81
N GLU B 779 4.16 -32.25 -14.67
CA GLU B 779 4.78 -31.23 -15.51
C GLU B 779 5.23 -30.02 -14.70
N THR B 780 4.41 -29.57 -13.73
CA THR B 780 4.53 -28.21 -13.22
C THR B 780 4.81 -28.18 -11.71
N GLY B 781 4.53 -29.30 -11.02
CA GLY B 781 4.75 -29.45 -9.58
C GLY B 781 3.58 -28.95 -8.74
N PHE B 782 2.52 -28.47 -9.42
CA PHE B 782 1.43 -27.75 -8.77
C PHE B 782 0.08 -28.47 -8.97
N ALA B 783 -0.73 -28.39 -7.91
CA ALA B 783 -2.18 -28.52 -7.98
C ALA B 783 -2.77 -27.17 -8.42
N TRP B 784 -3.76 -27.22 -9.33
CA TRP B 784 -4.32 -25.99 -9.87
C TRP B 784 -5.77 -25.82 -9.43
N GLU B 785 -6.19 -24.55 -9.35
CA GLU B 785 -7.54 -24.16 -9.01
C GLU B 785 -8.55 -24.81 -9.98
N GLN B 786 -8.17 -24.92 -11.27
CA GLN B 786 -9.06 -25.41 -12.34
C GLN B 786 -8.25 -25.76 -13.59
N TYR B 787 -8.91 -26.40 -14.56
CA TYR B 787 -8.24 -27.07 -15.66
C TYR B 787 -8.97 -26.75 -16.97
N ASN B 788 -8.17 -26.49 -18.01
CA ASN B 788 -8.63 -26.13 -19.32
C ASN B 788 -9.34 -27.32 -19.97
N PRO B 789 -10.59 -27.19 -20.45
CA PRO B 789 -11.31 -28.32 -21.05
C PRO B 789 -10.90 -28.68 -22.48
N GLU B 790 -10.08 -27.82 -23.11
CA GLU B 790 -9.59 -28.04 -24.47
C GLU B 790 -8.21 -28.68 -24.47
N THR B 791 -7.31 -28.22 -23.58
CA THR B 791 -5.94 -28.70 -23.55
C THR B 791 -5.68 -29.51 -22.28
N GLY B 792 -6.50 -29.28 -21.24
CA GLY B 792 -6.32 -29.95 -19.96
C GLY B 792 -5.27 -29.28 -19.08
N LYS B 793 -4.82 -28.07 -19.44
CA LYS B 793 -3.76 -27.41 -18.68
C LYS B 793 -4.31 -26.79 -17.38
N GLY B 794 -3.58 -27.06 -16.28
CA GLY B 794 -3.76 -26.32 -15.03
C GLY B 794 -3.78 -24.83 -15.34
N GLN B 795 -4.76 -24.12 -14.77
CA GLN B 795 -5.03 -22.72 -15.09
C GLN B 795 -5.36 -21.95 -13.81
N ARG B 796 -5.36 -20.61 -13.86
CA ARG B 796 -5.61 -19.76 -12.69
C ARG B 796 -4.52 -20.02 -11.62
N THR B 797 -4.91 -20.08 -10.33
CA THR B 797 -3.94 -20.04 -9.24
C THR B 797 -3.37 -21.43 -8.91
N GLN B 798 -2.09 -21.45 -8.51
CA GLN B 798 -1.34 -22.65 -8.15
C GLN B 798 -1.42 -22.89 -6.64
N HIS B 799 -0.85 -24.00 -6.20
CA HIS B 799 -0.88 -24.44 -4.81
C HIS B 799 -2.32 -24.56 -4.31
N PHE B 800 -3.22 -25.03 -5.17
CA PHE B 800 -4.63 -25.02 -4.79
C PHE B 800 -4.98 -26.30 -4.04
N THR B 801 -4.55 -26.39 -2.77
CA THR B 801 -4.83 -27.56 -1.98
C THR B 801 -5.45 -27.14 -0.64
N GLY B 802 -6.73 -26.73 -0.65
CA GLY B 802 -7.52 -26.61 -1.86
C GLY B 802 -8.21 -27.93 -2.16
N TRP B 803 -9.45 -27.84 -2.65
CA TRP B 803 -10.23 -29.03 -2.88
C TRP B 803 -9.67 -29.85 -4.04
N THR B 804 -8.68 -29.32 -4.79
CA THR B 804 -8.10 -30.12 -5.86
C THR B 804 -7.50 -31.42 -5.30
N SER B 805 -7.10 -31.38 -4.01
CA SER B 805 -6.60 -32.55 -3.29
C SER B 805 -7.61 -33.69 -3.22
N LEU B 806 -8.87 -33.43 -3.58
CA LEU B 806 -9.89 -34.48 -3.57
C LEU B 806 -9.46 -35.66 -4.47
N VAL B 807 -8.54 -35.41 -5.41
CA VAL B 807 -8.02 -36.47 -6.26
C VAL B 807 -7.54 -37.68 -5.44
N VAL B 808 -7.01 -37.44 -4.22
CA VAL B 808 -6.55 -38.56 -3.40
C VAL B 808 -7.70 -39.53 -3.14
N LYS B 809 -8.91 -39.01 -2.92
CA LYS B 809 -10.05 -39.88 -2.65
C LYS B 809 -10.60 -40.46 -3.96
N ILE B 810 -10.40 -39.75 -5.08
CA ILE B 810 -10.86 -40.29 -6.35
C ILE B 810 -10.07 -41.55 -6.70
N MET B 811 -8.77 -41.56 -6.32
CA MET B 811 -7.90 -42.70 -6.60
C MET B 811 -8.20 -43.88 -5.66
N SER B 812 -8.66 -43.59 -4.43
CA SER B 812 -8.87 -44.59 -3.38
C SER B 812 -10.13 -45.43 -3.57
N GLY B 813 -11.17 -44.84 -4.17
CA GLY B 813 -12.44 -45.55 -4.35
C GLY B 813 -13.40 -45.32 -3.18
N HIS B 814 -14.64 -45.83 -3.31
CA HIS B 814 -15.62 -45.67 -2.25
C HIS B 814 -15.94 -47.04 -1.65
#